data_5MHS
#
_entry.id   5MHS
#
_cell.length_a   223.610
_cell.length_b   129.080
_cell.length_c   87.860
_cell.angle_alpha   90.00
_cell.angle_beta   101.24
_cell.angle_gamma   90.00
#
_symmetry.space_group_name_H-M   'C 1 2 1'
#
loop_
_entity.id
_entity.type
_entity.pdbx_description
1 polymer 'Outer capsid protein sigma-1'
2 polymer '5C6 Fab light chain'
3 polymer '5C6 Fab heavy chain'
#
loop_
_entity_poly.entity_id
_entity_poly.type
_entity_poly.pdbx_seq_one_letter_code
_entity_poly.pdbx_strand_id
1 'polypeptide(L)'
;GVLNQGVTSLPTYRYPLELDTANNRVQVADRFGMRTGTWTGQLQYQHPQLSWRANVTLNLMKVDDWLVLSFSQMTTNSIM
ADGKFVINFVSGLSSGWQTGDTEPSSTIDPLSTTFAAVQFLNNGQRIDAFRIMGVSEWTDGELEIKNYGGTYTGHTQVYW
APWTIMYPCNVR
;
A,B,C
2 'polypeptide(L)'
;DIVLTQSPASLAVSLGQRATISCRASKSVSTSGYSYMQWYQQKPGQPPKLLIYLASNLESGVPVRFSGSGSGTDFTLNIH
PVEEEDAAIYYCQHSRELPPTFGAGTKLELKADAAPTVSIFPPSSEQLTSGGASVVCFLNNFYPKDINVKWKIDGSERQN
GVLNSWTDQDSKDSTYSMSSTLTLTKDEYERHNSYTCEATHKTSTSPIVKSFNRNEC
;
D,F,G
3 'polypeptide(L)'
;QVQLKQSGPGLVQPSQSLSITCTVSGFSLTNYAIHWVRQSPGKGLEWLGVIWSGGSTDYNAAFISRLSISKDNFKSQVFF
KMNSLQSNDTAIYYCARKEELYGYDGYLFFDVWGAGTTVTVSSAKTTAPSVYPLVPVCGGTTGSSVTLGCLVKGYFPEPV
TLTWNSGSLSSGVHTFPALLQSGLYTLSSSVTVTSNTWPSQTITCNVAHPASSTKVDKKIE
;
E,H,N
#
# COMPACT_ATOMS: atom_id res chain seq x y z
N LEU A 10 16.36 39.17 14.44
CA LEU A 10 15.10 39.22 15.19
C LEU A 10 14.23 37.95 15.06
N PRO A 11 14.06 37.42 13.85
CA PRO A 11 13.23 36.21 13.70
C PRO A 11 14.03 34.92 13.88
N THR A 12 13.30 33.85 14.17
CA THR A 12 13.87 32.53 14.30
C THR A 12 13.73 31.77 12.98
N TYR A 13 14.24 30.55 12.95
CA TYR A 13 14.30 29.78 11.70
C TYR A 13 13.89 28.34 11.96
N ARG A 14 12.99 27.82 11.12
CA ARG A 14 12.53 26.45 11.21
C ARG A 14 13.31 25.58 10.24
N TYR A 15 13.58 24.34 10.65
CA TYR A 15 14.26 23.35 9.82
C TYR A 15 13.61 23.24 8.43
N PRO A 16 14.43 23.10 7.37
CA PRO A 16 15.89 22.94 7.37
C PRO A 16 16.68 24.23 7.50
N LEU A 17 16.02 25.36 7.74
CA LEU A 17 16.74 26.61 7.98
C LEU A 17 17.18 26.69 9.43
N GLU A 18 18.43 27.10 9.64
CA GLU A 18 19.01 27.18 10.97
C GLU A 18 19.97 28.35 11.02
N LEU A 19 20.14 28.91 12.22
CA LEU A 19 21.03 30.04 12.44
C LEU A 19 22.32 29.57 13.10
N ASP A 20 23.43 29.72 12.37
CA ASP A 20 24.76 29.38 12.90
C ASP A 20 25.24 30.55 13.75
N THR A 21 24.99 30.46 15.06
CA THR A 21 25.35 31.54 15.97
C THR A 21 26.85 31.76 16.01
N ALA A 22 27.65 30.73 15.69
CA ALA A 22 29.09 30.87 15.73
C ALA A 22 29.58 31.92 14.74
N ASN A 23 28.97 31.96 13.55
CA ASN A 23 29.35 32.93 12.52
C ASN A 23 28.25 33.94 12.23
N ASN A 24 27.16 33.90 13.00
CA ASN A 24 25.99 34.75 12.79
C ASN A 24 25.54 34.68 11.34
N ARG A 25 25.29 33.44 10.90
CA ARG A 25 24.93 33.15 9.52
C ARG A 25 23.80 32.14 9.51
N VAL A 26 22.81 32.36 8.66
CA VAL A 26 21.71 31.41 8.50
C VAL A 26 22.01 30.55 7.28
N GLN A 27 21.74 29.25 7.41
CA GLN A 27 22.09 28.30 6.36
C GLN A 27 21.07 27.17 6.34
N VAL A 28 21.14 26.37 5.28
CA VAL A 28 20.38 25.13 5.18
C VAL A 28 21.17 24.04 5.87
N ALA A 29 20.48 23.24 6.69
CA ALA A 29 21.15 22.18 7.45
C ALA A 29 21.84 21.21 6.52
N ASP A 30 23.02 20.74 6.94
CA ASP A 30 23.80 19.82 6.11
C ASP A 30 23.08 18.49 5.94
N ARG A 31 22.43 18.01 7.00
CA ARG A 31 21.76 16.71 6.94
C ARG A 31 20.58 16.74 5.97
N PHE A 32 20.00 17.92 5.72
CA PHE A 32 18.92 18.03 4.75
C PHE A 32 19.37 17.53 3.39
N GLY A 33 20.64 17.78 3.03
CA GLY A 33 21.13 17.33 1.75
C GLY A 33 21.38 15.84 1.66
N MET A 34 21.79 15.22 2.75
CA MET A 34 22.07 13.78 2.74
C MET A 34 22.01 13.27 4.17
N ARG A 35 21.18 12.26 4.40
CA ARG A 35 21.07 11.60 5.70
C ARG A 35 20.97 10.11 5.44
N THR A 36 22.03 9.37 5.73
CA THR A 36 22.09 7.96 5.39
C THR A 36 21.61 7.11 6.57
N GLY A 37 21.27 5.87 6.25
CA GLY A 37 20.81 4.93 7.27
C GLY A 37 20.58 3.57 6.64
N THR A 38 20.20 2.62 7.48
CA THR A 38 19.96 1.26 7.04
C THR A 38 18.74 0.71 7.77
N TRP A 39 18.00 -0.13 7.07
CA TRP A 39 16.90 -0.88 7.66
C TRP A 39 17.24 -2.37 7.58
N THR A 40 17.27 -3.02 8.73
CA THR A 40 17.55 -4.45 8.82
C THR A 40 16.28 -5.18 9.25
N GLY A 41 15.88 -6.17 8.46
CA GLY A 41 14.65 -6.89 8.76
C GLY A 41 14.35 -7.90 7.68
N GLN A 42 13.12 -8.41 7.72
CA GLN A 42 12.67 -9.44 6.78
C GLN A 42 11.80 -8.80 5.71
N LEU A 43 12.17 -9.00 4.45
CA LEU A 43 11.39 -8.50 3.33
C LEU A 43 10.23 -9.46 3.06
N GLN A 44 9.01 -8.95 3.13
CA GLN A 44 7.81 -9.76 3.02
C GLN A 44 7.23 -9.66 1.62
N TYR A 45 7.15 -10.80 0.93
CA TYR A 45 6.47 -10.91 -0.35
C TYR A 45 5.09 -11.51 -0.12
N GLN A 46 4.06 -10.89 -0.70
CA GLN A 46 2.68 -11.29 -0.43
C GLN A 46 1.92 -11.51 -1.72
N HIS A 47 1.29 -12.68 -1.84
CA HIS A 47 0.43 -13.03 -2.95
C HIS A 47 -0.54 -14.08 -2.43
N PRO A 48 -1.79 -14.10 -2.89
CA PRO A 48 -2.76 -15.04 -2.34
C PRO A 48 -2.31 -16.50 -2.34
N GLN A 49 -1.57 -16.92 -3.37
CA GLN A 49 -1.18 -18.32 -3.47
C GLN A 49 0.24 -18.59 -2.99
N LEU A 50 0.99 -17.56 -2.57
CA LEU A 50 2.38 -17.77 -2.19
C LEU A 50 2.87 -16.56 -1.39
N SER A 51 3.55 -16.83 -0.28
CA SER A 51 4.09 -15.78 0.57
C SER A 51 5.31 -16.31 1.31
N TRP A 52 6.36 -15.49 1.37
CA TRP A 52 7.58 -15.87 2.06
C TRP A 52 8.25 -14.62 2.63
N ARG A 53 9.25 -14.86 3.48
CA ARG A 53 10.01 -13.80 4.12
C ARG A 53 11.50 -14.08 3.95
N ALA A 54 12.25 -13.06 3.56
CA ALA A 54 13.69 -13.17 3.34
C ALA A 54 14.41 -12.09 4.13
N ASN A 55 15.52 -12.47 4.76
CA ASN A 55 16.32 -11.52 5.53
C ASN A 55 17.12 -10.64 4.57
N VAL A 56 16.86 -9.33 4.61
CA VAL A 56 17.51 -8.38 3.72
C VAL A 56 17.92 -7.16 4.52
N THR A 57 18.90 -6.43 3.99
CA THR A 57 19.35 -5.17 4.57
C THR A 57 19.45 -4.13 3.46
N LEU A 58 18.62 -3.10 3.54
CA LEU A 58 18.59 -2.04 2.54
C LEU A 58 19.18 -0.76 3.11
N ASN A 59 19.90 -0.02 2.27
CA ASN A 59 20.44 1.28 2.65
C ASN A 59 19.42 2.38 2.37
N LEU A 60 19.30 3.31 3.31
CA LEU A 60 18.38 4.42 3.20
C LEU A 60 19.16 5.73 3.22
N MET A 61 18.75 6.66 2.35
CA MET A 61 19.31 8.00 2.35
C MET A 61 18.21 9.02 2.11
N LYS A 62 18.12 10.01 2.98
CA LYS A 62 17.13 11.08 2.87
C LYS A 62 17.81 12.28 2.20
N VAL A 63 17.38 12.58 0.97
CA VAL A 63 17.92 13.68 0.18
C VAL A 63 16.78 14.64 -0.09
N ASP A 64 16.86 15.83 0.50
CA ASP A 64 15.81 16.85 0.39
C ASP A 64 14.51 16.23 0.90
N ASP A 65 13.41 16.27 0.15
CA ASP A 65 12.17 15.64 0.56
C ASP A 65 11.97 14.27 -0.10
N TRP A 66 13.05 13.65 -0.56
CA TRP A 66 13.00 12.34 -1.18
C TRP A 66 13.68 11.33 -0.28
N LEU A 67 13.02 10.19 -0.07
CA LEU A 67 13.60 9.04 0.63
C LEU A 67 13.97 7.99 -0.41
N VAL A 68 15.23 7.57 -0.42
CA VAL A 68 15.74 6.62 -1.40
C VAL A 68 15.96 5.27 -0.72
N LEU A 69 15.46 4.21 -1.35
CA LEU A 69 15.69 2.85 -0.91
C LEU A 69 16.67 2.19 -1.88
N SER A 70 17.78 1.67 -1.34
CA SER A 70 18.84 1.06 -2.14
C SER A 70 18.91 -0.42 -1.81
N PHE A 71 18.35 -1.25 -2.69
CA PHE A 71 18.38 -2.70 -2.52
C PHE A 71 19.68 -3.26 -3.08
N SER A 72 20.39 -4.03 -2.26
CA SER A 72 21.57 -4.75 -2.75
C SER A 72 21.14 -6.01 -3.49
N GLN A 73 22.12 -6.70 -4.06
CA GLN A 73 21.83 -7.95 -4.74
C GLN A 73 21.27 -8.97 -3.74
N MET A 74 20.36 -9.81 -4.21
CA MET A 74 19.76 -10.79 -3.32
C MET A 74 19.23 -11.96 -4.14
N THR A 75 19.10 -13.10 -3.46
CA THR A 75 18.51 -14.31 -4.01
C THR A 75 17.32 -14.68 -3.15
N THR A 76 16.14 -14.78 -3.76
CA THR A 76 14.92 -15.04 -3.04
C THR A 76 14.23 -16.27 -3.61
N ASN A 77 13.22 -16.74 -2.89
CA ASN A 77 12.41 -17.85 -3.36
C ASN A 77 11.61 -17.43 -4.60
N SER A 78 10.94 -18.41 -5.20
CA SER A 78 10.15 -18.15 -6.39
C SER A 78 9.05 -17.14 -6.08
N ILE A 79 8.60 -16.44 -7.12
CA ILE A 79 7.57 -15.42 -6.98
C ILE A 79 6.50 -15.64 -8.06
N MET A 80 5.35 -15.03 -7.84
CA MET A 80 4.28 -15.06 -8.83
C MET A 80 4.51 -13.98 -9.88
N ALA A 81 3.74 -14.07 -10.97
CA ALA A 81 3.85 -13.09 -12.04
C ALA A 81 3.56 -11.67 -11.54
N ASP A 82 2.75 -11.54 -10.50
CA ASP A 82 2.52 -10.28 -9.81
C ASP A 82 2.78 -10.50 -8.32
N GLY A 83 2.88 -9.40 -7.58
CA GLY A 83 3.07 -9.53 -6.15
C GLY A 83 3.31 -8.18 -5.51
N LYS A 84 3.32 -8.20 -4.18
CA LYS A 84 3.57 -7.03 -3.36
C LYS A 84 4.72 -7.32 -2.42
N PHE A 85 5.57 -6.31 -2.20
CA PHE A 85 6.65 -6.39 -1.23
C PHE A 85 6.36 -5.44 -0.08
N VAL A 86 6.40 -5.96 1.14
CA VAL A 86 6.04 -5.19 2.33
C VAL A 86 7.28 -5.08 3.21
N ILE A 87 7.68 -3.86 3.52
CA ILE A 87 8.81 -3.56 4.38
C ILE A 87 8.27 -2.91 5.65
N ASN A 88 8.47 -3.57 6.78
CA ASN A 88 7.91 -3.11 8.06
C ASN A 88 8.94 -2.25 8.78
N PHE A 89 8.74 -0.94 8.74
CA PHE A 89 9.68 0.01 9.35
C PHE A 89 9.41 0.25 10.82
N VAL A 90 8.44 -0.43 11.43
CA VAL A 90 8.20 -0.26 12.86
C VAL A 90 9.44 -0.60 13.66
N SER A 91 10.28 -1.50 13.16
CA SER A 91 11.53 -1.84 13.81
C SER A 91 12.57 -2.15 12.73
N GLY A 92 13.84 -2.05 13.11
CA GLY A 92 14.94 -2.38 12.23
C GLY A 92 15.73 -1.20 11.73
N LEU A 93 15.24 0.03 11.92
CA LEU A 93 15.96 1.21 11.45
C LEU A 93 17.21 1.46 12.30
N SER A 94 18.25 1.97 11.66
CA SER A 94 19.50 2.27 12.35
C SER A 94 19.30 3.47 13.29
N SER A 95 20.34 3.73 14.09
CA SER A 95 20.27 4.80 15.07
C SER A 95 20.05 6.15 14.39
N GLY A 96 19.19 6.98 15.00
CA GLY A 96 18.86 8.28 14.48
C GLY A 96 17.58 8.31 13.66
N TRP A 97 17.11 7.18 13.17
CA TRP A 97 15.91 7.10 12.36
C TRP A 97 14.73 6.62 13.20
N GLN A 98 13.59 7.27 13.01
CA GLN A 98 12.32 6.85 13.59
C GLN A 98 11.43 6.31 12.49
N THR A 99 10.44 5.52 12.90
CA THR A 99 9.53 4.89 11.94
C THR A 99 8.82 5.94 11.10
N GLY A 100 8.46 7.08 11.70
CA GLY A 100 7.80 8.15 10.98
C GLY A 100 8.62 8.77 9.87
N ASP A 101 9.94 8.68 9.96
CA ASP A 101 10.82 9.30 8.96
C ASP A 101 10.68 8.68 7.58
N THR A 102 9.95 7.57 7.43
CA THR A 102 9.76 6.94 6.14
C THR A 102 8.37 7.16 5.57
N GLU A 103 7.51 7.94 6.22
CA GLU A 103 6.16 8.14 5.72
C GLU A 103 6.18 9.06 4.50
N PRO A 104 5.58 8.65 3.38
CA PRO A 104 5.53 9.52 2.20
C PRO A 104 4.74 10.80 2.47
N SER A 105 4.96 11.78 1.59
CA SER A 105 4.28 13.07 1.68
C SER A 105 3.02 13.14 0.84
N SER A 106 2.62 12.04 0.20
CA SER A 106 1.38 12.01 -0.57
C SER A 106 0.85 10.59 -0.58
N THR A 107 -0.43 10.46 -0.90
CA THR A 107 -1.11 9.17 -0.98
C THR A 107 -1.28 8.69 -2.42
N ILE A 108 -0.75 9.43 -3.39
CA ILE A 108 -0.91 9.04 -4.80
C ILE A 108 -0.30 7.67 -5.04
N ASP A 109 -0.98 6.87 -5.86
CA ASP A 109 -0.53 5.52 -6.19
C ASP A 109 -0.46 5.39 -7.71
N PRO A 110 0.74 5.13 -8.25
CA PRO A 110 1.99 4.95 -7.49
C PRO A 110 2.73 6.25 -7.24
N LEU A 111 3.54 6.27 -6.20
CA LEU A 111 4.40 7.42 -5.91
C LEU A 111 5.59 7.46 -6.87
N SER A 112 6.14 6.30 -7.19
CA SER A 112 7.23 6.18 -8.16
C SER A 112 7.37 4.72 -8.54
N THR A 113 7.79 4.48 -9.78
CA THR A 113 8.02 3.14 -10.28
C THR A 113 9.44 3.01 -10.81
N THR A 114 10.03 1.84 -10.62
CA THR A 114 11.36 1.51 -11.13
C THR A 114 11.38 0.06 -11.59
N PHE A 115 12.40 -0.29 -12.36
CA PHE A 115 12.57 -1.64 -12.89
C PHE A 115 13.70 -2.36 -12.16
N ALA A 116 13.50 -3.66 -11.91
CA ALA A 116 14.51 -4.50 -11.27
C ALA A 116 14.90 -5.62 -12.21
N ALA A 117 16.20 -5.86 -12.35
CA ALA A 117 16.71 -6.93 -13.20
C ALA A 117 16.81 -8.23 -12.41
N VAL A 118 16.27 -9.31 -12.98
CA VAL A 118 16.26 -10.60 -12.30
C VAL A 118 16.68 -11.70 -13.26
N GLN A 119 17.03 -12.85 -12.68
CA GLN A 119 17.23 -14.10 -13.41
C GLN A 119 16.37 -15.18 -12.77
N PHE A 120 15.47 -15.76 -13.55
CA PHE A 120 14.63 -16.86 -13.08
C PHE A 120 15.33 -18.19 -13.31
N LEU A 121 15.37 -19.02 -12.28
CA LEU A 121 16.02 -20.33 -12.34
C LEU A 121 14.98 -21.41 -12.60
N ASN A 122 15.11 -22.10 -13.74
CA ASN A 122 14.19 -23.15 -14.14
C ASN A 122 15.02 -24.33 -14.62
N ASN A 123 15.03 -25.41 -13.83
CA ASN A 123 15.73 -26.65 -14.13
C ASN A 123 17.16 -26.39 -14.61
N GLY A 124 17.88 -25.57 -13.85
CA GLY A 124 19.27 -25.34 -14.16
C GLY A 124 19.56 -24.28 -15.20
N GLN A 125 18.55 -23.54 -15.66
CA GLN A 125 18.75 -22.45 -16.61
C GLN A 125 18.38 -21.13 -15.96
N ARG A 126 19.24 -20.12 -16.14
CA ARG A 126 18.97 -18.77 -15.66
C ARG A 126 18.44 -17.94 -16.82
N ILE A 127 17.25 -17.35 -16.63
CA ILE A 127 16.59 -16.58 -17.68
C ILE A 127 16.52 -15.12 -17.22
N ASP A 128 17.12 -14.23 -18.02
CA ASP A 128 17.10 -12.81 -17.69
C ASP A 128 15.70 -12.24 -17.87
N ALA A 129 15.22 -11.51 -16.88
CA ALA A 129 13.90 -10.91 -16.91
C ALA A 129 13.89 -9.63 -16.10
N PHE A 130 12.81 -8.87 -16.19
CA PHE A 130 12.66 -7.63 -15.47
C PHE A 130 11.35 -7.59 -14.69
N ARG A 131 11.34 -6.80 -13.63
CA ARG A 131 10.21 -6.63 -12.74
C ARG A 131 9.94 -5.15 -12.52
N ILE A 132 8.72 -4.71 -12.78
CA ILE A 132 8.35 -3.34 -12.50
C ILE A 132 7.93 -3.25 -11.04
N MET A 133 8.41 -2.22 -10.35
CA MET A 133 8.17 -2.05 -8.92
C MET A 133 7.66 -0.64 -8.68
N GLY A 134 6.60 -0.52 -7.90
CA GLY A 134 6.03 0.78 -7.59
C GLY A 134 5.77 0.94 -6.12
N VAL A 135 6.10 2.11 -5.60
CA VAL A 135 5.74 2.48 -4.24
C VAL A 135 4.26 2.82 -4.22
N SER A 136 3.48 2.03 -3.48
CA SER A 136 2.03 2.11 -3.60
C SER A 136 1.30 2.47 -2.31
N GLU A 137 1.78 2.03 -1.15
CA GLU A 137 0.99 2.20 0.06
C GLU A 137 1.92 2.24 1.27
N TRP A 138 1.53 3.02 2.26
CA TRP A 138 2.24 3.12 3.52
C TRP A 138 1.22 3.15 4.65
N THR A 139 1.24 2.14 5.51
CA THR A 139 0.24 1.98 6.57
C THR A 139 0.94 1.65 7.88
N ASP A 140 0.96 2.63 8.79
CA ASP A 140 1.49 2.44 10.15
C ASP A 140 2.89 1.83 10.13
N GLY A 141 3.74 2.35 9.27
CA GLY A 141 5.13 1.93 9.21
C GLY A 141 5.43 0.81 8.24
N GLU A 142 4.42 0.25 7.56
CA GLU A 142 4.63 -0.81 6.59
C GLU A 142 4.58 -0.20 5.19
N LEU A 143 5.70 -0.29 4.47
CA LEU A 143 5.77 0.22 3.10
C LEU A 143 5.44 -0.91 2.13
N GLU A 144 4.49 -0.65 1.23
CA GLU A 144 4.00 -1.65 0.28
C GLU A 144 4.52 -1.28 -1.10
N ILE A 145 5.40 -2.13 -1.64
CA ILE A 145 5.97 -1.94 -2.97
C ILE A 145 5.35 -2.98 -3.88
N LYS A 146 4.47 -2.55 -4.78
CA LYS A 146 3.81 -3.48 -5.67
C LYS A 146 4.74 -3.85 -6.82
N ASN A 147 4.73 -5.13 -7.17
CA ASN A 147 5.41 -5.64 -8.36
C ASN A 147 4.30 -5.91 -9.37
N TYR A 148 4.04 -4.92 -10.24
CA TYR A 148 2.91 -5.01 -11.16
C TYR A 148 3.06 -6.19 -12.11
N GLY A 149 4.28 -6.46 -12.57
CA GLY A 149 4.47 -7.55 -13.51
C GLY A 149 5.84 -7.46 -14.15
N GLY A 150 5.94 -8.10 -15.31
CA GLY A 150 7.15 -8.10 -16.08
C GLY A 150 7.21 -9.37 -16.91
N THR A 151 8.35 -9.55 -17.57
CA THR A 151 8.61 -10.84 -18.22
C THR A 151 8.71 -11.93 -17.16
N TYR A 152 8.09 -13.07 -17.45
CA TYR A 152 7.94 -14.14 -16.47
C TYR A 152 8.13 -15.49 -17.13
N THR A 153 8.59 -16.45 -16.32
CA THR A 153 8.70 -17.84 -16.70
C THR A 153 8.63 -18.68 -15.43
N GLY A 154 8.20 -19.92 -15.59
CA GLY A 154 8.19 -20.83 -14.46
C GLY A 154 9.60 -20.96 -13.89
N HIS A 155 9.74 -20.85 -12.57
CA HIS A 155 11.06 -20.83 -11.96
C HIS A 155 10.99 -21.37 -10.55
N THR A 156 12.17 -21.68 -10.00
CA THR A 156 12.28 -22.15 -8.63
C THR A 156 12.75 -21.08 -7.66
N GLN A 157 13.57 -20.13 -8.12
CA GLN A 157 14.01 -19.04 -7.28
C GLN A 157 14.47 -17.88 -8.17
N VAL A 158 14.48 -16.69 -7.59
CA VAL A 158 14.79 -15.46 -8.31
C VAL A 158 16.09 -14.90 -7.79
N TYR A 159 16.95 -14.46 -8.71
CA TYR A 159 18.17 -13.73 -8.37
C TYR A 159 17.94 -12.28 -8.73
N TRP A 160 18.03 -11.40 -7.74
CA TRP A 160 17.72 -9.98 -7.91
C TRP A 160 19.01 -9.18 -8.02
N ALA A 161 19.13 -8.41 -9.10
CA ALA A 161 20.21 -7.46 -9.23
C ALA A 161 19.99 -6.30 -8.25
N PRO A 162 21.02 -5.49 -8.00
CA PRO A 162 20.82 -4.29 -7.19
C PRO A 162 19.84 -3.36 -7.88
N TRP A 163 19.09 -2.61 -7.07
CA TRP A 163 18.15 -1.65 -7.62
C TRP A 163 17.76 -0.66 -6.54
N THR A 164 17.40 0.54 -6.95
CA THR A 164 17.01 1.60 -6.06
C THR A 164 15.62 2.11 -6.42
N ILE A 165 14.89 2.56 -5.41
CA ILE A 165 13.58 3.17 -5.59
C ILE A 165 13.43 4.28 -4.57
N MET A 166 12.79 5.38 -4.98
CA MET A 166 12.64 6.54 -4.12
C MET A 166 11.23 7.10 -4.27
N TYR A 167 10.76 7.76 -3.21
CA TYR A 167 9.44 8.38 -3.19
C TYR A 167 9.50 9.62 -2.32
N PRO A 168 8.61 10.60 -2.55
CA PRO A 168 8.69 11.86 -1.79
C PRO A 168 8.34 11.65 -0.32
N CYS A 169 9.17 12.21 0.55
CA CYS A 169 8.95 12.19 1.98
C CYS A 169 9.45 13.49 2.58
N ASN A 170 8.58 14.23 3.27
CA ASN A 170 8.93 15.53 3.80
C ASN A 170 8.98 15.55 5.32
N VAL A 171 9.04 14.37 5.93
CA VAL A 171 9.03 14.24 7.39
C VAL A 171 10.45 14.41 7.91
N ARG A 172 10.63 15.40 8.79
CA ARG A 172 11.88 15.64 9.53
C ARG A 172 13.19 15.21 8.85
N LEU B 10 14.76 44.03 8.88
CA LEU B 10 14.07 44.66 7.76
C LEU B 10 14.10 43.96 6.37
N PRO B 11 14.55 42.70 6.24
CA PRO B 11 14.53 42.06 4.93
C PRO B 11 13.23 41.30 4.68
N THR B 12 12.92 41.15 3.40
CA THR B 12 11.80 40.33 2.97
C THR B 12 12.33 38.96 2.53
N TYR B 13 11.41 38.07 2.15
CA TYR B 13 11.77 36.70 1.83
C TYR B 13 11.03 36.26 0.58
N ARG B 14 11.76 35.67 -0.36
CA ARG B 14 11.18 35.17 -1.60
C ARG B 14 10.93 33.68 -1.48
N TYR B 15 9.82 33.23 -2.07
CA TYR B 15 9.45 31.82 -2.11
C TYR B 15 10.62 30.97 -2.63
N PRO B 16 10.83 29.78 -2.05
CA PRO B 16 10.04 29.10 -1.02
C PRO B 16 10.30 29.57 0.41
N LEU B 17 11.08 30.62 0.59
CA LEU B 17 11.29 31.18 1.91
C LEU B 17 10.15 32.13 2.26
N GLU B 18 9.65 32.01 3.49
CA GLU B 18 8.52 32.81 3.93
C GLU B 18 8.69 33.15 5.41
N LEU B 19 8.11 34.27 5.82
CA LEU B 19 8.18 34.74 7.20
C LEU B 19 6.87 34.46 7.91
N ASP B 20 6.90 33.60 8.92
CA ASP B 20 5.73 33.31 9.74
C ASP B 20 5.59 34.43 10.77
N THR B 21 4.79 35.45 10.41
CA THR B 21 4.65 36.61 11.28
C THR B 21 4.03 36.25 12.63
N ALA B 22 3.24 35.18 12.67
CA ALA B 22 2.59 34.79 13.92
C ALA B 22 3.62 34.41 14.98
N ASN B 23 4.70 33.73 14.58
CA ASN B 23 5.73 33.30 15.51
C ASN B 23 7.06 34.00 15.26
N ASN B 24 7.11 34.98 14.36
CA ASN B 24 8.33 35.67 13.97
C ASN B 24 9.43 34.67 13.62
N ARG B 25 9.11 33.80 12.66
CA ARG B 25 10.00 32.73 12.25
C ARG B 25 10.02 32.63 10.74
N VAL B 26 11.22 32.45 10.17
CA VAL B 26 11.39 32.22 8.74
C VAL B 26 11.53 30.72 8.50
N GLN B 27 10.83 30.21 7.49
CA GLN B 27 10.83 28.79 7.20
C GLN B 27 10.66 28.59 5.69
N VAL B 28 10.86 27.35 5.26
CA VAL B 28 10.57 26.94 3.89
C VAL B 28 9.10 26.57 3.80
N ALA B 29 8.43 27.04 2.74
CA ALA B 29 7.00 26.81 2.59
C ALA B 29 6.68 25.32 2.53
N ASP B 30 5.56 24.95 3.14
CA ASP B 30 5.16 23.54 3.18
C ASP B 30 4.87 23.01 1.78
N ARG B 31 4.22 23.82 0.93
CA ARG B 31 3.87 23.35 -0.41
C ARG B 31 5.11 23.08 -1.27
N PHE B 32 6.23 23.72 -0.96
CA PHE B 32 7.46 23.45 -1.70
C PHE B 32 7.84 21.98 -1.62
N GLY B 33 7.60 21.35 -0.46
CA GLY B 33 7.94 19.95 -0.31
C GLY B 33 6.99 19.00 -1.01
N MET B 34 5.72 19.35 -1.09
CA MET B 34 4.73 18.50 -1.75
C MET B 34 3.53 19.35 -2.15
N ARG B 35 3.20 19.34 -3.43
CA ARG B 35 2.03 20.04 -3.95
C ARG B 35 1.37 19.13 -4.97
N THR B 36 0.22 18.58 -4.62
CA THR B 36 -0.44 17.59 -5.45
C THR B 36 -1.44 18.24 -6.40
N GLY B 37 -1.82 17.48 -7.43
CA GLY B 37 -2.79 17.95 -8.39
C GLY B 37 -3.08 16.86 -9.39
N THR B 38 -3.99 17.17 -10.30
CA THR B 38 -4.40 16.23 -11.34
C THR B 38 -4.61 16.98 -12.64
N TRP B 39 -4.28 16.30 -13.74
CA TRP B 39 -4.58 16.79 -15.08
C TRP B 39 -5.53 15.81 -15.74
N THR B 40 -6.69 16.28 -16.15
CA THR B 40 -7.68 15.47 -16.84
C THR B 40 -7.76 15.92 -18.28
N GLY B 41 -7.59 14.99 -19.20
CA GLY B 41 -7.60 15.33 -20.60
C GLY B 41 -7.27 14.10 -21.43
N GLN B 42 -6.99 14.35 -22.70
CA GLN B 42 -6.70 13.29 -23.65
C GLN B 42 -5.20 13.20 -23.89
N LEU B 43 -4.64 12.02 -23.66
CA LEU B 43 -3.23 11.78 -23.95
C LEU B 43 -3.08 11.53 -25.45
N GLN B 44 -2.27 12.34 -26.11
CA GLN B 44 -2.15 12.30 -27.56
C GLN B 44 -0.92 11.48 -27.93
N TYR B 45 -1.15 10.39 -28.67
CA TYR B 45 -0.08 9.58 -29.24
C TYR B 45 0.09 10.00 -30.70
N GLN B 46 1.34 10.25 -31.09
CA GLN B 46 1.63 10.80 -32.40
C GLN B 46 2.70 9.97 -33.09
N HIS B 47 2.41 9.55 -34.32
CA HIS B 47 3.33 8.83 -35.19
C HIS B 47 2.84 9.10 -36.60
N PRO B 48 3.74 9.24 -37.57
CA PRO B 48 3.29 9.59 -38.93
C PRO B 48 2.23 8.67 -39.50
N GLN B 49 2.29 7.38 -39.18
CA GLN B 49 1.35 6.40 -39.72
C GLN B 49 0.22 6.05 -38.77
N LEU B 50 0.21 6.61 -37.56
CA LEU B 50 -0.81 6.26 -36.58
C LEU B 50 -0.86 7.34 -35.49
N SER B 51 -2.07 7.76 -35.16
CA SER B 51 -2.26 8.76 -34.11
C SER B 51 -3.64 8.57 -33.51
N TRP B 52 -3.73 8.63 -32.19
CA TRP B 52 -5.00 8.49 -31.50
C TRP B 52 -4.97 9.29 -30.21
N ARG B 53 -6.14 9.42 -29.60
CA ARG B 53 -6.32 10.15 -28.36
C ARG B 53 -7.06 9.26 -27.37
N ALA B 54 -6.57 9.21 -26.14
CA ALA B 54 -7.19 8.41 -25.10
C ALA B 54 -7.47 9.29 -23.89
N ASN B 55 -8.65 9.12 -23.31
CA ASN B 55 -9.04 9.89 -22.13
C ASN B 55 -8.30 9.36 -20.92
N VAL B 56 -7.48 10.22 -20.30
CA VAL B 56 -6.65 9.82 -19.18
C VAL B 56 -6.72 10.90 -18.10
N THR B 57 -6.42 10.49 -16.88
CA THR B 57 -6.32 11.38 -15.74
C THR B 57 -5.02 11.07 -15.01
N LEU B 58 -4.11 12.04 -14.98
CA LEU B 58 -2.79 11.86 -14.38
C LEU B 58 -2.68 12.59 -13.06
N ASN B 59 -1.98 11.98 -12.12
CA ASN B 59 -1.65 12.60 -10.85
C ASN B 59 -0.34 13.37 -10.99
N LEU B 60 -0.31 14.56 -10.40
CA LEU B 60 0.84 15.44 -10.45
C LEU B 60 1.35 15.69 -9.04
N MET B 61 2.67 15.74 -8.89
CA MET B 61 3.27 16.03 -7.60
C MET B 61 4.41 17.02 -7.80
N LYS B 62 4.36 18.13 -7.07
CA LYS B 62 5.43 19.12 -7.09
C LYS B 62 6.27 18.90 -5.83
N VAL B 63 7.47 18.36 -6.02
CA VAL B 63 8.39 18.07 -4.93
C VAL B 63 9.68 18.83 -5.22
N ASP B 64 9.95 19.85 -4.41
CA ASP B 64 11.14 20.70 -4.58
C ASP B 64 11.06 21.30 -5.98
N ASP B 65 12.10 21.20 -6.81
CA ASP B 65 12.08 21.67 -8.18
C ASP B 65 11.80 20.56 -9.17
N TRP B 66 11.22 19.46 -8.71
CA TRP B 66 10.86 18.34 -9.56
C TRP B 66 9.33 18.22 -9.65
N LEU B 67 8.84 18.06 -10.87
CA LEU B 67 7.43 17.75 -11.12
C LEU B 67 7.32 16.27 -11.45
N VAL B 68 6.46 15.56 -10.72
CA VAL B 68 6.30 14.11 -10.89
C VAL B 68 4.99 13.87 -11.63
N LEU B 69 5.06 13.05 -12.68
CA LEU B 69 3.89 12.61 -13.43
C LEU B 69 3.65 11.16 -13.08
N SER B 70 2.45 10.85 -12.58
CA SER B 70 2.12 9.49 -12.16
C SER B 70 1.01 8.97 -13.08
N PHE B 71 1.38 8.11 -14.02
CA PHE B 71 0.41 7.49 -14.90
C PHE B 71 -0.18 6.28 -14.21
N SER B 72 -1.50 6.22 -14.12
CA SER B 72 -2.15 5.03 -13.61
C SER B 72 -2.23 3.96 -14.70
N GLN B 73 -2.69 2.78 -14.31
CA GLN B 73 -2.88 1.70 -15.27
C GLN B 73 -3.90 2.12 -16.33
N MET B 74 -3.64 1.71 -17.57
CA MET B 74 -4.51 2.13 -18.67
C MET B 74 -4.40 1.15 -19.82
N THR B 75 -5.44 1.14 -20.66
CA THR B 75 -5.49 0.34 -21.88
C THR B 75 -5.69 1.30 -23.04
N THR B 76 -4.78 1.26 -24.01
CA THR B 76 -4.82 2.18 -25.14
C THR B 76 -4.81 1.40 -26.45
N ASN B 77 -5.04 2.13 -27.54
CA ASN B 77 -4.97 1.53 -28.87
C ASN B 77 -3.53 1.12 -29.18
N SER B 78 -3.39 0.42 -30.30
CA SER B 78 -2.07 -0.05 -30.73
C SER B 78 -1.14 1.13 -31.00
N ILE B 79 0.16 0.86 -30.89
CA ILE B 79 1.19 1.87 -31.10
C ILE B 79 2.26 1.30 -32.03
N MET B 80 3.05 2.20 -32.61
CA MET B 80 4.18 1.82 -33.45
C MET B 80 5.38 1.48 -32.59
N ALA B 81 6.40 0.90 -33.23
CA ALA B 81 7.61 0.53 -32.49
C ALA B 81 8.24 1.74 -31.81
N ASP B 82 8.03 2.93 -32.37
CA ASP B 82 8.41 4.20 -31.77
C ASP B 82 7.18 5.08 -31.74
N GLY B 83 7.25 6.20 -31.02
CA GLY B 83 6.11 7.09 -30.95
C GLY B 83 6.36 8.26 -30.04
N LYS B 84 5.42 9.19 -30.08
CA LYS B 84 5.44 10.40 -29.27
C LYS B 84 4.18 10.46 -28.42
N PHE B 85 4.33 10.89 -27.18
CA PHE B 85 3.20 11.16 -26.30
C PHE B 85 3.15 12.65 -26.02
N VAL B 86 2.00 13.26 -26.25
CA VAL B 86 1.84 14.70 -26.07
C VAL B 86 0.74 14.91 -25.05
N ILE B 87 1.06 15.63 -23.97
CA ILE B 87 0.09 15.98 -22.94
C ILE B 87 -0.08 17.50 -22.98
N ASN B 88 -1.30 17.95 -23.29
CA ASN B 88 -1.57 19.38 -23.49
C ASN B 88 -2.07 19.96 -22.17
N PHE B 89 -1.21 20.69 -21.47
CA PHE B 89 -1.52 21.27 -20.18
C PHE B 89 -2.20 22.63 -20.27
N VAL B 90 -2.52 23.11 -21.48
CA VAL B 90 -3.23 24.38 -21.60
C VAL B 90 -4.56 24.34 -20.86
N SER B 91 -5.16 23.15 -20.75
CA SER B 91 -6.39 22.97 -19.99
C SER B 91 -6.37 21.58 -19.36
N GLY B 92 -7.16 21.42 -18.30
CA GLY B 92 -7.29 20.15 -17.64
C GLY B 92 -6.64 20.07 -16.27
N LEU B 93 -5.82 21.04 -15.90
CA LEU B 93 -5.19 21.02 -14.59
C LEU B 93 -6.20 21.32 -13.48
N SER B 94 -5.99 20.68 -12.33
CA SER B 94 -6.87 20.88 -11.20
C SER B 94 -6.72 22.29 -10.64
N SER B 95 -7.60 22.63 -9.70
CA SER B 95 -7.61 23.97 -9.11
C SER B 95 -6.29 24.26 -8.42
N GLY B 96 -5.80 25.48 -8.60
CA GLY B 96 -4.54 25.91 -8.04
C GLY B 96 -3.37 25.80 -9.00
N TRP B 97 -3.50 25.03 -10.07
CA TRP B 97 -2.44 24.83 -11.04
C TRP B 97 -2.68 25.68 -12.29
N GLN B 98 -1.62 26.31 -12.77
CA GLN B 98 -1.61 27.00 -14.05
C GLN B 98 -0.76 26.25 -15.04
N THR B 99 -1.00 26.53 -16.33
CA THR B 99 -0.28 25.83 -17.40
C THR B 99 1.23 26.05 -17.28
N GLY B 100 1.65 27.24 -16.88
CA GLY B 100 3.06 27.53 -16.75
C GLY B 100 3.76 26.68 -15.70
N ASP B 101 3.02 26.20 -14.70
CA ASP B 101 3.62 25.43 -13.62
C ASP B 101 4.20 24.09 -14.07
N THR B 102 4.01 23.69 -15.32
CA THR B 102 4.56 22.44 -15.82
C THR B 102 5.74 22.65 -16.75
N GLU B 103 6.20 23.89 -16.93
CA GLU B 103 7.31 24.14 -17.84
C GLU B 103 8.62 23.68 -17.20
N PRO B 104 9.41 22.85 -17.88
CA PRO B 104 10.69 22.41 -17.32
C PRO B 104 11.66 23.57 -17.16
N SER B 105 12.68 23.33 -16.33
CA SER B 105 13.71 24.32 -16.08
C SER B 105 14.93 24.17 -16.98
N SER B 106 14.89 23.26 -17.95
CA SER B 106 15.98 23.11 -18.90
C SER B 106 15.45 22.59 -20.22
N THR B 107 16.25 22.78 -21.27
CA THR B 107 15.92 22.32 -22.61
C THR B 107 16.66 21.05 -22.99
N ILE B 108 17.45 20.47 -22.07
CA ILE B 108 18.22 19.27 -22.37
C ILE B 108 17.28 18.14 -22.79
N ASP B 109 17.68 17.40 -23.81
CA ASP B 109 16.89 16.28 -24.31
C ASP B 109 17.74 15.03 -24.32
N PRO B 110 17.32 14.01 -23.54
CA PRO B 110 16.12 14.03 -22.70
C PRO B 110 16.36 14.62 -21.31
N LEU B 111 15.27 15.12 -20.71
CA LEU B 111 15.32 15.60 -19.34
C LEU B 111 15.38 14.45 -18.36
N SER B 112 14.66 13.37 -18.67
CA SER B 112 14.70 12.15 -17.87
C SER B 112 14.04 11.04 -18.66
N THR B 113 14.49 9.82 -18.44
CA THR B 113 13.93 8.64 -19.07
C THR B 113 13.46 7.65 -18.02
N THR B 114 12.35 6.97 -18.31
CA THR B 114 11.83 5.91 -17.46
C THR B 114 11.28 4.79 -18.33
N PHE B 115 11.10 3.62 -17.73
CA PHE B 115 10.61 2.44 -18.41
C PHE B 115 9.18 2.16 -17.97
N ALA B 116 8.34 1.76 -18.92
CA ALA B 116 6.95 1.41 -18.67
C ALA B 116 6.73 -0.04 -19.03
N ALA B 117 6.02 -0.77 -18.17
CA ALA B 117 5.69 -2.16 -18.42
C ALA B 117 4.39 -2.23 -19.20
N VAL B 118 4.38 -2.99 -20.29
CA VAL B 118 3.22 -3.07 -21.17
C VAL B 118 2.93 -4.52 -21.48
N GLN B 119 1.71 -4.75 -21.99
CA GLN B 119 1.28 -6.03 -22.52
C GLN B 119 0.73 -5.80 -23.91
N PHE B 120 1.33 -6.41 -24.92
CA PHE B 120 0.79 -6.35 -26.26
C PHE B 120 -0.21 -7.49 -26.46
N LEU B 121 -1.41 -7.15 -26.93
CA LEU B 121 -2.44 -8.14 -27.19
C LEU B 121 -2.42 -8.45 -28.68
N ASN B 122 -2.14 -9.70 -29.02
CA ASN B 122 -2.07 -10.13 -30.42
C ASN B 122 -2.80 -11.45 -30.56
N ASN B 123 -3.94 -11.43 -31.24
CA ASN B 123 -4.74 -12.63 -31.52
C ASN B 123 -4.98 -13.44 -30.26
N GLY B 124 -5.44 -12.75 -29.21
CA GLY B 124 -5.83 -13.41 -27.98
C GLY B 124 -4.71 -13.75 -27.03
N GLN B 125 -3.47 -13.34 -27.32
CA GLN B 125 -2.34 -13.58 -26.44
C GLN B 125 -1.76 -12.26 -25.92
N ARG B 126 -1.47 -12.21 -24.63
CA ARG B 126 -0.80 -11.08 -24.01
C ARG B 126 0.70 -11.36 -23.98
N ILE B 127 1.48 -10.46 -24.56
CA ILE B 127 2.93 -10.61 -24.65
C ILE B 127 3.58 -9.54 -23.80
N ASP B 128 4.38 -9.97 -22.81
CA ASP B 128 5.07 -9.03 -21.95
C ASP B 128 6.19 -8.31 -22.68
N ALA B 129 6.22 -7.00 -22.53
CA ALA B 129 7.24 -6.17 -23.13
C ALA B 129 7.45 -4.94 -22.27
N PHE B 130 8.50 -4.19 -22.59
CA PHE B 130 8.81 -2.96 -21.89
C PHE B 130 8.92 -1.84 -22.92
N ARG B 131 8.58 -0.64 -22.48
CA ARG B 131 8.53 0.52 -23.36
C ARG B 131 9.22 1.67 -22.64
N ILE B 132 10.26 2.24 -23.27
CA ILE B 132 11.02 3.36 -22.71
C ILE B 132 10.35 4.68 -23.05
N MET B 133 10.32 5.59 -22.07
CA MET B 133 9.68 6.88 -22.21
C MET B 133 10.65 7.96 -21.74
N GLY B 134 10.78 9.02 -22.53
CA GLY B 134 11.65 10.13 -22.18
C GLY B 134 10.98 11.48 -22.33
N VAL B 135 11.20 12.35 -21.34
CA VAL B 135 10.76 13.74 -21.42
C VAL B 135 11.68 14.50 -22.37
N SER B 136 11.12 15.00 -23.47
CA SER B 136 11.95 15.54 -24.54
C SER B 136 11.68 16.99 -24.89
N GLU B 137 10.44 17.47 -24.79
CA GLU B 137 10.14 18.79 -25.33
C GLU B 137 8.94 19.38 -24.60
N TRP B 138 8.95 20.70 -24.46
CA TRP B 138 7.83 21.42 -23.89
C TRP B 138 7.59 22.65 -24.76
N THR B 139 6.41 22.69 -25.38
CA THR B 139 6.08 23.75 -26.33
C THR B 139 4.71 24.28 -25.97
N ASP B 140 4.71 25.47 -25.36
CA ASP B 140 3.53 26.27 -25.16
C ASP B 140 2.44 25.48 -24.43
N GLY B 141 2.84 24.77 -23.38
CA GLY B 141 1.91 23.97 -22.61
C GLY B 141 1.77 22.54 -23.08
N GLU B 142 2.42 22.17 -24.18
CA GLU B 142 2.36 20.81 -24.69
C GLU B 142 3.64 20.09 -24.28
N LEU B 143 3.48 19.04 -23.47
CA LEU B 143 4.58 18.21 -23.05
C LEU B 143 4.71 17.03 -24.00
N GLU B 144 5.92 16.84 -24.53
CA GLU B 144 6.18 15.78 -25.50
C GLU B 144 7.02 14.72 -24.81
N ILE B 145 6.46 13.53 -24.65
CA ILE B 145 7.14 12.40 -24.04
C ILE B 145 7.44 11.42 -25.16
N LYS B 146 8.70 11.33 -25.55
CA LYS B 146 9.09 10.45 -26.64
C LYS B 146 9.15 9.02 -26.14
N ASN B 147 8.70 8.10 -26.98
CA ASN B 147 8.82 6.68 -26.74
C ASN B 147 9.91 6.16 -27.68
N TYR B 148 11.14 6.03 -27.15
CA TYR B 148 12.27 5.64 -27.99
C TYR B 148 12.11 4.23 -28.56
N GLY B 149 11.62 3.29 -27.78
CA GLY B 149 11.49 1.93 -28.28
C GLY B 149 11.30 0.93 -27.16
N GLY B 150 11.65 -0.31 -27.46
CA GLY B 150 11.58 -1.39 -26.51
C GLY B 150 11.34 -2.69 -27.25
N THR B 151 11.15 -3.76 -26.48
CA THR B 151 10.69 -5.00 -27.09
C THR B 151 9.30 -4.79 -27.67
N TYR B 152 9.10 -5.29 -28.90
CA TYR B 152 7.90 -4.97 -29.65
C TYR B 152 7.43 -6.21 -30.40
N THR B 153 6.12 -6.26 -30.62
CA THR B 153 5.50 -7.29 -31.44
C THR B 153 4.21 -6.72 -32.02
N GLY B 154 3.80 -7.29 -33.15
CA GLY B 154 2.53 -6.92 -33.73
C GLY B 154 1.42 -7.15 -32.73
N HIS B 155 0.53 -6.19 -32.56
CA HIS B 155 -0.48 -6.25 -31.51
C HIS B 155 -1.72 -5.47 -31.93
N THR B 156 -2.80 -5.71 -31.20
CA THR B 156 -4.06 -5.00 -31.42
C THR B 156 -4.30 -3.88 -30.43
N GLN B 157 -3.83 -4.01 -29.19
CA GLN B 157 -3.95 -2.97 -28.18
C GLN B 157 -2.92 -3.20 -27.10
N VAL B 158 -2.61 -2.14 -26.36
CA VAL B 158 -1.57 -2.16 -25.33
C VAL B 158 -2.22 -1.96 -23.96
N TYR B 159 -1.78 -2.75 -23.00
CA TYR B 159 -2.16 -2.58 -21.60
C TYR B 159 -0.96 -2.01 -20.87
N TRP B 160 -1.13 -0.82 -20.30
CA TRP B 160 -0.03 -0.11 -19.65
C TRP B 160 -0.13 -0.26 -18.14
N ALA B 161 0.94 -0.76 -17.52
CA ALA B 161 1.05 -0.78 -16.08
C ALA B 161 1.22 0.64 -15.56
N PRO B 162 1.02 0.85 -14.26
CA PRO B 162 1.33 2.17 -13.68
C PRO B 162 2.80 2.48 -13.87
N TRP B 163 3.10 3.77 -14.01
CA TRP B 163 4.48 4.21 -14.16
C TRP B 163 4.55 5.70 -13.89
N THR B 164 5.71 6.14 -13.41
CA THR B 164 5.93 7.54 -13.08
C THR B 164 7.17 8.05 -13.80
N ILE B 165 7.14 9.34 -14.12
CA ILE B 165 8.28 10.02 -14.74
C ILE B 165 8.33 11.43 -14.18
N MET B 166 9.55 11.94 -13.97
CA MET B 166 9.74 13.26 -13.39
C MET B 166 10.83 14.00 -14.14
N TYR B 167 10.75 15.33 -14.11
CA TYR B 167 11.73 16.18 -14.76
C TYR B 167 11.83 17.47 -13.97
N PRO B 168 12.96 18.18 -14.06
CA PRO B 168 13.14 19.40 -13.25
C PRO B 168 12.20 20.51 -13.68
N CYS B 169 11.54 21.14 -12.70
CA CYS B 169 10.64 22.26 -12.95
C CYS B 169 10.75 23.27 -11.81
N ASN B 170 11.12 24.51 -12.15
CA ASN B 170 11.35 25.56 -11.17
C ASN B 170 10.38 26.73 -11.32
N VAL B 171 9.20 26.51 -11.93
CA VAL B 171 8.32 27.63 -12.27
C VAL B 171 7.68 28.19 -11.01
N ARG B 172 7.00 27.37 -10.24
CA ARG B 172 6.43 27.81 -8.97
C ARG B 172 6.46 26.71 -7.92
N LEU C 10 22.01 41.26 12.33
CA LEU C 10 22.40 41.36 10.93
C LEU C 10 23.22 40.14 10.51
N PRO C 11 22.54 39.04 10.19
CA PRO C 11 23.24 37.82 9.79
C PRO C 11 23.51 37.75 8.30
N THR C 12 24.48 36.90 7.95
CA THR C 12 24.82 36.61 6.57
C THR C 12 24.11 35.34 6.12
N TYR C 13 24.32 34.96 4.87
CA TYR C 13 23.57 33.85 4.27
C TYR C 13 24.51 32.95 3.49
N ARG C 14 24.42 31.65 3.75
CA ARG C 14 25.22 30.65 3.06
C ARG C 14 24.42 30.04 1.92
N TYR C 15 25.10 29.77 0.81
CA TYR C 15 24.49 29.12 -0.35
C TYR C 15 23.78 27.83 0.08
N PRO C 16 22.59 27.56 -0.50
CA PRO C 16 21.94 28.29 -1.58
C PRO C 16 21.16 29.53 -1.15
N LEU C 17 21.27 29.92 0.12
CA LEU C 17 20.64 31.16 0.57
C LEU C 17 21.53 32.34 0.22
N GLU C 18 20.91 33.40 -0.31
CA GLU C 18 21.64 34.59 -0.72
C GLU C 18 20.78 35.81 -0.46
N LEU C 19 21.44 36.94 -0.26
CA LEU C 19 20.76 38.20 0.02
C LEU C 19 20.78 39.07 -1.24
N ASP C 20 19.59 39.35 -1.77
CA ASP C 20 19.45 40.25 -2.92
C ASP C 20 19.51 41.67 -2.39
N THR C 21 20.71 42.24 -2.40
CA THR C 21 20.92 43.58 -1.86
C THR C 21 20.12 44.63 -2.62
N ALA C 22 19.82 44.38 -3.90
CA ALA C 22 19.07 45.35 -4.70
C ALA C 22 17.67 45.58 -4.12
N ASN C 23 17.02 44.51 -3.66
CA ASN C 23 15.68 44.60 -3.11
C ASN C 23 15.63 44.28 -1.62
N ASN C 24 16.79 44.06 -0.98
CA ASN C 24 16.88 43.68 0.43
C ASN C 24 15.94 42.53 0.74
N ARG C 25 16.13 41.43 0.01
CA ARG C 25 15.27 40.26 0.08
C ARG C 25 16.12 39.00 0.15
N VAL C 26 15.70 38.07 0.99
CA VAL C 26 16.37 36.78 1.12
C VAL C 26 15.68 35.78 0.21
N GLN C 27 16.47 35.00 -0.52
CA GLN C 27 15.91 34.08 -1.50
C GLN C 27 16.80 32.86 -1.62
N VAL C 28 16.28 31.83 -2.27
CA VAL C 28 17.06 30.66 -2.65
C VAL C 28 17.69 30.96 -4.01
N ALA C 29 18.97 30.64 -4.14
CA ALA C 29 19.70 30.94 -5.37
C ALA C 29 19.06 30.25 -6.56
N ASP C 30 19.03 30.96 -7.70
CA ASP C 30 18.43 30.40 -8.90
C ASP C 30 19.18 29.17 -9.38
N ARG C 31 20.52 29.20 -9.30
CA ARG C 31 21.33 28.09 -9.79
C ARG C 31 21.10 26.81 -8.98
N PHE C 32 20.68 26.95 -7.71
CA PHE C 32 20.36 25.77 -6.91
C PHE C 32 19.26 24.94 -7.55
N GLY C 33 18.28 25.59 -8.17
CA GLY C 33 17.21 24.87 -8.80
C GLY C 33 17.60 24.22 -10.11
N MET C 34 18.50 24.84 -10.86
CA MET C 34 18.93 24.30 -12.15
C MET C 34 20.28 24.89 -12.50
N ARG C 35 21.26 24.02 -12.72
CA ARG C 35 22.60 24.42 -13.14
C ARG C 35 23.04 23.43 -14.21
N THR C 36 23.10 23.89 -15.45
CA THR C 36 23.37 22.99 -16.57
C THR C 36 24.86 22.93 -16.88
N GLY C 37 25.24 21.91 -17.62
CA GLY C 37 26.62 21.74 -18.03
C GLY C 37 26.75 20.53 -18.92
N THR C 38 27.98 20.32 -19.39
CA THR C 38 28.28 19.20 -20.27
C THR C 38 29.65 18.64 -19.89
N TRP C 39 29.79 17.32 -20.06
CA TRP C 39 31.08 16.66 -19.92
C TRP C 39 31.44 16.05 -21.27
N THR C 40 32.57 16.46 -21.81
CA THR C 40 33.07 15.94 -23.07
C THR C 40 34.31 15.09 -22.80
N GLY C 41 34.31 13.86 -23.28
CA GLY C 41 35.42 12.97 -22.99
C GLY C 41 35.16 11.59 -23.55
N GLN C 42 36.00 10.65 -23.12
CA GLN C 42 35.93 9.28 -23.59
C GLN C 42 35.23 8.41 -22.55
N LEU C 43 34.16 7.74 -22.96
CA LEU C 43 33.45 6.83 -22.08
C LEU C 43 34.18 5.49 -22.05
N GLN C 44 34.59 5.06 -20.86
CA GLN C 44 35.41 3.86 -20.70
C GLN C 44 34.53 2.69 -20.27
N TYR C 45 34.51 1.64 -21.10
CA TYR C 45 33.88 0.37 -20.75
C TYR C 45 34.96 -0.61 -20.32
N GLN C 46 34.75 -1.27 -19.18
CA GLN C 46 35.77 -2.13 -18.59
C GLN C 46 35.19 -3.49 -18.24
N HIS C 47 35.86 -4.54 -18.71
CA HIS C 47 35.55 -5.92 -18.42
C HIS C 47 36.85 -6.68 -18.60
N PRO C 48 37.12 -7.72 -17.81
CA PRO C 48 38.43 -8.40 -17.90
C PRO C 48 38.81 -8.85 -19.30
N GLN C 49 37.85 -9.30 -20.11
CA GLN C 49 38.14 -9.81 -21.44
C GLN C 49 37.87 -8.80 -22.55
N LEU C 50 37.41 -7.60 -22.22
CA LEU C 50 37.06 -6.62 -23.25
C LEU C 50 36.99 -5.24 -22.64
N SER C 51 37.62 -4.27 -23.30
CA SER C 51 37.62 -2.89 -22.84
C SER C 51 37.80 -1.97 -24.04
N TRP C 52 37.04 -0.88 -24.06
CA TRP C 52 37.13 0.09 -25.14
C TRP C 52 36.76 1.46 -24.61
N ARG C 53 37.03 2.48 -25.44
CA ARG C 53 36.75 3.87 -25.13
C ARG C 53 35.98 4.49 -26.27
N ALA C 54 34.92 5.22 -25.95
CA ALA C 54 34.09 5.86 -26.96
C ALA C 54 33.94 7.35 -26.66
N ASN C 55 34.07 8.16 -27.69
CA ASN C 55 33.95 9.62 -27.55
C ASN C 55 32.47 9.98 -27.41
N VAL C 56 32.12 10.56 -26.26
CA VAL C 56 30.73 10.91 -25.96
C VAL C 56 30.68 12.29 -25.34
N THR C 57 29.52 12.93 -25.46
CA THR C 57 29.26 14.20 -24.80
C THR C 57 27.91 14.10 -24.10
N LEU C 58 27.92 14.14 -22.77
CA LEU C 58 26.71 14.00 -21.98
C LEU C 58 26.36 15.34 -21.34
N ASN C 59 25.07 15.62 -21.23
CA ASN C 59 24.58 16.82 -20.57
C ASN C 59 24.44 16.59 -19.07
N LEU C 60 24.85 17.59 -18.29
CA LEU C 60 24.79 17.55 -16.84
C LEU C 60 23.91 18.69 -16.35
N MET C 61 23.08 18.39 -15.35
CA MET C 61 22.25 19.42 -14.72
C MET C 61 22.20 19.19 -13.22
N LYS C 62 22.48 20.23 -12.46
CA LYS C 62 22.44 20.21 -11.01
C LYS C 62 21.10 20.75 -10.54
N VAL C 63 20.26 19.86 -10.02
CA VAL C 63 18.93 20.21 -9.53
C VAL C 63 18.89 19.82 -8.06
N ASP C 64 18.83 20.82 -7.19
CA ASP C 64 18.83 20.62 -5.74
C ASP C 64 20.11 19.85 -5.39
N ASP C 65 20.02 18.74 -4.66
CA ASP C 65 21.17 17.93 -4.30
C ASP C 65 21.34 16.71 -5.19
N TRP C 66 20.74 16.73 -6.37
CA TRP C 66 20.87 15.64 -7.34
C TRP C 66 21.64 16.12 -8.55
N LEU C 67 22.60 15.32 -9.00
CA LEU C 67 23.30 15.54 -10.26
C LEU C 67 22.73 14.55 -11.27
N VAL C 68 22.25 15.06 -12.40
CA VAL C 68 21.61 14.24 -13.43
C VAL C 68 22.56 14.13 -14.61
N LEU C 69 22.76 12.89 -15.07
CA LEU C 69 23.55 12.62 -16.27
C LEU C 69 22.58 12.24 -17.38
N SER C 70 22.65 12.95 -18.51
CA SER C 70 21.74 12.73 -19.63
C SER C 70 22.54 12.20 -20.82
N PHE C 71 22.43 10.90 -21.05
CA PHE C 71 23.09 10.25 -22.18
C PHE C 71 22.21 10.33 -23.41
N SER C 72 22.75 10.88 -24.50
CA SER C 72 22.07 10.86 -25.78
C SER C 72 22.25 9.50 -26.44
N GLN C 73 21.60 9.32 -27.58
CA GLN C 73 21.77 8.07 -28.32
C GLN C 73 23.23 7.91 -28.75
N MET C 74 23.69 6.66 -28.78
CA MET C 74 25.07 6.41 -29.12
C MET C 74 25.21 4.99 -29.64
N THR C 75 26.25 4.78 -30.43
CA THR C 75 26.56 3.46 -30.96
C THR C 75 27.96 3.07 -30.53
N THR C 76 28.10 1.95 -29.84
CA THR C 76 29.38 1.52 -29.28
C THR C 76 29.71 0.11 -29.75
N ASN C 77 30.94 -0.30 -29.47
CA ASN C 77 31.37 -1.66 -29.74
C ASN C 77 30.62 -2.65 -28.86
N SER C 78 30.82 -3.93 -29.15
CA SER C 78 30.15 -4.98 -28.41
C SER C 78 30.54 -4.92 -26.94
N ILE C 79 29.67 -5.46 -26.10
CA ILE C 79 29.89 -5.45 -24.66
C ILE C 79 29.66 -6.85 -24.13
N MET C 80 30.18 -7.09 -22.93
CA MET C 80 29.92 -8.35 -22.25
C MET C 80 28.57 -8.28 -21.55
N ALA C 81 28.11 -9.45 -21.10
CA ALA C 81 26.84 -9.55 -20.39
C ALA C 81 26.84 -8.71 -19.12
N ASP C 82 28.01 -8.47 -18.54
CA ASP C 82 28.20 -7.53 -17.44
C ASP C 82 29.31 -6.56 -17.83
N GLY C 83 29.45 -5.47 -17.08
CA GLY C 83 30.50 -4.53 -17.39
C GLY C 83 30.42 -3.30 -16.50
N LYS C 84 31.45 -2.47 -16.62
CA LYS C 84 31.55 -1.21 -15.89
C LYS C 84 31.72 -0.06 -16.87
N PHE C 85 31.08 1.07 -16.59
CA PHE C 85 31.27 2.29 -17.35
C PHE C 85 31.95 3.31 -16.45
N VAL C 86 33.06 3.87 -16.93
CA VAL C 86 33.88 4.79 -16.15
C VAL C 86 33.92 6.13 -16.88
N ILE C 87 33.50 7.18 -16.19
CA ILE C 87 33.53 8.54 -16.72
C ILE C 87 34.53 9.34 -15.89
N ASN C 88 35.58 9.82 -16.54
CA ASN C 88 36.67 10.51 -15.84
C ASN C 88 36.42 12.01 -15.89
N PHE C 89 35.96 12.57 -14.77
CA PHE C 89 35.61 13.98 -14.67
C PHE C 89 36.78 14.88 -14.35
N VAL C 90 38.00 14.35 -14.25
CA VAL C 90 39.17 15.21 -13.98
C VAL C 90 39.31 16.26 -15.06
N SER C 91 38.86 15.96 -16.28
CA SER C 91 38.85 16.92 -17.37
C SER C 91 37.63 16.65 -18.23
N GLY C 92 37.22 17.66 -18.99
CA GLY C 92 36.11 17.53 -19.91
C GLY C 92 34.85 18.27 -19.51
N LEU C 93 34.76 18.75 -18.27
CA LEU C 93 33.58 19.48 -17.84
C LEU C 93 33.54 20.86 -18.49
N SER C 94 32.33 21.34 -18.76
CA SER C 94 32.18 22.66 -19.35
C SER C 94 32.58 23.74 -18.36
N SER C 95 32.65 24.98 -18.87
CA SER C 95 33.09 26.10 -18.05
C SER C 95 32.15 26.31 -16.87
N GLY C 96 32.73 26.61 -15.71
CA GLY C 96 31.99 26.80 -14.48
C GLY C 96 31.93 25.57 -13.60
N TRP C 97 32.21 24.40 -14.14
CA TRP C 97 32.16 23.15 -13.40
C TRP C 97 33.56 22.72 -12.98
N GLN C 98 33.70 22.24 -11.75
CA GLN C 98 34.92 21.65 -11.26
C GLN C 98 34.73 20.14 -11.11
N THR C 99 35.86 19.42 -11.09
CA THR C 99 35.80 17.97 -10.98
C THR C 99 35.10 17.54 -9.70
N GLY C 100 35.32 18.29 -8.61
CA GLY C 100 34.67 17.99 -7.34
C GLY C 100 33.16 18.11 -7.39
N ASP C 101 32.63 18.90 -8.33
CA ASP C 101 31.19 19.12 -8.41
C ASP C 101 30.40 17.87 -8.79
N THR C 102 31.08 16.77 -9.12
CA THR C 102 30.41 15.52 -9.46
C THR C 102 30.51 14.47 -8.36
N GLU C 103 31.10 14.82 -7.22
CA GLU C 103 31.27 13.85 -6.15
C GLU C 103 29.92 13.59 -5.47
N PRO C 104 29.49 12.34 -5.36
CA PRO C 104 28.24 12.05 -4.66
C PRO C 104 28.31 12.40 -3.18
N SER C 105 27.15 12.53 -2.56
CA SER C 105 27.06 12.84 -1.14
C SER C 105 26.98 11.59 -0.27
N SER C 106 27.12 10.41 -0.86
CA SER C 106 27.12 9.17 -0.09
C SER C 106 27.94 8.13 -0.82
N THR C 107 28.36 7.11 -0.08
CA THR C 107 29.13 6.00 -0.61
C THR C 107 28.28 4.75 -0.84
N ILE C 108 26.97 4.83 -0.59
CA ILE C 108 26.10 3.68 -0.73
C ILE C 108 26.16 3.12 -2.16
N ASP C 109 26.19 1.80 -2.26
CA ASP C 109 26.25 1.13 -3.55
C ASP C 109 25.10 0.14 -3.68
N PRO C 110 24.22 0.36 -4.68
CA PRO C 110 24.28 1.47 -5.64
C PRO C 110 23.60 2.75 -5.16
N LEU C 111 24.04 3.89 -5.71
CA LEU C 111 23.39 5.15 -5.39
C LEU C 111 22.04 5.26 -6.10
N SER C 112 21.96 4.77 -7.33
CA SER C 112 20.71 4.73 -8.07
C SER C 112 20.91 3.80 -9.25
N THR C 113 19.83 3.13 -9.64
CA THR C 113 19.85 2.23 -10.78
C THR C 113 18.80 2.66 -11.80
N THR C 114 19.13 2.49 -13.08
CA THR C 114 18.19 2.77 -14.16
C THR C 114 18.38 1.72 -15.24
N PHE C 115 17.41 1.66 -16.15
CA PHE C 115 17.45 0.73 -17.26
C PHE C 115 17.72 1.49 -18.55
N ALA C 116 18.53 0.90 -19.42
CA ALA C 116 18.85 1.48 -20.71
C ALA C 116 18.36 0.56 -21.82
N ALA C 117 17.73 1.14 -22.83
CA ALA C 117 17.25 0.38 -23.97
C ALA C 117 18.37 0.29 -25.01
N VAL C 118 18.62 -0.93 -25.49
CA VAL C 118 19.71 -1.16 -26.44
C VAL C 118 19.19 -2.03 -27.58
N GLN C 119 19.95 -2.02 -28.67
CA GLN C 119 19.74 -2.96 -29.78
C GLN C 119 21.06 -3.64 -30.07
N PHE C 120 21.08 -4.97 -29.92
CA PHE C 120 22.26 -5.74 -30.24
C PHE C 120 22.22 -6.12 -31.72
N LEU C 121 23.31 -5.83 -32.43
CA LEU C 121 23.41 -6.12 -33.85
C LEU C 121 24.19 -7.42 -34.03
N ASN C 122 23.55 -8.43 -34.61
CA ASN C 122 24.17 -9.74 -34.82
C ASN C 122 23.83 -10.23 -36.22
N ASN C 123 24.84 -10.26 -37.09
CA ASN C 123 24.71 -10.75 -38.47
C ASN C 123 23.52 -10.10 -39.19
N GLY C 124 23.45 -8.78 -39.12
CA GLY C 124 22.45 -8.03 -39.85
C GLY C 124 21.09 -7.96 -39.21
N GLN C 125 20.93 -8.48 -37.99
CA GLN C 125 19.67 -8.39 -37.25
C GLN C 125 19.89 -7.59 -35.98
N ARG C 126 18.97 -6.66 -35.70
CA ARG C 126 18.99 -5.89 -34.46
C ARG C 126 18.02 -6.53 -33.48
N ILE C 127 18.52 -6.86 -32.29
CA ILE C 127 17.73 -7.53 -31.27
C ILE C 127 17.55 -6.57 -30.10
N ASP C 128 16.29 -6.28 -29.78
CA ASP C 128 15.97 -5.37 -28.68
C ASP C 128 16.26 -6.00 -27.33
N ALA C 129 16.94 -5.26 -26.47
CA ALA C 129 17.26 -5.72 -25.13
C ALA C 129 17.32 -4.52 -24.21
N PHE C 130 17.41 -4.79 -22.91
CA PHE C 130 17.47 -3.75 -21.91
C PHE C 130 18.71 -3.96 -21.07
N ARG C 131 19.22 -2.86 -20.52
CA ARG C 131 20.46 -2.90 -19.77
C ARG C 131 20.30 -2.15 -18.46
N ILE C 132 20.53 -2.82 -17.33
CA ILE C 132 20.44 -2.17 -16.02
C ILE C 132 21.78 -1.51 -15.71
N MET C 133 21.72 -0.26 -15.22
CA MET C 133 22.90 0.54 -14.94
C MET C 133 22.76 1.13 -13.54
N GLY C 134 23.81 1.05 -12.75
CA GLY C 134 23.79 1.59 -11.41
C GLY C 134 25.00 2.45 -11.12
N VAL C 135 24.77 3.58 -10.48
CA VAL C 135 25.86 4.42 -9.99
C VAL C 135 26.44 3.76 -8.75
N SER C 136 27.71 3.36 -8.83
CA SER C 136 28.30 2.49 -7.82
C SER C 136 29.53 3.07 -7.13
N GLU C 137 30.35 3.87 -7.81
CA GLU C 137 31.62 4.27 -7.24
C GLU C 137 32.06 5.60 -7.84
N TRP C 138 32.74 6.39 -7.02
CA TRP C 138 33.33 7.66 -7.44
C TRP C 138 34.70 7.76 -6.78
N THR C 139 35.75 7.81 -7.59
CA THR C 139 37.12 7.76 -7.08
C THR C 139 37.94 8.88 -7.72
N ASP C 140 38.20 9.94 -6.95
CA ASP C 140 39.06 11.04 -7.36
C ASP C 140 38.69 11.54 -8.77
N GLY C 141 37.40 11.74 -8.99
CA GLY C 141 36.89 12.28 -10.24
C GLY C 141 36.47 11.26 -11.27
N GLU C 142 36.64 9.96 -11.00
CA GLU C 142 36.21 8.90 -11.91
C GLU C 142 34.90 8.33 -11.38
N LEU C 143 33.83 8.49 -12.18
CA LEU C 143 32.53 7.94 -11.83
C LEU C 143 32.37 6.56 -12.47
N GLU C 144 32.04 5.57 -11.64
CA GLU C 144 31.92 4.19 -12.09
C GLU C 144 30.45 3.81 -12.10
N ILE C 145 29.92 3.55 -13.29
CA ILE C 145 28.53 3.13 -13.47
C ILE C 145 28.55 1.66 -13.85
N LYS C 146 28.14 0.81 -12.92
CA LYS C 146 28.16 -0.62 -13.16
C LYS C 146 26.97 -1.04 -14.00
N ASN C 147 27.22 -1.95 -14.93
CA ASN C 147 26.17 -2.58 -15.71
C ASN C 147 26.02 -4.00 -15.17
N TYR C 148 25.06 -4.19 -14.27
CA TYR C 148 24.89 -5.48 -13.62
C TYR C 148 24.53 -6.56 -14.61
N GLY C 149 23.67 -6.26 -15.57
CA GLY C 149 23.25 -7.27 -16.53
C GLY C 149 22.01 -6.86 -17.29
N GLY C 150 21.30 -7.87 -17.77
CA GLY C 150 20.06 -7.67 -18.49
C GLY C 150 19.87 -8.80 -19.47
N THR C 151 18.82 -8.68 -20.29
CA THR C 151 18.71 -9.57 -21.43
C THR C 151 19.87 -9.35 -22.38
N TYR C 152 20.46 -10.45 -22.86
CA TYR C 152 21.71 -10.38 -23.59
C TYR C 152 21.68 -11.38 -24.73
N THR C 153 22.40 -11.05 -25.79
CA THR C 153 22.57 -11.96 -26.91
C THR C 153 23.90 -11.66 -27.58
N GLY C 154 24.46 -12.67 -28.22
CA GLY C 154 25.70 -12.50 -28.96
C GLY C 154 25.56 -11.41 -29.99
N HIS C 155 26.51 -10.49 -30.05
CA HIS C 155 26.38 -9.34 -30.93
C HIS C 155 27.75 -8.81 -31.31
N THR C 156 27.76 -8.02 -32.38
CA THR C 156 28.94 -7.33 -32.86
C THR C 156 28.94 -5.85 -32.51
N GLN C 157 27.78 -5.25 -32.31
CA GLN C 157 27.69 -3.83 -32.03
C GLN C 157 26.42 -3.55 -31.25
N VAL C 158 26.44 -2.48 -30.45
CA VAL C 158 25.31 -2.09 -29.62
C VAL C 158 24.83 -0.71 -30.03
N TYR C 159 23.51 -0.56 -30.14
CA TYR C 159 22.87 0.74 -30.34
C TYR C 159 22.15 1.12 -29.07
N TRP C 160 22.54 2.24 -28.47
CA TRP C 160 22.01 2.67 -27.17
C TRP C 160 20.98 3.78 -27.38
N ALA C 161 19.79 3.57 -26.82
CA ALA C 161 18.79 4.62 -26.78
C ALA C 161 19.21 5.68 -25.77
N PRO C 162 18.61 6.88 -25.84
CA PRO C 162 18.87 7.88 -24.81
C PRO C 162 18.43 7.38 -23.43
N TRP C 163 19.12 7.85 -22.41
CA TRP C 163 18.79 7.46 -21.05
C TRP C 163 19.44 8.44 -20.08
N THR C 164 18.82 8.59 -18.91
CA THR C 164 19.32 9.47 -17.88
C THR C 164 19.49 8.70 -16.57
N ILE C 165 20.47 9.12 -15.77
CA ILE C 165 20.70 8.56 -14.45
C ILE C 165 21.17 9.69 -13.54
N MET C 166 20.74 9.64 -12.27
CA MET C 166 21.06 10.69 -11.31
C MET C 166 21.39 10.08 -9.97
N TYR C 167 22.17 10.82 -9.18
CA TYR C 167 22.59 10.40 -7.85
C TYR C 167 22.73 11.63 -6.97
N PRO C 168 22.64 11.48 -5.65
CA PRO C 168 22.72 12.65 -4.77
C PRO C 168 24.12 13.27 -4.80
N CYS C 169 24.16 14.60 -4.93
CA CYS C 169 25.41 15.36 -4.93
C CYS C 169 25.20 16.69 -4.24
N ASN C 170 26.02 17.00 -3.24
CA ASN C 170 25.85 18.20 -2.44
C ASN C 170 26.95 19.24 -2.61
N VAL C 171 27.79 19.11 -3.64
CA VAL C 171 28.87 20.05 -3.86
C VAL C 171 28.35 21.22 -4.70
N ARG C 172 29.10 22.32 -4.70
CA ARG C 172 28.80 23.49 -5.53
C ARG C 172 28.68 23.15 -7.01
N ASP D 1 -9.99 -28.10 -32.21
CA ASP D 1 -9.23 -27.16 -31.38
C ASP D 1 -8.93 -27.75 -30.00
N ILE D 2 -9.32 -27.03 -28.95
CA ILE D 2 -9.04 -27.42 -27.57
C ILE D 2 -10.36 -27.88 -26.95
N VAL D 3 -10.50 -29.19 -26.76
CA VAL D 3 -11.74 -29.79 -26.27
C VAL D 3 -11.56 -30.20 -24.81
N LEU D 4 -12.59 -29.96 -24.01
CA LEU D 4 -12.64 -30.36 -22.61
C LEU D 4 -13.82 -31.30 -22.39
N THR D 5 -13.65 -32.27 -21.49
CA THR D 5 -14.70 -33.22 -21.18
C THR D 5 -14.80 -33.39 -19.68
N GLN D 6 -15.96 -33.10 -19.11
CA GLN D 6 -16.17 -33.22 -17.68
C GLN D 6 -16.60 -34.63 -17.30
N SER D 7 -16.44 -34.94 -16.01
CA SER D 7 -16.86 -36.22 -15.47
C SER D 7 -17.31 -36.06 -14.02
N PRO D 8 -18.51 -36.57 -13.68
CA PRO D 8 -19.45 -37.25 -14.56
C PRO D 8 -20.55 -36.34 -15.10
N ALA D 9 -21.52 -36.92 -15.80
CA ALA D 9 -22.63 -36.15 -16.36
C ALA D 9 -23.63 -35.75 -15.28
N SER D 10 -23.86 -36.65 -14.31
CA SER D 10 -24.77 -36.40 -13.20
C SER D 10 -24.11 -36.87 -11.92
N LEU D 11 -24.21 -36.05 -10.87
CA LEU D 11 -23.55 -36.31 -9.59
C LEU D 11 -24.59 -36.28 -8.48
N ALA D 12 -24.77 -37.41 -7.80
CA ALA D 12 -25.70 -37.51 -6.69
C ALA D 12 -24.92 -37.51 -5.38
N VAL D 13 -24.97 -36.38 -4.66
CA VAL D 13 -24.24 -36.25 -3.42
C VAL D 13 -25.17 -35.73 -2.34
N SER D 14 -24.89 -36.12 -1.11
CA SER D 14 -25.60 -35.62 0.06
C SER D 14 -24.90 -34.38 0.60
N LEU D 15 -25.65 -33.58 1.36
CA LEU D 15 -25.07 -32.36 1.91
C LEU D 15 -23.89 -32.66 2.82
N GLY D 16 -22.91 -31.76 2.82
CA GLY D 16 -21.70 -31.94 3.60
C GLY D 16 -20.82 -33.12 3.21
N GLN D 17 -20.98 -33.64 2.00
CA GLN D 17 -20.18 -34.74 1.49
C GLN D 17 -19.61 -34.22 0.21
N ARG D 18 -18.29 -34.35 0.02
CA ARG D 18 -17.66 -33.72 -1.13
C ARG D 18 -17.94 -34.47 -2.42
N ALA D 19 -18.37 -33.73 -3.43
CA ALA D 19 -18.59 -34.21 -4.78
C ALA D 19 -17.52 -33.60 -5.67
N THR D 20 -16.74 -34.45 -6.34
CA THR D 20 -15.60 -34.01 -7.12
C THR D 20 -15.92 -34.11 -8.60
N ILE D 21 -15.76 -33.00 -9.31
CA ILE D 21 -15.98 -32.92 -10.75
C ILE D 21 -14.64 -32.74 -11.43
N SER D 22 -14.34 -33.62 -12.37
CA SER D 22 -13.06 -33.64 -13.08
C SER D 22 -13.26 -33.11 -14.50
N CYS D 23 -12.46 -32.12 -14.87
CA CYS D 23 -12.45 -31.57 -16.23
C CYS D 23 -11.11 -31.92 -16.87
N ARG D 24 -11.16 -32.62 -17.99
CA ARG D 24 -9.97 -33.07 -18.69
C ARG D 24 -9.88 -32.35 -20.03
N ALA D 25 -8.70 -31.84 -20.35
CA ALA D 25 -8.49 -31.01 -21.52
C ALA D 25 -7.69 -31.75 -22.57
N SER D 26 -8.04 -31.53 -23.84
CA SER D 26 -7.31 -32.13 -24.94
C SER D 26 -5.83 -31.75 -24.89
N LYS D 27 -5.54 -30.49 -24.57
CA LYS D 27 -4.18 -30.01 -24.45
C LYS D 27 -4.03 -29.32 -23.10
N SER D 28 -2.78 -29.23 -22.64
CA SER D 28 -2.49 -28.65 -21.34
C SER D 28 -2.84 -27.17 -21.33
N VAL D 29 -3.80 -26.79 -20.49
CA VAL D 29 -4.19 -25.39 -20.38
C VAL D 29 -3.26 -24.59 -19.49
N SER D 30 -2.32 -25.24 -18.81
CA SER D 30 -1.38 -24.53 -17.95
C SER D 30 -0.14 -24.12 -18.73
N THR D 31 0.31 -22.90 -18.50
CA THR D 31 1.50 -22.36 -19.15
C THR D 31 2.29 -21.52 -18.15
N SER D 32 3.59 -21.79 -18.04
CA SER D 32 4.51 -20.99 -17.22
C SER D 32 4.06 -20.94 -15.75
N GLY D 33 3.61 -22.08 -15.25
CA GLY D 33 3.21 -22.21 -13.85
C GLY D 33 1.83 -21.70 -13.51
N TYR D 34 1.09 -21.14 -14.48
CA TYR D 34 -0.27 -20.67 -14.26
C TYR D 34 -1.24 -21.55 -15.03
N SER D 35 -2.40 -21.83 -14.42
CA SER D 35 -3.45 -22.65 -15.01
C SER D 35 -4.64 -21.75 -15.36
N TYR D 36 -5.02 -21.74 -16.63
CA TYR D 36 -6.02 -20.80 -17.13
C TYR D 36 -7.36 -21.53 -17.30
N MET D 37 -8.05 -21.76 -16.18
CA MET D 37 -9.33 -22.43 -16.20
C MET D 37 -10.31 -21.68 -15.31
N GLN D 38 -11.60 -21.83 -15.60
CA GLN D 38 -12.65 -21.18 -14.82
C GLN D 38 -13.82 -22.13 -14.64
N TRP D 39 -14.48 -22.02 -13.49
CA TRP D 39 -15.65 -22.83 -13.16
C TRP D 39 -16.85 -21.92 -12.90
N TYR D 40 -18.04 -22.37 -13.28
CA TYR D 40 -19.23 -21.55 -13.22
C TYR D 40 -20.38 -22.34 -12.59
N GLN D 41 -21.25 -21.62 -11.89
CA GLN D 41 -22.48 -22.19 -11.32
C GLN D 41 -23.66 -21.49 -12.00
N GLN D 42 -24.35 -22.21 -12.87
CA GLN D 42 -25.50 -21.66 -13.60
C GLN D 42 -26.76 -22.18 -12.94
N LYS D 43 -27.46 -21.30 -12.24
CA LYS D 43 -28.72 -21.65 -11.60
C LYS D 43 -29.81 -21.82 -12.65
N PRO D 44 -30.89 -22.53 -12.33
CA PRO D 44 -31.96 -22.70 -13.31
C PRO D 44 -32.58 -21.36 -13.68
N GLY D 45 -32.58 -21.07 -14.97
CA GLY D 45 -33.10 -19.82 -15.49
C GLY D 45 -32.21 -18.61 -15.30
N GLN D 46 -31.05 -18.76 -14.67
CA GLN D 46 -30.15 -17.64 -14.47
C GLN D 46 -28.85 -17.83 -15.23
N PRO D 47 -28.15 -16.76 -15.59
CA PRO D 47 -26.86 -16.88 -16.27
C PRO D 47 -25.81 -17.44 -15.32
N PRO D 48 -24.74 -18.01 -15.85
CA PRO D 48 -23.73 -18.63 -14.96
C PRO D 48 -22.97 -17.58 -14.17
N LYS D 49 -22.75 -17.88 -12.90
CA LYS D 49 -21.96 -17.03 -12.01
C LYS D 49 -20.59 -17.65 -11.84
N LEU D 50 -19.55 -16.84 -12.08
CA LEU D 50 -18.19 -17.34 -11.98
C LEU D 50 -17.87 -17.73 -10.55
N LEU D 51 -17.32 -18.93 -10.38
CA LEU D 51 -16.93 -19.46 -9.07
C LEU D 51 -15.44 -19.32 -8.81
N ILE D 52 -14.62 -19.82 -9.73
CA ILE D 52 -13.17 -19.87 -9.55
C ILE D 52 -12.50 -19.26 -10.79
N TYR D 53 -11.51 -18.39 -10.57
CA TYR D 53 -10.74 -17.81 -11.67
C TYR D 53 -9.32 -18.34 -11.57
N LEU D 54 -8.70 -18.55 -12.73
CA LEU D 54 -7.37 -19.18 -12.84
C LEU D 54 -7.45 -20.51 -12.10
N ALA D 55 -6.51 -20.85 -11.23
CA ALA D 55 -6.54 -22.11 -10.50
C ALA D 55 -6.73 -21.84 -9.02
N SER D 56 -7.81 -22.39 -8.46
CA SER D 56 -8.03 -22.38 -7.00
C SER D 56 -8.24 -20.99 -6.41
N ASN D 57 -8.69 -20.02 -7.21
CA ASN D 57 -8.94 -18.67 -6.70
C ASN D 57 -10.45 -18.40 -6.67
N LEU D 58 -10.95 -17.94 -5.53
CA LEU D 58 -12.39 -17.69 -5.36
C LEU D 58 -12.72 -16.25 -5.71
N GLU D 59 -13.73 -16.08 -6.55
CA GLU D 59 -14.22 -14.76 -6.91
C GLU D 59 -14.89 -14.10 -5.70
N SER D 60 -14.97 -12.77 -5.75
CA SER D 60 -15.61 -12.01 -4.67
C SER D 60 -17.06 -12.45 -4.50
N GLY D 61 -17.48 -12.59 -3.25
CA GLY D 61 -18.84 -13.00 -2.96
C GLY D 61 -19.14 -14.46 -3.19
N VAL D 62 -18.12 -15.31 -3.27
CA VAL D 62 -18.25 -16.75 -3.49
C VAL D 62 -17.99 -17.49 -2.19
N PRO D 63 -18.78 -18.53 -1.87
CA PRO D 63 -18.58 -19.23 -0.59
C PRO D 63 -17.19 -19.85 -0.50
N VAL D 64 -16.68 -19.91 0.74
CA VAL D 64 -15.34 -20.44 0.96
C VAL D 64 -15.26 -21.94 0.69
N ARG D 65 -16.39 -22.64 0.81
CA ARG D 65 -16.40 -24.09 0.61
C ARG D 65 -15.95 -24.49 -0.80
N PHE D 66 -16.32 -23.71 -1.81
CA PHE D 66 -15.97 -24.07 -3.19
C PHE D 66 -14.46 -23.96 -3.39
N SER D 67 -13.85 -25.06 -3.82
CA SER D 67 -12.41 -25.07 -4.07
C SER D 67 -12.11 -26.07 -5.17
N GLY D 68 -11.13 -25.73 -6.01
CA GLY D 68 -10.69 -26.63 -7.06
C GLY D 68 -9.19 -26.60 -7.15
N SER D 69 -8.61 -27.75 -7.48
CA SER D 69 -7.17 -27.90 -7.64
C SER D 69 -6.88 -28.83 -8.81
N GLY D 70 -5.76 -28.59 -9.48
CA GLY D 70 -5.40 -29.42 -10.61
C GLY D 70 -4.33 -28.81 -11.48
N SER D 71 -3.70 -29.67 -12.27
CA SER D 71 -2.64 -29.29 -13.20
C SER D 71 -3.20 -29.10 -14.61
N GLY D 72 -2.29 -28.80 -15.53
CA GLY D 72 -2.70 -28.36 -16.87
C GLY D 72 -3.57 -29.35 -17.62
N THR D 73 -3.20 -30.63 -17.61
CA THR D 73 -3.91 -31.61 -18.43
C THR D 73 -5.34 -31.80 -17.96
N ASP D 74 -5.54 -31.97 -16.65
CA ASP D 74 -6.87 -32.19 -16.09
C ASP D 74 -7.00 -31.42 -14.77
N PHE D 75 -8.20 -30.93 -14.52
CA PHE D 75 -8.51 -30.16 -13.31
C PHE D 75 -9.72 -30.77 -12.61
N THR D 76 -9.65 -30.83 -11.28
CA THR D 76 -10.73 -31.36 -10.47
C THR D 76 -11.09 -30.37 -9.37
N LEU D 77 -12.39 -30.25 -9.07
CA LEU D 77 -12.83 -29.45 -7.94
C LEU D 77 -13.60 -30.34 -6.97
N ASN D 78 -13.30 -30.18 -5.68
CA ASN D 78 -13.95 -30.95 -4.62
C ASN D 78 -14.51 -29.94 -3.62
N ILE D 79 -15.72 -30.20 -3.12
CA ILE D 79 -16.41 -29.27 -2.24
C ILE D 79 -17.03 -30.05 -1.09
N HIS D 80 -16.36 -30.01 0.07
CA HIS D 80 -16.82 -30.87 1.16
C HIS D 80 -18.06 -30.26 1.86
N PRO D 81 -18.12 -28.99 2.24
CA PRO D 81 -19.40 -28.43 2.72
C PRO D 81 -20.31 -28.08 1.55
N VAL D 82 -21.42 -28.80 1.43
CA VAL D 82 -22.37 -28.62 0.33
C VAL D 82 -23.71 -28.30 0.97
N GLU D 83 -24.11 -27.03 0.94
CA GLU D 83 -25.37 -26.62 1.53
C GLU D 83 -26.48 -26.69 0.47
N GLU D 84 -27.66 -26.17 0.81
CA GLU D 84 -28.79 -26.25 -0.12
C GLU D 84 -28.63 -25.29 -1.29
N GLU D 85 -27.84 -24.21 -1.11
CA GLU D 85 -27.76 -23.17 -2.13
C GLU D 85 -27.12 -23.69 -3.42
N ASP D 86 -26.11 -24.55 -3.31
CA ASP D 86 -25.33 -24.98 -4.48
C ASP D 86 -25.86 -26.29 -5.08
N ALA D 87 -27.02 -26.20 -5.73
CA ALA D 87 -27.63 -27.33 -6.40
C ALA D 87 -27.64 -27.21 -7.92
N ALA D 88 -26.99 -26.20 -8.48
CA ALA D 88 -27.06 -25.90 -9.90
C ALA D 88 -26.05 -26.72 -10.70
N ILE D 89 -26.07 -26.54 -12.02
CA ILE D 89 -25.15 -27.23 -12.93
C ILE D 89 -23.83 -26.46 -13.02
N TYR D 90 -22.75 -27.19 -13.26
CA TYR D 90 -21.39 -26.64 -13.26
C TYR D 90 -20.72 -26.83 -14.62
N TYR D 91 -20.07 -25.78 -15.10
CA TYR D 91 -19.33 -25.80 -16.35
C TYR D 91 -17.86 -25.47 -16.09
N CYS D 92 -16.96 -26.06 -16.86
CA CYS D 92 -15.52 -25.74 -16.81
C CYS D 92 -15.11 -25.08 -18.12
N GLN D 93 -14.33 -24.00 -18.02
CA GLN D 93 -13.95 -23.19 -19.17
C GLN D 93 -12.45 -22.91 -19.12
N HIS D 94 -11.77 -22.91 -20.27
CA HIS D 94 -10.31 -22.71 -20.31
C HIS D 94 -9.97 -21.39 -20.99
N SER D 95 -8.98 -20.69 -20.45
CA SER D 95 -8.67 -19.35 -20.94
C SER D 95 -7.38 -19.30 -21.74
N ARG D 96 -6.74 -20.43 -22.00
CA ARG D 96 -5.45 -20.41 -22.67
C ARG D 96 -5.59 -20.08 -24.16
N GLU D 97 -6.38 -20.85 -24.89
CA GLU D 97 -6.43 -20.70 -26.34
C GLU D 97 -7.28 -19.49 -26.72
N LEU D 98 -7.07 -19.00 -27.94
CA LEU D 98 -7.83 -17.85 -28.43
C LEU D 98 -9.34 -18.10 -28.44
N PRO D 99 -9.85 -19.25 -28.86
CA PRO D 99 -11.27 -19.54 -28.66
C PRO D 99 -11.49 -20.33 -27.39
N PRO D 100 -12.00 -19.69 -26.33
CA PRO D 100 -12.25 -20.44 -25.09
C PRO D 100 -13.46 -21.35 -25.27
N THR D 101 -13.32 -22.58 -24.78
CA THR D 101 -14.37 -23.58 -24.92
C THR D 101 -14.87 -23.98 -23.54
N PHE D 102 -16.18 -23.90 -23.35
CA PHE D 102 -16.75 -24.37 -22.10
C PHE D 102 -16.77 -25.89 -22.10
N GLY D 103 -16.47 -26.49 -20.96
CA GLY D 103 -16.51 -27.93 -20.82
C GLY D 103 -17.92 -28.46 -20.78
N ALA D 104 -18.03 -29.77 -20.92
CA ALA D 104 -19.34 -30.41 -20.82
C ALA D 104 -19.93 -30.14 -19.44
N GLY D 105 -21.21 -29.82 -19.41
CA GLY D 105 -21.85 -29.52 -18.14
C GLY D 105 -21.95 -30.74 -17.25
N THR D 106 -21.85 -30.51 -15.95
CA THR D 106 -22.03 -31.54 -14.95
C THR D 106 -23.21 -31.12 -14.06
N LYS D 107 -24.14 -32.04 -13.83
CA LYS D 107 -25.34 -31.77 -13.06
C LYS D 107 -25.22 -32.36 -11.67
N LEU D 108 -25.40 -31.51 -10.66
CA LEU D 108 -25.34 -31.91 -9.26
C LEU D 108 -26.75 -31.97 -8.71
N GLU D 109 -27.09 -33.08 -8.08
CA GLU D 109 -28.42 -33.28 -7.48
C GLU D 109 -28.24 -33.55 -5.99
N LEU D 110 -28.79 -32.66 -5.17
CA LEU D 110 -28.77 -32.86 -3.73
C LEU D 110 -29.84 -33.89 -3.35
N LYS D 111 -29.45 -34.83 -2.48
CA LYS D 111 -30.29 -35.98 -2.19
C LYS D 111 -31.16 -35.71 -0.97
N ALA D 112 -32.47 -35.93 -1.12
CA ALA D 112 -33.41 -35.86 -0.01
C ALA D 112 -34.56 -36.82 -0.28
N ASP D 113 -35.33 -37.10 0.77
CA ASP D 113 -36.48 -37.99 0.67
C ASP D 113 -37.65 -37.41 1.45
N ALA D 114 -38.82 -37.34 0.82
CA ALA D 114 -40.00 -36.79 1.48
C ALA D 114 -41.25 -37.24 0.73
N ALA D 115 -42.36 -37.25 1.45
CA ALA D 115 -43.63 -37.67 0.87
C ALA D 115 -44.15 -36.57 -0.06
N PRO D 116 -44.97 -36.92 -1.04
CA PRO D 116 -45.47 -35.92 -1.99
C PRO D 116 -46.68 -35.17 -1.44
N THR D 117 -47.02 -34.08 -2.13
CA THR D 117 -48.17 -33.26 -1.78
C THR D 117 -48.92 -32.91 -3.05
N VAL D 118 -50.20 -33.27 -3.11
CA VAL D 118 -51.01 -33.12 -4.31
C VAL D 118 -52.06 -32.03 -4.08
N SER D 119 -52.30 -31.23 -5.11
CA SER D 119 -53.31 -30.17 -5.07
C SER D 119 -54.05 -30.13 -6.39
N ILE D 120 -55.39 -30.07 -6.32
CA ILE D 120 -56.25 -30.07 -7.50
C ILE D 120 -57.02 -28.76 -7.55
N PHE D 121 -57.20 -28.23 -8.77
CA PHE D 121 -57.88 -26.96 -8.99
C PHE D 121 -58.79 -27.03 -10.20
N PRO D 122 -60.01 -26.49 -10.10
CA PRO D 122 -60.94 -26.51 -11.25
C PRO D 122 -60.55 -25.47 -12.28
N PRO D 123 -61.11 -25.54 -13.48
CA PRO D 123 -60.78 -24.53 -14.51
C PRO D 123 -61.39 -23.17 -14.21
N SER D 124 -60.87 -22.16 -14.91
CA SER D 124 -61.31 -20.79 -14.68
C SER D 124 -62.57 -20.50 -15.46
N SER D 125 -63.39 -19.58 -14.93
CA SER D 125 -64.59 -19.16 -15.63
C SER D 125 -64.26 -18.32 -16.85
N GLU D 126 -63.26 -17.44 -16.73
CA GLU D 126 -62.86 -16.63 -17.89
C GLU D 126 -62.30 -17.50 -19.00
N GLN D 127 -61.62 -18.58 -18.65
CA GLN D 127 -61.14 -19.51 -19.68
C GLN D 127 -62.29 -20.29 -20.31
N LEU D 128 -63.30 -20.67 -19.51
CA LEU D 128 -64.45 -21.37 -20.07
C LEU D 128 -65.23 -20.50 -21.05
N THR D 129 -65.31 -19.19 -20.76
CA THR D 129 -65.95 -18.27 -21.69
C THR D 129 -65.21 -18.20 -23.02
N SER D 130 -63.89 -18.39 -23.00
CA SER D 130 -63.11 -18.41 -24.23
C SER D 130 -63.54 -19.55 -25.15
N GLY D 131 -64.01 -20.66 -24.57
CA GLY D 131 -64.47 -21.80 -25.32
C GLY D 131 -63.64 -23.05 -25.18
N GLY D 132 -62.54 -22.99 -24.42
CA GLY D 132 -61.73 -24.16 -24.14
C GLY D 132 -61.60 -24.34 -22.64
N ALA D 133 -61.74 -25.57 -22.17
CA ALA D 133 -61.62 -25.90 -20.76
C ALA D 133 -60.31 -26.64 -20.54
N SER D 134 -59.47 -26.10 -19.67
CA SER D 134 -58.20 -26.72 -19.31
C SER D 134 -58.03 -26.70 -17.81
N VAL D 135 -57.75 -27.86 -17.23
CA VAL D 135 -57.61 -28.03 -15.79
C VAL D 135 -56.15 -28.35 -15.47
N VAL D 136 -55.61 -27.73 -14.42
CA VAL D 136 -54.22 -27.89 -14.04
C VAL D 136 -54.14 -28.36 -12.59
N CYS D 137 -53.43 -29.45 -12.36
CA CYS D 137 -53.16 -29.96 -11.02
C CYS D 137 -51.67 -29.98 -10.75
N PHE D 138 -51.26 -29.33 -9.66
CA PHE D 138 -49.86 -29.19 -9.28
C PHE D 138 -49.58 -30.01 -8.03
N LEU D 139 -48.55 -30.85 -8.12
CA LEU D 139 -48.08 -31.64 -6.98
C LEU D 139 -46.71 -31.07 -6.63
N ASN D 140 -46.60 -30.51 -5.43
CA ASN D 140 -45.42 -29.76 -5.03
C ASN D 140 -44.65 -30.47 -3.93
N ASN D 141 -43.33 -30.27 -3.94
CA ASN D 141 -42.43 -30.69 -2.87
C ASN D 141 -42.46 -32.22 -2.66
N PHE D 142 -42.12 -32.94 -3.72
CA PHE D 142 -42.02 -34.40 -3.73
C PHE D 142 -40.65 -34.84 -4.21
N TYR D 143 -40.12 -35.90 -3.57
CA TYR D 143 -38.87 -36.51 -4.02
C TYR D 143 -38.95 -38.03 -3.88
N PRO D 144 -38.48 -38.78 -4.90
CA PRO D 144 -37.82 -38.41 -6.16
C PRO D 144 -38.71 -37.64 -7.15
N LYS D 145 -38.07 -37.14 -8.22
CA LYS D 145 -38.73 -36.31 -9.22
C LYS D 145 -39.78 -37.06 -10.05
N ASP D 146 -39.70 -38.39 -10.13
CA ASP D 146 -40.58 -39.15 -11.02
C ASP D 146 -41.97 -39.28 -10.40
N ILE D 147 -42.95 -38.63 -11.00
CA ILE D 147 -44.35 -38.77 -10.64
C ILE D 147 -45.20 -38.78 -11.89
N ASN D 148 -46.17 -39.69 -11.95
CA ASN D 148 -47.06 -39.83 -13.10
C ASN D 148 -48.44 -39.28 -12.75
N VAL D 149 -49.04 -38.55 -13.68
CA VAL D 149 -50.34 -37.92 -13.50
C VAL D 149 -51.30 -38.44 -14.57
N LYS D 150 -52.45 -38.95 -14.13
CA LYS D 150 -53.47 -39.50 -15.02
C LYS D 150 -54.69 -38.59 -15.00
N TRP D 151 -55.19 -38.25 -16.19
CA TRP D 151 -56.34 -37.38 -16.35
C TRP D 151 -57.54 -38.24 -16.73
N LYS D 152 -58.66 -38.06 -16.01
CA LYS D 152 -59.87 -38.85 -16.22
C LYS D 152 -61.09 -37.96 -16.47
N ILE D 153 -61.87 -38.31 -17.49
CA ILE D 153 -63.11 -37.59 -17.83
C ILE D 153 -64.26 -38.58 -17.73
N ASP D 154 -65.17 -38.34 -16.79
CA ASP D 154 -66.30 -39.25 -16.48
C ASP D 154 -65.80 -40.66 -16.20
N GLY D 155 -64.77 -40.76 -15.36
CA GLY D 155 -64.15 -42.04 -15.12
C GLY D 155 -63.39 -42.61 -16.31
N SER D 156 -63.26 -41.86 -17.39
CA SER D 156 -62.52 -42.28 -18.57
C SER D 156 -61.27 -41.42 -18.71
N GLU D 157 -60.12 -42.08 -18.85
CA GLU D 157 -58.84 -41.40 -18.85
C GLU D 157 -58.40 -41.09 -20.28
N ARG D 158 -58.05 -39.83 -20.52
CA ARG D 158 -57.64 -39.36 -21.84
C ARG D 158 -56.31 -38.62 -21.72
N GLN D 159 -55.33 -39.04 -22.51
CA GLN D 159 -54.01 -38.41 -22.48
C GLN D 159 -53.86 -37.28 -23.50
N ASN D 160 -54.75 -37.20 -24.49
CA ASN D 160 -54.63 -36.20 -25.53
C ASN D 160 -54.93 -34.81 -24.97
N GLY D 161 -54.19 -33.82 -25.45
CA GLY D 161 -54.39 -32.47 -24.95
C GLY D 161 -53.77 -32.19 -23.60
N VAL D 162 -52.84 -33.04 -23.15
CA VAL D 162 -52.23 -32.93 -21.84
C VAL D 162 -50.78 -32.49 -21.98
N LEU D 163 -50.40 -31.49 -21.18
CA LEU D 163 -49.04 -30.98 -21.13
C LEU D 163 -48.57 -31.02 -19.67
N ASN D 164 -47.37 -31.56 -19.46
CA ASN D 164 -46.84 -31.75 -18.12
C ASN D 164 -45.51 -31.04 -17.97
N SER D 165 -45.28 -30.45 -16.80
CA SER D 165 -44.07 -29.68 -16.53
C SER D 165 -43.40 -30.16 -15.25
N TRP D 166 -42.09 -30.36 -15.32
CA TRP D 166 -41.26 -30.65 -14.15
C TRP D 166 -40.33 -29.47 -13.89
N THR D 167 -40.29 -29.01 -12.64
CA THR D 167 -39.39 -27.94 -12.24
C THR D 167 -38.03 -28.50 -11.89
N ASP D 168 -36.97 -27.76 -12.25
CA ASP D 168 -35.62 -28.13 -11.86
C ASP D 168 -35.54 -28.25 -10.35
N GLN D 169 -34.58 -29.06 -9.88
CA GLN D 169 -34.46 -29.36 -8.46
C GLN D 169 -34.41 -28.09 -7.63
N ASP D 170 -35.33 -27.99 -6.68
CA ASP D 170 -35.44 -26.80 -5.85
C ASP D 170 -34.15 -26.55 -5.07
N SER D 171 -33.82 -25.27 -4.90
CA SER D 171 -32.63 -24.88 -4.15
C SER D 171 -32.80 -25.15 -2.66
N LYS D 172 -33.70 -24.39 -2.03
CA LYS D 172 -33.88 -24.49 -0.58
C LYS D 172 -34.63 -25.77 -0.21
N ASP D 173 -35.81 -25.97 -0.80
CA ASP D 173 -36.62 -27.13 -0.44
C ASP D 173 -35.92 -28.43 -0.78
N SER D 174 -35.21 -28.48 -1.91
CA SER D 174 -34.55 -29.69 -2.40
C SER D 174 -35.57 -30.76 -2.78
N THR D 175 -36.79 -30.38 -3.10
CA THR D 175 -37.83 -31.28 -3.51
C THR D 175 -38.44 -30.74 -4.78
N TYR D 176 -38.58 -31.60 -5.80
CA TYR D 176 -39.10 -31.15 -7.07
C TYR D 176 -40.58 -30.78 -6.98
N SER D 177 -41.07 -30.11 -8.02
CA SER D 177 -42.48 -29.79 -8.18
C SER D 177 -42.96 -30.27 -9.53
N MET D 178 -44.27 -30.49 -9.65
CA MET D 178 -44.85 -31.03 -10.86
C MET D 178 -46.12 -30.27 -11.25
N SER D 179 -46.31 -30.13 -12.56
CA SER D 179 -47.50 -29.50 -13.11
C SER D 179 -48.10 -30.43 -14.16
N SER D 180 -49.41 -30.61 -14.10
CA SER D 180 -50.13 -31.41 -15.08
C SER D 180 -51.31 -30.60 -15.58
N THR D 181 -51.40 -30.43 -16.90
CA THR D 181 -52.47 -29.65 -17.51
C THR D 181 -53.06 -30.44 -18.68
N LEU D 182 -54.39 -30.41 -18.78
CA LEU D 182 -55.11 -31.05 -19.87
C LEU D 182 -56.18 -30.11 -20.36
N THR D 183 -56.35 -30.03 -21.69
CA THR D 183 -57.27 -29.11 -22.32
C THR D 183 -58.34 -29.87 -23.07
N LEU D 184 -59.59 -29.45 -22.91
CA LEU D 184 -60.73 -30.09 -23.56
C LEU D 184 -61.71 -29.03 -24.03
N THR D 185 -62.19 -29.16 -25.26
CA THR D 185 -63.11 -28.19 -25.83
C THR D 185 -64.46 -28.22 -25.11
N LYS D 186 -65.09 -27.05 -25.03
CA LYS D 186 -66.34 -26.89 -24.27
C LYS D 186 -67.41 -27.88 -24.69
N ASP D 187 -67.55 -28.14 -25.99
CA ASP D 187 -68.62 -29.01 -26.48
C ASP D 187 -68.50 -30.42 -25.91
N GLU D 188 -67.28 -30.94 -25.82
CA GLU D 188 -67.04 -32.27 -25.23
C GLU D 188 -66.64 -32.21 -23.77
N TYR D 189 -66.32 -31.02 -23.23
CA TYR D 189 -65.93 -30.91 -21.84
C TYR D 189 -67.09 -31.23 -20.90
N GLU D 190 -68.28 -30.69 -21.18
CA GLU D 190 -69.43 -30.90 -20.32
C GLU D 190 -70.06 -32.27 -20.46
N ARG D 191 -69.66 -33.06 -21.46
CA ARG D 191 -70.22 -34.40 -21.62
C ARG D 191 -69.77 -35.33 -20.51
N HIS D 192 -68.62 -35.06 -19.90
CA HIS D 192 -68.08 -35.86 -18.83
C HIS D 192 -68.02 -35.04 -17.55
N ASN D 193 -68.42 -35.67 -16.44
CA ASN D 193 -68.51 -34.99 -15.15
C ASN D 193 -67.43 -35.39 -14.14
N SER D 194 -66.73 -36.50 -14.33
CA SER D 194 -65.77 -36.98 -13.34
C SER D 194 -64.36 -36.66 -13.78
N TYR D 195 -63.58 -36.05 -12.87
CA TYR D 195 -62.20 -35.70 -13.16
C TYR D 195 -61.33 -35.99 -11.95
N THR D 196 -60.29 -36.81 -12.15
CA THR D 196 -59.34 -37.18 -11.09
C THR D 196 -57.91 -37.20 -11.61
N CYS D 197 -56.98 -36.74 -10.78
CA CYS D 197 -55.54 -36.87 -11.05
C CYS D 197 -54.89 -37.72 -9.96
N GLU D 198 -54.10 -38.71 -10.39
CA GLU D 198 -53.50 -39.69 -9.50
C GLU D 198 -51.99 -39.68 -9.70
N ALA D 199 -51.25 -39.75 -8.59
CA ALA D 199 -49.79 -39.68 -8.62
C ALA D 199 -49.22 -40.73 -7.67
N THR D 200 -48.83 -41.88 -8.23
CA THR D 200 -48.17 -42.93 -7.45
C THR D 200 -46.68 -42.65 -7.37
N HIS D 201 -46.11 -42.86 -6.18
CA HIS D 201 -44.73 -42.51 -5.89
C HIS D 201 -44.01 -43.70 -5.26
N LYS D 202 -42.70 -43.52 -5.08
CA LYS D 202 -41.87 -44.53 -4.43
C LYS D 202 -41.92 -44.45 -2.91
N THR D 203 -42.35 -43.32 -2.35
CA THR D 203 -42.45 -43.21 -0.90
C THR D 203 -43.56 -44.10 -0.36
N SER D 204 -44.71 -44.13 -1.02
CA SER D 204 -45.83 -44.99 -0.64
C SER D 204 -46.48 -45.51 -1.91
N THR D 205 -46.77 -46.81 -1.93
CA THR D 205 -47.36 -47.43 -3.11
C THR D 205 -48.75 -46.88 -3.38
N SER D 206 -49.46 -46.43 -2.36
CA SER D 206 -50.79 -45.89 -2.55
C SER D 206 -50.70 -44.51 -3.20
N PRO D 207 -51.61 -44.18 -4.11
CA PRO D 207 -51.53 -42.88 -4.78
C PRO D 207 -52.29 -41.79 -4.04
N ILE D 208 -51.63 -40.65 -3.83
CA ILE D 208 -52.29 -39.50 -3.23
C ILE D 208 -53.07 -38.78 -4.31
N VAL D 209 -54.39 -38.75 -4.16
CA VAL D 209 -55.30 -38.35 -5.22
C VAL D 209 -56.30 -37.35 -4.65
N LYS D 210 -56.54 -36.27 -5.39
CA LYS D 210 -57.58 -35.31 -5.06
C LYS D 210 -58.44 -35.10 -6.29
N SER D 211 -59.75 -35.22 -6.12
CA SER D 211 -60.66 -35.15 -7.25
C SER D 211 -61.78 -34.17 -6.93
N PHE D 212 -62.27 -33.52 -7.97
CA PHE D 212 -63.40 -32.62 -7.87
C PHE D 212 -64.40 -32.92 -8.98
N ASN D 213 -65.69 -32.87 -8.63
CA ASN D 213 -66.81 -33.03 -9.56
C ASN D 213 -67.75 -31.85 -9.49
N ARG D 214 -67.96 -31.22 -10.65
CA ARG D 214 -68.83 -30.06 -10.80
C ARG D 214 -69.12 -29.74 -12.26
N GLN E 1 -26.24 1.00 -9.81
CA GLN E 1 -26.34 -0.42 -10.15
C GLN E 1 -25.41 -0.77 -11.30
N VAL E 2 -24.44 -1.66 -11.05
CA VAL E 2 -23.58 -2.17 -12.11
C VAL E 2 -24.31 -3.36 -12.71
N GLN E 3 -25.11 -3.10 -13.74
CA GLN E 3 -25.92 -4.12 -14.40
C GLN E 3 -25.95 -3.81 -15.89
N LEU E 4 -26.01 -4.87 -16.70
CA LEU E 4 -26.09 -4.71 -18.14
C LEU E 4 -27.26 -5.50 -18.71
N LYS E 5 -28.04 -4.83 -19.58
CA LYS E 5 -29.21 -5.41 -20.21
C LYS E 5 -29.13 -5.24 -21.72
N GLN E 6 -29.55 -6.27 -22.42
CA GLN E 6 -29.54 -6.30 -23.87
C GLN E 6 -30.95 -6.57 -24.38
N SER E 7 -31.30 -5.93 -25.48
CA SER E 7 -32.60 -6.03 -26.10
C SER E 7 -32.48 -6.54 -27.54
N GLY E 8 -33.40 -7.42 -27.93
CA GLY E 8 -33.39 -8.03 -29.24
C GLY E 8 -34.60 -8.91 -29.48
N PRO E 9 -34.92 -9.10 -30.76
CA PRO E 9 -36.06 -9.96 -31.12
C PRO E 9 -35.90 -11.37 -30.55
N GLY E 10 -37.00 -11.91 -30.07
CA GLY E 10 -37.02 -13.24 -29.46
C GLY E 10 -36.96 -14.37 -30.47
N LEU E 11 -37.77 -14.29 -31.52
CA LEU E 11 -37.86 -15.34 -32.53
C LEU E 11 -37.42 -14.77 -33.87
N VAL E 12 -36.58 -15.52 -34.57
CA VAL E 12 -36.06 -15.13 -35.87
C VAL E 12 -36.37 -16.23 -36.88
N GLN E 13 -36.84 -15.83 -38.06
CA GLN E 13 -37.15 -16.77 -39.13
C GLN E 13 -35.85 -17.37 -39.67
N PRO E 14 -35.91 -18.57 -40.26
CA PRO E 14 -34.70 -19.15 -40.87
C PRO E 14 -34.17 -18.23 -41.96
N SER E 15 -32.83 -18.11 -41.99
CA SER E 15 -32.14 -17.26 -42.97
C SER E 15 -32.47 -15.78 -42.78
N GLN E 16 -32.85 -15.43 -41.55
CA GLN E 16 -33.13 -14.06 -41.16
C GLN E 16 -31.93 -13.57 -40.35
N SER E 17 -31.98 -12.31 -39.91
CA SER E 17 -30.91 -11.73 -39.12
C SER E 17 -31.33 -11.70 -37.66
N LEU E 18 -30.53 -12.34 -36.80
CA LEU E 18 -30.75 -12.32 -35.36
C LEU E 18 -29.80 -11.28 -34.77
N SER E 19 -30.37 -10.19 -34.27
CA SER E 19 -29.60 -9.07 -33.74
C SER E 19 -30.02 -8.75 -32.32
N ILE E 20 -29.06 -8.74 -31.41
CA ILE E 20 -29.29 -8.40 -30.01
C ILE E 20 -28.37 -7.25 -29.66
N THR E 21 -28.89 -6.30 -28.87
CA THR E 21 -28.12 -5.13 -28.45
C THR E 21 -27.97 -5.12 -26.94
N CYS E 22 -26.71 -5.05 -26.47
CA CYS E 22 -26.36 -5.12 -25.05
C CYS E 22 -26.02 -3.74 -24.52
N THR E 23 -26.71 -3.34 -23.44
CA THR E 23 -26.58 -2.01 -22.84
C THR E 23 -25.94 -2.12 -21.47
N VAL E 24 -24.93 -1.28 -21.22
CA VAL E 24 -24.15 -1.27 -19.98
C VAL E 24 -24.53 -0.04 -19.18
N SER E 25 -24.74 -0.20 -17.87
CA SER E 25 -25.12 0.89 -17.00
C SER E 25 -24.12 1.21 -15.89
N GLY E 26 -23.32 0.23 -15.44
CA GLY E 26 -22.45 0.45 -14.31
C GLY E 26 -20.99 0.63 -14.64
N PHE E 27 -20.54 0.09 -15.76
CA PHE E 27 -19.15 0.16 -16.16
C PHE E 27 -19.00 0.89 -17.49
N SER E 28 -17.94 1.69 -17.59
CA SER E 28 -17.58 2.32 -18.85
C SER E 28 -17.04 1.29 -19.83
N LEU E 29 -17.63 1.23 -21.02
CA LEU E 29 -17.20 0.26 -22.02
C LEU E 29 -15.77 0.50 -22.48
N THR E 30 -15.22 1.68 -22.24
CA THR E 30 -13.83 1.97 -22.62
C THR E 30 -12.82 1.23 -21.76
N ASN E 31 -13.24 0.65 -20.62
CA ASN E 31 -12.35 -0.09 -19.75
C ASN E 31 -12.64 -1.59 -19.73
N TYR E 32 -13.78 -2.03 -20.28
CA TYR E 32 -14.17 -3.43 -20.24
C TYR E 32 -14.39 -3.96 -21.64
N ALA E 33 -14.13 -5.25 -21.82
CA ALA E 33 -14.43 -5.96 -23.05
C ALA E 33 -15.71 -6.77 -22.85
N ILE E 34 -16.61 -6.68 -23.82
CA ILE E 34 -17.91 -7.35 -23.75
C ILE E 34 -17.85 -8.56 -24.67
N HIS E 35 -18.08 -9.75 -24.10
CA HIS E 35 -18.05 -10.99 -24.84
C HIS E 35 -19.46 -11.46 -25.16
N TRP E 36 -19.54 -12.50 -25.99
CA TRP E 36 -20.83 -13.06 -26.40
C TRP E 36 -20.76 -14.57 -26.41
N VAL E 37 -21.69 -15.21 -25.68
CA VAL E 37 -21.76 -16.66 -25.57
C VAL E 37 -23.20 -17.10 -25.80
N ARG E 38 -23.35 -18.29 -26.37
CA ARG E 38 -24.65 -18.89 -26.64
C ARG E 38 -24.72 -20.25 -25.96
N GLN E 39 -25.81 -20.48 -25.20
CA GLN E 39 -26.00 -21.71 -24.45
C GLN E 39 -27.06 -22.56 -25.14
N SER E 40 -26.63 -23.66 -25.75
CA SER E 40 -27.53 -24.55 -26.47
C SER E 40 -27.59 -25.92 -25.80
N PRO E 41 -28.79 -26.53 -25.71
CA PRO E 41 -28.95 -27.88 -25.16
C PRO E 41 -28.48 -28.96 -26.14
N LEU E 45 -22.68 -24.11 -23.50
CA LEU E 45 -22.25 -22.72 -23.64
C LEU E 45 -21.11 -22.62 -24.66
N GLU E 46 -21.31 -21.79 -25.69
CA GLU E 46 -20.37 -21.62 -26.78
C GLU E 46 -19.89 -20.17 -26.83
N TRP E 47 -18.58 -19.98 -26.95
CA TRP E 47 -18.02 -18.63 -27.06
C TRP E 47 -17.98 -18.23 -28.53
N LEU E 48 -18.61 -17.10 -28.85
CA LEU E 48 -18.74 -16.67 -30.23
C LEU E 48 -17.80 -15.53 -30.61
N GLY E 49 -17.81 -14.43 -29.86
CA GLY E 49 -16.99 -13.29 -30.21
C GLY E 49 -16.81 -12.34 -29.05
N VAL E 50 -15.84 -11.45 -29.19
CA VAL E 50 -15.56 -10.44 -28.18
C VAL E 50 -15.19 -9.13 -28.88
N ILE E 51 -15.70 -8.03 -28.36
CA ILE E 51 -15.27 -6.70 -28.75
C ILE E 51 -14.37 -6.18 -27.63
N TRP E 52 -13.10 -5.94 -27.94
CA TRP E 52 -12.17 -5.39 -26.97
C TRP E 52 -12.39 -3.89 -26.82
N SER E 53 -12.01 -3.37 -25.64
CA SER E 53 -12.06 -1.94 -25.43
C SER E 53 -11.15 -1.25 -26.44
N GLY E 54 -11.70 -0.28 -27.17
CA GLY E 54 -11.01 0.35 -28.27
C GLY E 54 -11.48 -0.08 -29.65
N GLY E 55 -12.50 -0.95 -29.72
CA GLY E 55 -13.17 -1.27 -30.96
C GLY E 55 -12.70 -2.53 -31.66
N SER E 56 -11.61 -3.14 -31.20
CA SER E 56 -11.12 -4.36 -31.83
C SER E 56 -12.01 -5.55 -31.49
N THR E 57 -12.28 -6.38 -32.49
CA THR E 57 -13.18 -7.52 -32.36
C THR E 57 -12.50 -8.80 -32.79
N ASP E 58 -12.70 -9.87 -32.01
CA ASP E 58 -12.21 -11.20 -32.35
C ASP E 58 -13.36 -12.18 -32.22
N TYR E 59 -13.57 -12.98 -33.27
CA TYR E 59 -14.71 -13.90 -33.34
C TYR E 59 -14.24 -15.35 -33.32
N ASN E 60 -15.21 -16.24 -33.10
CA ASN E 60 -14.94 -17.67 -33.17
C ASN E 60 -14.48 -18.07 -34.56
N ALA E 61 -13.48 -18.96 -34.61
CA ALA E 61 -12.93 -19.40 -35.89
C ALA E 61 -13.99 -20.03 -36.79
N ALA E 62 -14.88 -20.82 -36.20
CA ALA E 62 -15.88 -21.57 -36.96
C ALA E 62 -17.14 -20.76 -37.24
N PHE E 63 -17.21 -19.50 -36.80
CA PHE E 63 -18.41 -18.70 -36.97
C PHE E 63 -18.13 -17.42 -37.75
N ILE E 64 -16.93 -17.28 -38.32
CA ILE E 64 -16.55 -16.04 -39.00
C ILE E 64 -17.41 -15.81 -40.24
N SER E 65 -17.64 -14.54 -40.55
CA SER E 65 -18.46 -14.04 -41.66
C SER E 65 -19.96 -14.30 -41.50
N ARG E 66 -20.40 -14.99 -40.45
CA ARG E 66 -21.83 -15.17 -40.22
C ARG E 66 -22.32 -14.34 -39.05
N LEU E 67 -21.41 -13.90 -38.19
CA LEU E 67 -21.67 -13.02 -37.05
C LEU E 67 -20.80 -11.77 -37.21
N SER E 68 -21.33 -10.62 -36.81
CA SER E 68 -20.56 -9.38 -36.77
C SER E 68 -20.88 -8.67 -35.48
N ILE E 69 -19.85 -8.11 -34.83
CA ILE E 69 -20.01 -7.45 -33.54
C ILE E 69 -19.45 -6.04 -33.62
N SER E 70 -20.21 -5.09 -33.08
CA SER E 70 -19.81 -3.70 -33.00
C SER E 70 -20.25 -3.18 -31.63
N LYS E 71 -19.64 -2.08 -31.22
CA LYS E 71 -19.98 -1.47 -29.93
C LYS E 71 -19.97 0.04 -30.07
N ASP E 72 -20.74 0.69 -29.21
CA ASP E 72 -20.74 2.15 -29.11
C ASP E 72 -20.44 2.51 -27.67
N ASN E 73 -19.34 3.24 -27.47
CA ASN E 73 -18.89 3.58 -26.12
C ASN E 73 -19.55 4.84 -25.60
N PHE E 74 -19.86 5.79 -26.49
CA PHE E 74 -20.53 7.01 -26.07
C PHE E 74 -21.97 6.73 -25.67
N LYS E 75 -22.56 5.67 -26.23
CA LYS E 75 -23.92 5.26 -25.88
C LYS E 75 -23.94 4.05 -24.95
N SER E 76 -22.77 3.49 -24.62
CA SER E 76 -22.65 2.34 -23.73
C SER E 76 -23.48 1.15 -24.22
N GLN E 77 -23.24 0.77 -25.48
CA GLN E 77 -23.97 -0.32 -26.10
C GLN E 77 -23.02 -1.24 -26.86
N VAL E 78 -23.38 -2.52 -26.91
CA VAL E 78 -22.65 -3.51 -27.70
C VAL E 78 -23.69 -4.19 -28.59
N PHE E 79 -23.42 -4.23 -29.89
CA PHE E 79 -24.37 -4.72 -30.89
C PHE E 79 -23.88 -6.00 -31.52
N PHE E 80 -24.75 -7.01 -31.54
CA PHE E 80 -24.47 -8.30 -32.17
C PHE E 80 -25.46 -8.49 -33.31
N LYS E 81 -24.94 -8.91 -34.47
CA LYS E 81 -25.78 -9.17 -35.63
C LYS E 81 -25.30 -10.43 -36.32
N MET E 82 -26.22 -11.36 -36.54
CA MET E 82 -25.94 -12.61 -37.25
C MET E 82 -26.76 -12.64 -38.52
N ASN E 83 -26.13 -13.02 -39.63
CA ASN E 83 -26.77 -12.93 -40.95
C ASN E 83 -27.52 -14.19 -41.37
N SER E 84 -26.88 -15.35 -41.33
CA SER E 84 -27.47 -16.62 -41.76
C SER E 84 -27.88 -17.51 -40.59
N LEU E 85 -29.16 -17.92 -40.55
CA LEU E 85 -29.70 -18.82 -39.54
C LEU E 85 -30.09 -20.19 -40.11
N GLN E 86 -29.89 -21.23 -39.30
CA GLN E 86 -30.18 -22.62 -39.59
C GLN E 86 -31.06 -23.19 -38.48
N SER E 87 -31.42 -24.47 -38.60
CA SER E 87 -32.11 -25.11 -37.49
C SER E 87 -31.18 -25.31 -36.28
N ASN E 88 -29.90 -25.53 -36.53
CA ASN E 88 -28.94 -25.82 -35.46
C ASN E 88 -28.71 -24.64 -34.53
N ASP E 89 -28.69 -23.41 -35.05
CA ASP E 89 -28.33 -22.25 -34.23
C ASP E 89 -29.53 -21.67 -33.49
N THR E 90 -30.10 -22.52 -32.63
CA THR E 90 -31.13 -22.14 -31.67
C THR E 90 -30.55 -22.24 -30.26
N ALA E 91 -30.49 -21.11 -29.55
CA ALA E 91 -29.90 -21.06 -28.21
C ALA E 91 -30.18 -19.77 -27.45
N ILE E 92 -30.12 -19.84 -26.13
CA ILE E 92 -30.10 -18.62 -25.34
C ILE E 92 -28.74 -17.97 -25.52
N TYR E 93 -28.73 -16.71 -25.93
CA TYR E 93 -27.50 -15.98 -26.18
C TYR E 93 -27.25 -15.00 -25.05
N TYR E 94 -26.00 -14.94 -24.58
CA TYR E 94 -25.65 -14.08 -23.46
C TYR E 94 -24.46 -13.19 -23.82
N CYS E 95 -24.45 -11.97 -23.27
CA CYS E 95 -23.32 -11.06 -23.39
C CYS E 95 -22.60 -11.01 -22.05
N ALA E 96 -21.28 -11.21 -22.09
CA ALA E 96 -20.45 -11.37 -20.91
C ALA E 96 -19.37 -10.29 -20.87
N ARG E 97 -18.87 -10.01 -19.67
CA ARG E 97 -17.98 -8.88 -19.43
C ARG E 97 -16.64 -9.33 -18.87
N LYS E 98 -15.57 -8.69 -19.33
CA LYS E 98 -14.25 -8.86 -18.76
C LYS E 98 -13.57 -7.51 -18.62
N GLU E 99 -12.92 -7.31 -17.48
CA GLU E 99 -12.19 -6.08 -17.24
C GLU E 99 -10.90 -6.09 -18.06
N GLU E 100 -10.46 -4.91 -18.49
CA GLU E 100 -9.23 -4.78 -19.27
C GLU E 100 -8.14 -4.15 -18.41
N LEU E 101 -7.41 -5.00 -17.69
CA LEU E 101 -6.31 -4.54 -16.85
C LEU E 101 -5.00 -5.15 -17.32
N TYR E 102 -3.90 -4.47 -16.96
CA TYR E 102 -2.57 -4.99 -17.28
C TYR E 102 -2.25 -6.26 -16.49
N GLY E 103 -2.98 -6.52 -15.41
CA GLY E 103 -2.70 -7.70 -14.60
C GLY E 103 -2.91 -9.00 -15.35
N TYR E 104 -2.11 -10.00 -14.98
CA TYR E 104 -2.14 -11.37 -15.53
C TYR E 104 -3.23 -12.23 -14.89
N ASP E 105 -4.47 -11.77 -14.99
CA ASP E 105 -5.59 -12.51 -14.44
C ASP E 105 -6.07 -13.66 -15.31
N GLY E 106 -5.37 -13.96 -16.40
CA GLY E 106 -5.83 -14.94 -17.35
C GLY E 106 -7.14 -14.45 -17.93
N TYR E 107 -7.02 -13.46 -18.82
CA TYR E 107 -8.09 -12.54 -19.23
C TYR E 107 -9.29 -13.19 -19.93
N LEU E 108 -9.17 -14.38 -20.48
CA LEU E 108 -10.32 -14.98 -21.19
C LEU E 108 -11.27 -15.63 -20.18
N PHE E 109 -11.93 -14.76 -19.42
CA PHE E 109 -12.97 -15.17 -18.47
C PHE E 109 -14.04 -14.08 -18.43
N PHE E 110 -15.18 -14.43 -17.84
CA PHE E 110 -16.36 -13.58 -17.83
C PHE E 110 -16.78 -13.26 -16.40
N ASP E 111 -16.69 -11.99 -16.02
CA ASP E 111 -16.98 -11.56 -14.65
C ASP E 111 -18.46 -11.52 -14.34
N VAL E 112 -19.25 -10.83 -15.16
CA VAL E 112 -20.68 -10.66 -14.95
C VAL E 112 -21.39 -11.01 -16.24
N TRP E 113 -22.58 -11.57 -16.11
CA TRP E 113 -23.35 -12.03 -17.27
C TRP E 113 -24.71 -11.32 -17.33
N GLY E 114 -25.02 -10.78 -18.51
CA GLY E 114 -26.32 -10.22 -18.74
C GLY E 114 -27.37 -11.32 -18.86
N ALA E 115 -28.64 -10.90 -18.86
CA ALA E 115 -29.76 -11.83 -18.73
C ALA E 115 -29.80 -12.87 -19.82
N GLY E 116 -29.33 -12.51 -21.00
CA GLY E 116 -29.43 -13.28 -22.25
C GLY E 116 -30.70 -12.87 -22.99
N THR E 117 -30.72 -13.09 -24.31
CA THR E 117 -31.96 -12.98 -25.09
C THR E 117 -32.27 -14.39 -25.56
N THR E 118 -33.52 -14.81 -25.43
CA THR E 118 -33.91 -16.14 -25.86
C THR E 118 -34.09 -16.14 -27.38
N VAL E 119 -33.31 -16.97 -28.07
CA VAL E 119 -33.35 -17.03 -29.52
C VAL E 119 -33.93 -18.38 -29.91
N THR E 120 -35.08 -18.36 -30.58
CA THR E 120 -35.69 -19.54 -31.17
C THR E 120 -35.82 -19.31 -32.66
N VAL E 121 -35.45 -20.32 -33.45
CA VAL E 121 -35.43 -20.21 -34.90
C VAL E 121 -36.71 -20.85 -35.43
N SER E 122 -37.67 -20.01 -35.81
CA SER E 122 -38.93 -20.48 -36.36
C SER E 122 -39.56 -19.38 -37.18
N SER E 123 -40.08 -19.75 -38.36
CA SER E 123 -40.78 -18.82 -39.22
C SER E 123 -42.23 -18.58 -38.83
N ALA E 124 -42.74 -19.32 -37.85
CA ALA E 124 -44.14 -19.17 -37.47
C ALA E 124 -44.35 -17.91 -36.65
N LYS E 125 -45.49 -17.25 -36.88
CA LYS E 125 -45.78 -15.98 -36.24
C LYS E 125 -46.05 -16.14 -34.75
N THR E 126 -45.86 -15.04 -34.03
CA THR E 126 -46.10 -14.99 -32.58
C THR E 126 -47.60 -14.96 -32.27
N THR E 127 -48.02 -15.83 -31.37
CA THR E 127 -49.41 -15.91 -30.92
C THR E 127 -49.52 -15.38 -29.49
N ALA E 128 -50.63 -14.76 -29.18
CA ALA E 128 -50.59 -14.12 -27.87
C ALA E 128 -50.99 -15.12 -26.78
N PRO E 129 -50.32 -15.06 -25.63
CA PRO E 129 -50.57 -16.03 -24.57
C PRO E 129 -51.83 -15.72 -23.78
N SER E 130 -52.54 -16.79 -23.40
CA SER E 130 -53.75 -16.70 -22.61
C SER E 130 -53.41 -17.03 -21.15
N VAL E 131 -53.74 -16.12 -20.25
CA VAL E 131 -53.49 -16.29 -18.82
C VAL E 131 -54.79 -16.75 -18.17
N TYR E 132 -54.72 -17.88 -17.45
CA TYR E 132 -55.88 -18.42 -16.76
C TYR E 132 -55.59 -18.58 -15.27
N PRO E 133 -56.47 -18.06 -14.39
CA PRO E 133 -56.29 -18.26 -12.95
C PRO E 133 -57.08 -19.45 -12.38
N LEU E 134 -56.42 -20.33 -11.63
CA LEU E 134 -57.05 -21.49 -11.02
C LEU E 134 -57.09 -21.34 -9.51
N VAL E 135 -58.27 -21.56 -8.93
CA VAL E 135 -58.47 -21.43 -7.49
C VAL E 135 -59.15 -22.70 -6.96
N PRO E 136 -58.68 -23.25 -5.83
CA PRO E 136 -59.26 -24.48 -5.27
C PRO E 136 -60.57 -24.23 -4.53
N SER E 145 -53.38 -23.57 5.23
CA SER E 145 -52.74 -22.93 4.09
C SER E 145 -53.45 -23.27 2.79
N VAL E 146 -53.54 -22.29 1.90
CA VAL E 146 -54.20 -22.45 0.61
C VAL E 146 -53.19 -22.12 -0.50
N THR E 147 -53.27 -22.87 -1.59
CA THR E 147 -52.38 -22.69 -2.73
C THR E 147 -53.20 -22.37 -3.96
N LEU E 148 -52.79 -21.33 -4.70
CA LEU E 148 -53.45 -20.90 -5.91
C LEU E 148 -52.47 -21.03 -7.08
N GLY E 149 -52.94 -21.61 -8.18
CA GLY E 149 -52.09 -21.88 -9.33
C GLY E 149 -52.49 -21.06 -10.54
N CYS E 150 -51.49 -20.56 -11.26
CA CYS E 150 -51.69 -19.77 -12.47
C CYS E 150 -51.07 -20.49 -13.66
N LEU E 151 -51.86 -20.70 -14.71
CA LEU E 151 -51.41 -21.45 -15.88
C LEU E 151 -51.60 -20.60 -17.12
N VAL E 152 -50.67 -20.72 -18.05
CA VAL E 152 -50.73 -20.03 -19.33
C VAL E 152 -50.60 -21.04 -20.45
N LYS E 153 -51.50 -20.95 -21.44
CA LYS E 153 -51.53 -21.88 -22.56
C LYS E 153 -51.68 -21.08 -23.84
N GLY E 154 -51.09 -21.59 -24.92
CA GLY E 154 -51.26 -20.92 -26.19
C GLY E 154 -50.39 -19.67 -26.25
N TYR E 155 -49.12 -19.83 -25.94
CA TYR E 155 -48.17 -18.74 -25.82
C TYR E 155 -47.25 -18.63 -27.04
N PHE E 156 -46.79 -17.41 -27.27
CA PHE E 156 -45.85 -17.03 -28.31
C PHE E 156 -44.51 -17.74 -28.11
N PRO E 157 -43.55 -17.60 -29.04
CA PRO E 157 -42.33 -18.41 -28.93
C PRO E 157 -41.35 -17.90 -27.89
N GLU E 158 -41.41 -16.61 -27.56
CA GLU E 158 -40.60 -16.09 -26.47
C GLU E 158 -41.15 -16.65 -25.15
N PRO E 159 -40.40 -16.58 -24.07
CA PRO E 159 -40.89 -17.11 -22.80
C PRO E 159 -41.59 -16.01 -22.01
N VAL E 160 -42.33 -16.43 -20.99
CA VAL E 160 -43.13 -15.53 -20.17
C VAL E 160 -42.64 -15.54 -18.73
N THR E 161 -42.43 -14.35 -18.19
CA THR E 161 -42.08 -14.16 -16.78
C THR E 161 -43.37 -13.85 -16.05
N LEU E 162 -43.77 -14.72 -15.12
CA LEU E 162 -45.00 -14.54 -14.37
C LEU E 162 -44.64 -13.87 -13.05
N THR E 163 -45.31 -12.75 -12.77
CA THR E 163 -44.97 -11.89 -11.64
C THR E 163 -46.15 -11.81 -10.68
N TRP E 164 -46.00 -12.40 -9.50
CA TRP E 164 -47.07 -12.41 -8.50
C TRP E 164 -46.93 -11.16 -7.63
N ASN E 165 -47.99 -10.34 -7.62
CA ASN E 165 -48.01 -9.08 -6.86
C ASN E 165 -46.88 -8.15 -7.28
N SER E 166 -46.61 -8.10 -8.59
CA SER E 166 -45.52 -7.29 -9.14
C SER E 166 -44.19 -7.65 -8.48
N GLY E 167 -44.00 -8.93 -8.18
CA GLY E 167 -42.76 -9.37 -7.56
C GLY E 167 -42.66 -9.07 -6.09
N SER E 168 -43.79 -8.84 -5.41
CA SER E 168 -43.75 -8.54 -3.98
C SER E 168 -43.42 -9.79 -3.18
N LEU E 169 -44.05 -10.92 -3.51
CA LEU E 169 -43.88 -12.16 -2.79
C LEU E 169 -43.16 -13.17 -3.68
N SER E 170 -42.07 -13.76 -3.16
CA SER E 170 -41.31 -14.74 -3.89
C SER E 170 -41.31 -16.12 -3.24
N SER E 171 -41.48 -16.20 -1.94
CA SER E 171 -41.44 -17.47 -1.24
C SER E 171 -42.74 -18.24 -1.46
N GLY E 172 -42.62 -19.57 -1.49
CA GLY E 172 -43.78 -20.42 -1.66
C GLY E 172 -44.43 -20.28 -3.02
N VAL E 173 -43.65 -19.89 -4.03
CA VAL E 173 -44.14 -19.67 -5.38
C VAL E 173 -43.32 -20.53 -6.33
N HIS E 174 -43.96 -21.55 -6.92
CA HIS E 174 -43.33 -22.45 -7.86
C HIS E 174 -43.78 -22.12 -9.26
N THR E 175 -42.83 -21.96 -10.16
CA THR E 175 -43.10 -21.66 -11.57
C THR E 175 -42.62 -22.82 -12.40
N PHE E 176 -43.44 -23.26 -13.33
CA PHE E 176 -43.06 -24.45 -14.08
C PHE E 176 -42.64 -24.08 -15.49
N PRO E 177 -41.59 -24.71 -16.01
CA PRO E 177 -41.10 -24.35 -17.35
C PRO E 177 -42.13 -24.67 -18.42
N ALA E 178 -41.94 -24.07 -19.59
CA ALA E 178 -42.90 -24.21 -20.66
C ALA E 178 -42.91 -25.64 -21.20
N LEU E 179 -44.09 -26.06 -21.65
CA LEU E 179 -44.28 -27.35 -22.32
C LEU E 179 -44.86 -27.08 -23.69
N LEU E 180 -44.30 -27.70 -24.71
CA LEU E 180 -44.68 -27.40 -26.09
C LEU E 180 -45.79 -28.35 -26.55
N GLN E 181 -46.99 -27.80 -26.74
CA GLN E 181 -48.09 -28.54 -27.35
C GLN E 181 -48.57 -27.83 -28.61
N SER E 182 -48.62 -28.60 -29.70
CA SER E 182 -49.14 -28.16 -31.00
C SER E 182 -48.68 -26.74 -31.40
N GLY E 183 -47.37 -26.53 -31.47
CA GLY E 183 -46.88 -25.24 -31.89
C GLY E 183 -47.16 -24.11 -30.93
N LEU E 184 -47.53 -24.42 -29.69
CA LEU E 184 -47.80 -23.43 -28.67
C LEU E 184 -47.24 -23.93 -27.35
N TYR E 185 -46.87 -23.00 -26.48
CA TYR E 185 -46.24 -23.37 -25.22
C TYR E 185 -47.21 -23.19 -24.06
N THR E 186 -47.14 -24.12 -23.11
CA THR E 186 -48.00 -24.12 -21.93
C THR E 186 -47.14 -23.86 -20.71
N LEU E 187 -47.50 -22.83 -19.94
CA LEU E 187 -46.74 -22.43 -18.77
C LEU E 187 -47.65 -22.50 -17.54
N SER E 188 -47.14 -23.09 -16.47
CA SER E 188 -47.89 -23.26 -15.23
C SER E 188 -47.10 -22.66 -14.08
N SER E 189 -47.83 -22.01 -13.16
CA SER E 189 -47.24 -21.43 -11.98
C SER E 189 -48.18 -21.65 -10.79
N SER E 190 -47.59 -21.87 -9.62
CA SER E 190 -48.38 -22.11 -8.42
C SER E 190 -47.75 -21.36 -7.26
N VAL E 191 -48.60 -20.79 -6.40
CA VAL E 191 -48.16 -20.08 -5.21
C VAL E 191 -48.91 -20.62 -3.99
N THR E 192 -48.21 -20.71 -2.87
CA THR E 192 -48.80 -21.14 -1.60
C THR E 192 -48.78 -19.98 -0.62
N VAL E 193 -49.92 -19.72 0.01
CA VAL E 193 -50.05 -18.65 0.98
C VAL E 193 -50.90 -19.13 2.15
N THR E 194 -50.77 -18.43 3.28
CA THR E 194 -51.55 -18.78 4.45
C THR E 194 -53.04 -18.55 4.20
N SER E 195 -53.86 -19.36 4.86
CA SER E 195 -55.31 -19.29 4.66
C SER E 195 -55.85 -17.92 5.04
N ASN E 196 -55.27 -17.29 6.07
CA ASN E 196 -55.67 -15.95 6.47
C ASN E 196 -55.24 -14.90 5.47
N THR E 197 -54.15 -15.15 4.74
CA THR E 197 -53.56 -14.11 3.89
C THR E 197 -54.40 -13.83 2.65
N TRP E 198 -54.71 -14.86 1.84
CA TRP E 198 -55.23 -14.60 0.51
C TRP E 198 -56.61 -13.93 0.52
N PRO E 199 -57.60 -14.39 1.30
CA PRO E 199 -58.88 -13.67 1.31
C PRO E 199 -58.80 -12.29 1.96
N SER E 200 -57.69 -11.97 2.62
CA SER E 200 -57.51 -10.69 3.30
C SER E 200 -56.92 -9.66 2.35
N GLN E 201 -55.82 -10.02 1.68
CA GLN E 201 -55.11 -9.15 0.77
C GLN E 201 -55.15 -9.78 -0.62
N THR E 202 -55.22 -8.94 -1.64
CA THR E 202 -55.39 -9.43 -2.99
C THR E 202 -54.06 -9.85 -3.61
N ILE E 203 -54.11 -10.91 -4.42
CA ILE E 203 -52.95 -11.44 -5.11
C ILE E 203 -53.25 -11.35 -6.60
N THR E 204 -52.37 -10.69 -7.34
CA THR E 204 -52.53 -10.48 -8.77
C THR E 204 -51.32 -11.05 -9.50
N CYS E 205 -51.57 -11.85 -10.53
CA CYS E 205 -50.54 -12.45 -11.35
C CYS E 205 -50.48 -11.70 -12.68
N ASN E 206 -49.30 -11.20 -13.03
CA ASN E 206 -49.10 -10.47 -14.28
C ASN E 206 -48.10 -11.22 -15.15
N VAL E 207 -48.45 -11.38 -16.43
CA VAL E 207 -47.63 -12.11 -17.39
C VAL E 207 -47.46 -11.21 -18.61
N ALA E 208 -46.28 -10.62 -18.77
CA ALA E 208 -45.97 -9.76 -19.90
C ALA E 208 -45.23 -10.57 -20.95
N HIS E 209 -45.70 -10.50 -22.21
CA HIS E 209 -44.99 -11.22 -23.25
C HIS E 209 -44.21 -10.25 -24.13
N PRO E 210 -42.90 -10.47 -24.32
CA PRO E 210 -42.10 -9.54 -25.13
C PRO E 210 -42.25 -9.69 -26.64
N ALA E 211 -42.65 -10.87 -27.12
CA ALA E 211 -42.74 -11.11 -28.56
C ALA E 211 -44.09 -10.72 -29.14
N SER E 212 -45.16 -10.85 -28.36
CA SER E 212 -46.49 -10.48 -28.82
C SER E 212 -46.93 -9.14 -28.24
N SER E 213 -46.02 -8.46 -27.53
CA SER E 213 -46.29 -7.14 -26.93
C SER E 213 -47.62 -7.15 -26.17
N THR E 214 -47.75 -8.11 -25.26
CA THR E 214 -48.96 -8.25 -24.46
C THR E 214 -48.56 -8.37 -22.99
N LYS E 215 -49.28 -7.65 -22.14
CA LYS E 215 -49.08 -7.69 -20.70
C LYS E 215 -50.45 -7.90 -20.09
N VAL E 216 -50.64 -9.05 -19.46
CA VAL E 216 -51.92 -9.45 -18.89
C VAL E 216 -51.79 -9.44 -17.37
N ASP E 217 -52.69 -8.74 -16.71
CA ASP E 217 -52.68 -8.60 -15.24
C ASP E 217 -53.93 -9.28 -14.72
N LYS E 218 -53.82 -10.57 -14.42
CA LYS E 218 -54.94 -11.36 -13.93
C LYS E 218 -54.99 -11.32 -12.41
N LYS E 219 -56.21 -11.39 -11.88
CA LYS E 219 -56.44 -11.37 -10.44
C LYS E 219 -57.08 -12.67 -10.00
N ILE E 220 -56.72 -13.13 -8.80
CA ILE E 220 -57.26 -14.39 -8.28
C ILE E 220 -58.76 -14.26 -8.02
N GLU E 221 -59.18 -13.14 -7.43
CA GLU E 221 -60.58 -12.86 -7.14
C GLU E 221 -61.21 -13.96 -6.28
N ASP F 1 72.43 7.89 16.78
CA ASP F 1 71.78 8.80 17.72
C ASP F 1 71.16 9.98 16.97
N ILE F 2 70.58 9.67 15.82
CA ILE F 2 69.85 10.63 14.99
C ILE F 2 68.37 10.40 15.22
N VAL F 3 67.71 11.33 15.90
CA VAL F 3 66.32 11.19 16.32
C VAL F 3 65.42 11.97 15.37
N LEU F 4 64.26 11.40 15.05
CA LEU F 4 63.30 11.99 14.12
C LEU F 4 62.00 12.33 14.84
N THR F 5 61.35 13.38 14.35
CA THR F 5 60.09 13.88 14.91
C THR F 5 59.12 14.14 13.78
N GLN F 6 57.93 13.53 13.86
CA GLN F 6 56.92 13.66 12.83
C GLN F 6 56.10 14.93 12.97
N SER F 7 55.41 15.27 11.89
CA SER F 7 54.49 16.40 11.85
C SER F 7 53.34 16.07 10.91
N PRO F 8 52.09 16.18 11.40
CA PRO F 8 51.74 16.64 12.74
C PRO F 8 51.58 15.48 13.71
N ALA F 9 51.12 15.77 14.93
CA ALA F 9 50.98 14.71 15.92
C ALA F 9 49.78 13.83 15.63
N SER F 10 48.67 14.41 15.19
CA SER F 10 47.47 13.66 14.85
C SER F 10 46.84 14.25 13.59
N LEU F 11 46.39 13.38 12.69
CA LEU F 11 45.78 13.79 11.44
C LEU F 11 44.39 13.16 11.35
N ALA F 12 43.36 14.00 11.38
CA ALA F 12 41.97 13.56 11.28
C ALA F 12 41.49 13.90 9.88
N VAL F 13 41.30 12.89 9.04
CA VAL F 13 40.95 13.09 7.64
C VAL F 13 39.71 12.27 7.31
N SER F 14 38.99 12.72 6.28
CA SER F 14 37.81 12.02 5.78
C SER F 14 38.21 10.96 4.77
N LEU F 15 37.33 9.96 4.59
CA LEU F 15 37.62 8.87 3.68
C LEU F 15 37.80 9.38 2.26
N GLY F 16 38.70 8.73 1.52
CA GLY F 16 39.04 9.11 0.16
C GLY F 16 39.74 10.44 0.02
N GLN F 17 40.41 10.90 1.07
CA GLN F 17 41.14 12.16 1.09
C GLN F 17 42.60 11.89 1.38
N ARG F 18 43.48 12.58 0.66
CA ARG F 18 44.91 12.30 0.79
C ARG F 18 45.44 12.82 2.12
N ALA F 19 46.10 11.92 2.86
CA ALA F 19 46.72 12.25 4.14
C ALA F 19 48.23 12.15 4.01
N THR F 20 48.94 13.25 4.30
CA THR F 20 50.39 13.31 4.18
C THR F 20 51.01 13.40 5.57
N ILE F 21 51.92 12.48 5.87
CA ILE F 21 52.66 12.47 7.13
C ILE F 21 54.13 12.73 6.84
N SER F 22 54.70 13.73 7.53
CA SER F 22 56.09 14.13 7.33
C SER F 22 56.94 13.71 8.53
N CYS F 23 58.04 13.02 8.26
CA CYS F 23 59.01 12.60 9.27
C CYS F 23 60.32 13.34 8.98
N ARG F 24 60.83 14.08 9.97
CA ARG F 24 62.03 14.91 9.81
C ARG F 24 63.18 14.35 10.64
N ALA F 25 64.36 14.25 10.02
CA ALA F 25 65.50 13.58 10.61
C ALA F 25 66.60 14.56 11.01
N SER F 26 67.24 14.28 12.16
CA SER F 26 68.37 15.10 12.61
C SER F 26 69.52 15.07 11.61
N LYS F 27 69.83 13.90 11.06
CA LYS F 27 70.91 13.75 10.09
C LYS F 27 70.39 13.01 8.86
N SER F 28 71.09 13.20 7.75
CA SER F 28 70.70 12.58 6.48
C SER F 28 70.85 11.07 6.58
N VAL F 29 69.73 10.35 6.46
CA VAL F 29 69.76 8.89 6.49
C VAL F 29 70.08 8.29 5.13
N SER F 30 70.22 9.09 4.09
CA SER F 30 70.52 8.59 2.76
C SER F 30 72.01 8.41 2.52
N THR F 31 72.36 7.32 1.83
CA THR F 31 73.73 7.00 1.49
C THR F 31 73.77 6.55 0.05
N SER F 32 74.63 7.20 -0.75
CA SER F 32 74.88 6.77 -2.12
C SER F 32 73.59 6.65 -2.92
N GLY F 33 72.68 7.60 -2.71
CA GLY F 33 71.43 7.58 -3.43
C GLY F 33 70.39 6.65 -2.85
N TYR F 34 70.67 5.96 -1.76
CA TYR F 34 69.72 5.10 -1.10
C TYR F 34 69.29 5.75 0.20
N SER F 35 67.99 5.72 0.49
CA SER F 35 67.41 6.32 1.69
C SER F 35 66.87 5.21 2.59
N TYR F 36 67.35 5.19 3.83
CA TYR F 36 67.06 4.09 4.76
C TYR F 36 65.96 4.54 5.72
N MET F 37 64.71 4.38 5.28
CA MET F 37 63.56 4.81 6.05
C MET F 37 62.56 3.66 6.08
N GLN F 38 61.79 3.56 7.17
CA GLN F 38 60.78 2.52 7.32
C GLN F 38 59.55 3.07 8.03
N TRP F 39 58.38 2.54 7.64
CA TRP F 39 57.09 2.91 8.23
C TRP F 39 56.39 1.66 8.73
N TYR F 40 55.64 1.79 9.82
CA TYR F 40 55.01 0.65 10.47
C TYR F 40 53.55 0.95 10.76
N GLN F 41 52.71 -0.09 10.73
CA GLN F 41 51.29 0.04 11.01
C GLN F 41 50.99 -0.74 12.28
N GLN F 42 50.73 -0.02 13.38
CA GLN F 42 50.47 -0.64 14.67
C GLN F 42 48.97 -0.57 14.94
N LYS F 43 48.30 -1.72 14.83
CA LYS F 43 46.88 -1.80 15.13
C LYS F 43 46.68 -1.66 16.63
N PRO F 44 45.46 -1.30 17.08
CA PRO F 44 45.25 -1.17 18.52
C PRO F 44 45.44 -2.51 19.22
N GLY F 45 46.35 -2.51 20.19
CA GLY F 45 46.69 -3.69 20.96
C GLY F 45 47.56 -4.70 20.25
N GLN F 46 47.88 -4.48 18.98
CA GLN F 46 48.71 -5.44 18.25
C GLN F 46 50.02 -4.80 17.81
N PRO F 47 51.09 -5.58 17.62
CA PRO F 47 52.36 -4.99 17.21
C PRO F 47 52.31 -4.46 15.79
N PRO F 48 53.15 -3.49 15.47
CA PRO F 48 53.13 -2.88 14.13
C PRO F 48 53.63 -3.80 13.03
N LYS F 49 52.96 -3.75 11.89
CA LYS F 49 53.36 -4.46 10.68
C LYS F 49 54.02 -3.47 9.73
N LEU F 50 55.19 -3.84 9.21
CA LEU F 50 55.94 -2.95 8.33
C LEU F 50 55.18 -2.67 7.04
N LEU F 51 55.08 -1.38 6.70
CA LEU F 51 54.38 -0.95 5.49
C LEU F 51 55.36 -0.60 4.37
N ILE F 52 56.27 0.33 4.61
CA ILE F 52 57.18 0.82 3.59
C ILE F 52 58.61 0.75 4.12
N TYR F 53 59.51 0.17 3.32
CA TYR F 53 60.92 0.12 3.66
C TYR F 53 61.75 0.87 2.62
N LEU F 54 62.87 1.43 3.08
CA LEU F 54 63.78 2.26 2.27
C LEU F 54 62.98 3.43 1.72
N ALA F 55 63.09 3.76 0.44
CA ALA F 55 62.36 4.86 -0.16
C ALA F 55 61.37 4.33 -1.18
N SER F 56 60.07 4.49 -0.89
CA SER F 56 59.01 4.17 -1.84
C SER F 56 58.91 2.68 -2.16
N ASN F 57 59.35 1.80 -1.25
CA ASN F 57 59.25 0.37 -1.47
C ASN F 57 58.15 -0.20 -0.59
N LEU F 58 57.23 -0.94 -1.20
CA LEU F 58 56.09 -1.52 -0.50
C LEU F 58 56.43 -2.94 -0.07
N GLU F 59 56.21 -3.24 1.21
CA GLU F 59 56.40 -4.59 1.68
C GLU F 59 55.34 -5.51 1.08
N SER F 60 55.66 -6.81 1.01
CA SER F 60 54.73 -7.77 0.45
C SER F 60 53.39 -7.74 1.20
N GLY F 61 52.31 -7.79 0.44
CA GLY F 61 50.99 -7.77 1.02
C GLY F 61 50.52 -6.41 1.50
N VAL F 62 51.12 -5.32 1.04
CA VAL F 62 50.74 -3.97 1.42
C VAL F 62 49.95 -3.35 0.27
N PRO F 63 48.81 -2.73 0.52
CA PRO F 63 48.02 -2.16 -0.58
C PRO F 63 48.71 -1.00 -1.27
N VAL F 64 48.37 -0.83 -2.55
CA VAL F 64 48.95 0.24 -3.36
C VAL F 64 48.57 1.62 -2.85
N ARG F 65 47.47 1.74 -2.10
CA ARG F 65 47.04 3.05 -1.61
C ARG F 65 48.14 3.70 -0.78
N PHE F 66 48.81 2.93 0.07
CA PHE F 66 49.89 3.45 0.90
C PHE F 66 51.11 3.70 0.03
N SER F 67 51.62 4.93 0.06
CA SER F 67 52.82 5.26 -0.71
C SER F 67 53.59 6.37 0.00
N GLY F 68 54.91 6.29 -0.06
CA GLY F 68 55.74 7.34 0.50
C GLY F 68 56.90 7.71 -0.39
N SER F 69 57.26 8.99 -0.41
CA SER F 69 58.37 9.48 -1.21
C SER F 69 59.11 10.56 -0.43
N GLY F 70 60.41 10.65 -0.63
CA GLY F 70 61.17 11.66 0.08
C GLY F 70 62.65 11.38 0.07
N SER F 71 63.42 12.45 0.33
CA SER F 71 64.87 12.39 0.37
C SER F 71 65.38 12.24 1.80
N GLY F 72 66.71 12.25 1.94
CA GLY F 72 67.34 11.87 3.19
C GLY F 72 66.94 12.71 4.39
N THR F 73 66.92 14.03 4.23
CA THR F 73 66.69 14.89 5.39
C THR F 73 65.29 14.68 5.97
N ASP F 74 64.27 14.64 5.11
CA ASP F 74 62.90 14.46 5.54
C ASP F 74 62.16 13.57 4.54
N PHE F 75 61.21 12.78 5.07
CA PHE F 75 60.41 11.87 4.25
C PHE F 75 58.94 12.12 4.52
N THR F 76 58.14 12.08 3.45
CA THR F 76 56.70 12.28 3.52
C THR F 76 55.99 11.13 2.81
N LEU F 77 54.86 10.70 3.38
CA LEU F 77 54.02 9.69 2.73
C LEU F 77 52.64 10.28 2.50
N ASN F 78 52.09 10.08 1.31
CA ASN F 78 50.79 10.60 0.94
C ASN F 78 49.92 9.47 0.42
N ILE F 79 48.63 9.50 0.79
CA ILE F 79 47.71 8.41 0.47
C ILE F 79 46.33 8.95 0.07
N HIS F 80 46.03 8.97 -1.23
CA HIS F 80 44.74 9.53 -1.65
C HIS F 80 43.57 8.59 -1.29
N PRO F 81 43.58 7.31 -1.63
CA PRO F 81 42.49 6.43 -1.18
C PRO F 81 42.70 5.96 0.24
N VAL F 82 41.84 6.41 1.16
CA VAL F 82 41.93 6.09 2.58
C VAL F 82 40.60 5.42 2.97
N GLU F 83 40.62 4.10 3.13
CA GLU F 83 39.41 3.38 3.48
C GLU F 83 39.30 3.24 5.00
N GLU F 84 38.34 2.42 5.46
CA GLU F 84 38.08 2.28 6.89
C GLU F 84 39.13 1.44 7.62
N GLU F 85 39.77 0.50 6.92
CA GLU F 85 40.64 -0.46 7.59
C GLU F 85 41.84 0.20 8.27
N ASP F 86 42.40 1.24 7.67
CA ASP F 86 43.64 1.85 8.15
C ASP F 86 43.34 2.99 9.13
N ALA F 87 42.95 2.61 10.34
CA ALA F 87 42.68 3.57 11.41
C ALA F 87 43.72 3.52 12.52
N ALA F 88 44.80 2.76 12.33
CA ALA F 88 45.80 2.52 13.36
C ALA F 88 46.86 3.62 13.37
N ILE F 89 47.77 3.54 14.36
CA ILE F 89 48.85 4.51 14.50
C ILE F 89 50.04 4.07 13.65
N TYR F 90 50.75 5.06 13.11
CA TYR F 90 51.87 4.83 12.21
C TYR F 90 53.13 5.51 12.76
N TYR F 91 54.24 4.79 12.76
CA TYR F 91 55.53 5.30 13.23
C TYR F 91 56.55 5.24 12.10
N CYS F 92 57.53 6.15 12.14
CA CYS F 92 58.63 6.19 11.18
C CYS F 92 59.96 5.81 11.85
N GLN F 93 60.73 4.95 11.17
CA GLN F 93 62.00 4.42 11.69
C GLN F 93 63.12 4.52 10.66
N HIS F 94 64.32 4.86 11.13
CA HIS F 94 65.48 5.03 10.28
C HIS F 94 66.46 3.88 10.49
N SER F 95 67.08 3.43 9.40
CA SER F 95 67.98 2.28 9.43
C SER F 95 69.44 2.63 9.21
N ARG F 96 69.79 3.91 9.10
CA ARG F 96 71.17 4.27 8.79
C ARG F 96 72.10 4.00 9.97
N GLU F 97 71.79 4.55 11.13
CA GLU F 97 72.72 4.43 12.24
C GLU F 97 72.64 3.05 12.85
N LEU F 98 73.72 2.68 13.55
CA LEU F 98 73.71 1.40 14.25
C LEU F 98 72.62 1.36 15.31
N PRO F 99 72.35 2.41 16.10
CA PRO F 99 71.14 2.42 16.95
C PRO F 99 69.98 3.15 16.27
N PRO F 100 68.90 2.43 15.85
CA PRO F 100 67.73 3.13 15.30
C PRO F 100 66.69 3.60 16.34
N THR F 101 66.23 4.84 16.21
CA THR F 101 65.20 5.39 17.07
C THR F 101 63.97 5.71 16.23
N PHE F 102 62.82 5.18 16.65
CA PHE F 102 61.56 5.43 15.97
C PHE F 102 61.14 6.89 16.14
N GLY F 103 60.55 7.45 15.08
CA GLY F 103 60.02 8.78 15.14
C GLY F 103 58.74 8.82 15.97
N ALA F 104 58.31 10.04 16.29
CA ALA F 104 57.07 10.23 17.04
C ALA F 104 55.88 9.68 16.27
N GLY F 105 55.06 8.87 16.94
CA GLY F 105 53.92 8.26 16.28
C GLY F 105 52.80 9.24 15.99
N THR F 106 52.10 8.99 14.88
CA THR F 106 50.94 9.77 14.47
C THR F 106 49.72 8.86 14.36
N LYS F 107 48.61 9.28 14.96
CA LYS F 107 47.35 8.54 14.94
C LYS F 107 46.36 9.23 14.01
N LEU F 108 45.80 8.47 13.06
CA LEU F 108 44.82 9.01 12.12
C LEU F 108 43.42 8.51 12.50
N GLU F 109 42.46 9.44 12.52
CA GLU F 109 41.08 9.16 12.88
C GLU F 109 40.16 9.53 11.72
N LEU F 110 39.43 8.55 11.18
CA LEU F 110 38.45 8.81 10.15
C LEU F 110 37.20 9.44 10.74
N LYS F 111 36.73 10.53 10.11
CA LYS F 111 35.66 11.35 10.65
C LYS F 111 34.30 10.99 10.05
N ALA F 112 33.31 10.78 10.91
CA ALA F 112 31.92 10.57 10.52
C ALA F 112 31.05 11.13 11.64
N ASP F 113 29.74 11.21 11.38
CA ASP F 113 28.84 11.70 12.41
C ASP F 113 27.59 10.83 12.45
N ALA F 114 27.23 10.38 13.66
CA ALA F 114 26.07 9.53 13.85
C ALA F 114 25.66 9.58 15.31
N ALA F 115 24.38 9.26 15.55
CA ALA F 115 23.83 9.35 16.89
C ALA F 115 24.36 8.21 17.78
N PRO F 116 24.40 8.40 19.09
CA PRO F 116 24.92 7.39 19.99
C PRO F 116 23.87 6.33 20.31
N THR F 117 24.33 5.26 20.96
CA THR F 117 23.45 4.16 21.38
C THR F 117 23.80 3.81 22.83
N VAL F 118 22.83 3.94 23.72
CA VAL F 118 23.04 3.77 25.15
C VAL F 118 22.36 2.50 25.61
N SER F 119 23.03 1.77 26.51
CA SER F 119 22.49 0.56 27.09
C SER F 119 22.83 0.51 28.57
N ILE F 120 21.84 0.20 29.41
CA ILE F 120 22.00 0.15 30.86
C ILE F 120 21.76 -1.28 31.31
N PHE F 121 22.54 -1.73 32.31
CA PHE F 121 22.46 -3.09 32.80
C PHE F 121 22.50 -3.12 34.31
N PRO F 122 21.64 -3.92 34.94
CA PRO F 122 21.63 -4.02 36.40
C PRO F 122 22.79 -4.86 36.90
N PRO F 123 23.07 -4.84 38.20
CA PRO F 123 24.20 -5.63 38.72
C PRO F 123 23.91 -7.12 38.73
N SER F 124 24.98 -7.89 38.87
CA SER F 124 24.94 -9.34 38.84
C SER F 124 24.61 -9.93 40.22
N SER F 125 24.03 -11.13 40.21
CA SER F 125 23.77 -11.83 41.47
C SER F 125 25.04 -12.41 42.08
N GLU F 126 25.95 -12.95 41.25
CA GLU F 126 27.17 -13.55 41.77
C GLU F 126 28.09 -12.55 42.44
N GLN F 127 28.13 -11.31 41.95
CA GLN F 127 28.91 -10.27 42.61
C GLN F 127 28.29 -9.89 43.95
N LEU F 128 26.96 -9.96 44.06
CA LEU F 128 26.30 -9.69 45.33
C LEU F 128 26.77 -10.66 46.41
N THR F 129 27.02 -11.92 46.04
CA THR F 129 27.59 -12.87 46.98
C THR F 129 28.97 -12.42 47.43
N SER F 130 29.74 -11.78 46.54
CA SER F 130 31.03 -11.24 46.92
C SER F 130 30.89 -10.11 47.93
N GLY F 131 29.80 -9.34 47.85
CA GLY F 131 29.54 -8.24 48.76
C GLY F 131 29.59 -6.86 48.14
N GLY F 132 29.89 -6.75 46.85
CA GLY F 132 29.88 -5.47 46.15
C GLY F 132 28.95 -5.51 44.96
N ALA F 133 28.19 -4.43 44.78
CA ALA F 133 27.27 -4.28 43.66
C ALA F 133 27.87 -3.29 42.68
N SER F 134 28.02 -3.71 41.44
CA SER F 134 28.57 -2.84 40.39
C SER F 134 27.69 -2.92 39.15
N VAL F 135 27.28 -1.75 38.67
CA VAL F 135 26.41 -1.63 37.50
C VAL F 135 27.21 -1.00 36.38
N VAL F 136 27.00 -1.49 35.16
CA VAL F 136 27.75 -1.05 33.99
C VAL F 136 26.77 -0.51 32.95
N CYS F 137 27.06 0.68 32.44
CA CYS F 137 26.30 1.32 31.37
C CYS F 137 27.22 1.38 30.15
N PHE F 138 26.78 0.77 29.06
CA PHE F 138 27.62 0.61 27.87
C PHE F 138 27.08 1.46 26.73
N LEU F 139 27.95 2.29 26.16
CA LEU F 139 27.62 3.16 25.04
C LEU F 139 28.46 2.74 23.83
N ASN F 140 27.78 2.25 22.77
CA ASN F 140 28.45 1.77 21.57
C ASN F 140 28.06 2.61 20.35
N ASN F 141 29.01 2.72 19.42
CA ASN F 141 28.79 3.39 18.13
C ASN F 141 28.35 4.83 18.33
N PHE F 142 29.17 5.61 19.01
CA PHE F 142 28.89 7.01 19.25
C PHE F 142 29.99 7.86 18.61
N TYR F 143 29.57 8.91 17.92
CA TYR F 143 30.50 9.83 17.28
C TYR F 143 29.92 11.23 17.44
N PRO F 144 30.74 12.22 17.82
CA PRO F 144 32.19 12.25 18.05
C PRO F 144 32.69 11.38 19.21
N LYS F 145 34.02 11.26 19.31
CA LYS F 145 34.62 10.41 20.33
C LYS F 145 34.37 10.95 21.73
N ASP F 146 34.13 12.25 21.87
CA ASP F 146 33.96 12.88 23.18
C ASP F 146 32.52 12.65 23.65
N ILE F 147 32.35 11.84 24.69
CA ILE F 147 31.06 11.69 25.36
C ILE F 147 31.31 11.63 26.85
N ASN F 148 30.52 12.38 27.62
CA ASN F 148 30.61 12.42 29.07
C ASN F 148 29.40 11.73 29.66
N VAL F 149 29.62 10.93 30.69
CA VAL F 149 28.56 10.20 31.38
C VAL F 149 28.58 10.63 32.85
N LYS F 150 27.46 11.16 33.32
CA LYS F 150 27.31 11.60 34.71
C LYS F 150 26.31 10.70 35.41
N TRP F 151 26.71 10.13 36.54
CA TRP F 151 25.87 9.24 37.32
C TRP F 151 25.46 9.90 38.63
N LYS F 152 24.16 9.90 38.92
CA LYS F 152 23.61 10.43 40.16
C LYS F 152 22.76 9.33 40.80
N ILE F 153 22.99 9.06 42.08
CA ILE F 153 22.26 8.04 42.83
C ILE F 153 21.55 8.70 43.99
N ASP F 154 20.21 8.69 43.94
CA ASP F 154 19.36 9.12 45.06
C ASP F 154 19.71 10.53 45.53
N GLY F 155 19.94 11.42 44.57
CA GLY F 155 20.14 12.83 44.86
C GLY F 155 21.42 13.16 45.58
N SER F 156 22.32 12.18 45.70
CA SER F 156 23.61 12.37 46.35
C SER F 156 24.70 12.30 45.29
N GLU F 157 25.51 13.35 45.21
CA GLU F 157 26.55 13.47 44.20
C GLU F 157 27.90 13.09 44.81
N ARG F 158 28.53 12.06 44.26
CA ARG F 158 29.86 11.64 44.66
C ARG F 158 30.67 11.34 43.40
N GLN F 159 31.84 11.96 43.28
CA GLN F 159 32.71 11.74 42.14
C GLN F 159 33.57 10.49 42.28
N ASN F 160 33.80 10.03 43.50
CA ASN F 160 34.61 8.83 43.71
C ASN F 160 33.82 7.58 43.36
N GLY F 161 34.50 6.62 42.74
CA GLY F 161 33.91 5.34 42.43
C GLY F 161 33.35 5.20 41.04
N VAL F 162 33.67 6.10 40.11
CA VAL F 162 33.21 6.03 38.75
C VAL F 162 34.42 5.76 37.85
N LEU F 163 34.28 4.77 36.97
CA LEU F 163 35.34 4.42 36.03
C LEU F 163 34.76 4.35 34.62
N ASN F 164 35.43 5.00 33.68
CA ASN F 164 34.99 5.05 32.30
C ASN F 164 36.11 4.54 31.40
N SER F 165 35.74 3.78 30.37
CA SER F 165 36.70 3.15 29.46
C SER F 165 36.37 3.52 28.03
N TRP F 166 37.36 3.97 27.28
CA TRP F 166 37.21 4.32 25.88
C TRP F 166 37.96 3.31 25.02
N THR F 167 37.33 2.89 23.93
CA THR F 167 37.96 2.01 22.94
C THR F 167 38.47 2.85 21.77
N ASP F 168 39.63 2.48 21.25
CA ASP F 168 40.16 3.13 20.07
C ASP F 168 39.17 3.05 18.91
N GLN F 169 39.28 4.00 17.98
CA GLN F 169 38.34 4.10 16.87
C GLN F 169 38.19 2.77 16.15
N ASP F 170 36.95 2.32 16.04
CA ASP F 170 36.66 1.04 15.41
C ASP F 170 37.16 1.01 13.97
N SER F 171 37.59 -0.17 13.53
CA SER F 171 38.07 -0.33 12.17
C SER F 171 36.93 -0.23 11.17
N LYS F 172 36.04 -1.22 11.18
CA LYS F 172 34.95 -1.26 10.19
C LYS F 172 33.90 -0.20 10.50
N ASP F 173 33.34 -0.23 11.70
CA ASP F 173 32.31 0.74 12.06
C ASP F 173 32.88 2.15 12.02
N SER F 174 34.10 2.33 12.52
CA SER F 174 34.75 3.64 12.58
C SER F 174 33.99 4.60 13.49
N THR F 175 33.32 4.03 14.49
CA THR F 175 32.57 4.79 15.49
C THR F 175 33.04 4.28 16.84
N TYR F 176 33.39 5.20 17.74
CA TYR F 176 33.91 4.80 19.03
C TYR F 176 32.80 4.16 19.88
N SER F 177 33.23 3.46 20.93
CA SER F 177 32.35 2.92 21.95
C SER F 177 32.91 3.29 23.32
N MET F 178 32.03 3.35 24.32
CA MET F 178 32.42 3.74 25.67
C MET F 178 31.74 2.84 26.68
N SER F 179 32.47 2.50 27.75
CA SER F 179 31.94 1.69 28.84
C SER F 179 32.24 2.38 30.17
N SER F 180 31.24 2.44 31.05
CA SER F 180 31.37 3.05 32.36
C SER F 180 30.84 2.09 33.42
N THR F 181 31.65 1.82 34.45
CA THR F 181 31.29 0.92 35.53
C THR F 181 31.60 1.58 36.87
N LEU F 182 30.68 1.40 37.83
CA LEU F 182 30.84 1.94 39.18
C LEU F 182 30.47 0.88 40.20
N THR F 183 31.23 0.82 41.29
CA THR F 183 31.09 -0.21 42.30
C THR F 183 30.67 0.39 43.63
N LEU F 184 29.74 -0.27 44.32
CA LEU F 184 29.23 0.17 45.61
C LEU F 184 29.03 -1.05 46.51
N THR F 185 29.49 -0.94 47.76
CA THR F 185 29.41 -2.04 48.69
C THR F 185 27.96 -2.37 49.04
N LYS F 186 27.70 -3.66 49.29
CA LYS F 186 26.35 -4.14 49.53
C LYS F 186 25.65 -3.38 50.64
N ASP F 187 26.36 -3.08 51.72
CA ASP F 187 25.74 -2.39 52.86
C ASP F 187 25.23 -1.01 52.44
N GLU F 188 25.99 -0.31 51.61
CA GLU F 188 25.59 1.00 51.10
C GLU F 188 24.94 0.94 49.72
N TYR F 189 24.99 -0.20 49.04
CA TYR F 189 24.39 -0.30 47.71
C TYR F 189 22.88 -0.16 47.77
N GLU F 190 22.24 -0.84 48.72
CA GLU F 190 20.79 -0.81 48.85
C GLU F 190 20.29 0.48 49.51
N ARG F 191 21.19 1.31 50.04
CA ARG F 191 20.78 2.55 50.70
C ARG F 191 20.22 3.56 49.71
N HIS F 192 20.55 3.44 48.43
CA HIS F 192 20.11 4.36 47.38
C HIS F 192 19.13 3.66 46.44
N ASN F 193 18.14 4.43 45.97
CA ASN F 193 17.06 3.90 45.16
C ASN F 193 17.17 4.21 43.67
N SER F 194 17.44 5.46 43.31
CA SER F 194 17.36 5.88 41.91
C SER F 194 18.71 5.75 41.22
N TYR F 195 18.66 5.24 39.99
CA TYR F 195 19.85 5.02 39.16
C TYR F 195 19.58 5.59 37.79
N THR F 196 20.47 6.46 37.32
CA THR F 196 20.31 7.12 36.04
C THR F 196 21.62 7.09 35.26
N CYS F 197 21.49 6.85 33.96
CA CYS F 197 22.61 6.94 33.02
C CYS F 197 22.29 8.09 32.06
N GLU F 198 23.24 9.01 31.92
CA GLU F 198 23.04 10.21 31.12
C GLU F 198 24.18 10.36 30.12
N ALA F 199 23.82 10.70 28.87
CA ALA F 199 24.81 10.85 27.81
C ALA F 199 24.42 12.09 26.99
N THR F 200 25.00 13.23 27.36
CA THR F 200 24.83 14.47 26.60
C THR F 200 25.88 14.48 25.50
N HIS F 201 25.43 14.59 24.25
CA HIS F 201 26.30 14.34 23.12
C HIS F 201 26.26 15.51 22.15
N LYS F 202 27.22 15.51 21.21
CA LYS F 202 27.29 16.56 20.21
C LYS F 202 26.31 16.35 19.07
N THR F 203 25.82 15.14 18.88
CA THR F 203 24.84 14.88 17.83
C THR F 203 23.49 15.53 18.16
N SER F 204 23.04 15.37 19.39
CA SER F 204 21.78 15.96 19.86
C SER F 204 21.95 16.41 21.29
N THR F 205 21.48 17.63 21.58
CA THR F 205 21.63 18.18 22.92
C THR F 205 20.85 17.37 23.95
N SER F 206 19.77 16.70 23.53
CA SER F 206 19.01 15.89 24.47
C SER F 206 19.77 14.60 24.79
N PRO F 207 19.73 14.15 26.04
CA PRO F 207 20.49 12.95 26.41
C PRO F 207 19.69 11.66 26.25
N ILE F 208 20.29 10.67 25.59
CA ILE F 208 19.69 9.35 25.48
C ILE F 208 20.00 8.59 26.77
N VAL F 209 18.96 8.22 27.50
CA VAL F 209 19.12 7.77 28.88
C VAL F 209 18.33 6.48 29.10
N LYS F 210 18.97 5.53 29.78
CA LYS F 210 18.36 4.28 30.20
C LYS F 210 18.60 4.12 31.70
N SER F 211 17.55 3.77 32.44
CA SER F 211 17.62 3.72 33.89
C SER F 211 17.12 2.39 34.42
N PHE F 212 17.65 1.98 35.56
CA PHE F 212 17.24 0.76 36.23
C PHE F 212 16.95 1.02 37.71
N ASP G 1 -31.67 9.72 35.81
CA ASP G 1 -31.66 8.32 35.41
C ASP G 1 -30.22 7.85 35.18
N ILE G 2 -29.95 7.43 33.95
CA ILE G 2 -28.62 6.97 33.54
C ILE G 2 -28.22 7.78 32.31
N VAL G 3 -27.36 8.79 32.50
CA VAL G 3 -26.94 9.67 31.42
C VAL G 3 -25.49 9.38 31.08
N LEU G 4 -25.20 9.28 29.79
CA LEU G 4 -23.84 9.13 29.31
C LEU G 4 -23.52 10.24 28.33
N THR G 5 -22.26 10.69 28.36
CA THR G 5 -21.79 11.78 27.50
C THR G 5 -20.43 11.40 26.93
N GLN G 6 -20.31 11.39 25.62
CA GLN G 6 -19.05 11.02 25.00
C GLN G 6 -18.10 12.21 24.95
N SER G 7 -16.83 11.91 24.69
CA SER G 7 -15.79 12.92 24.61
C SER G 7 -14.79 12.58 23.50
N PRO G 8 -14.50 13.54 22.62
CA PRO G 8 -15.01 14.92 22.70
C PRO G 8 -16.26 15.17 21.87
N ALA G 9 -16.68 16.43 21.82
CA ALA G 9 -17.88 16.79 21.06
C ALA G 9 -17.63 16.78 19.56
N SER G 10 -16.45 17.24 19.13
CA SER G 10 -16.08 17.23 17.72
C SER G 10 -14.62 16.80 17.63
N LEU G 11 -14.34 15.90 16.69
CA LEU G 11 -13.01 15.31 16.54
C LEU G 11 -12.55 15.49 15.10
N ALA G 12 -11.45 16.22 14.93
CA ALA G 12 -10.83 16.43 13.62
C ALA G 12 -9.61 15.51 13.56
N VAL G 13 -9.69 14.49 12.70
CA VAL G 13 -8.68 13.44 12.66
C VAL G 13 -8.08 13.35 11.26
N SER G 14 -6.82 12.93 11.22
CA SER G 14 -6.12 12.68 9.98
C SER G 14 -6.30 11.22 9.57
N LEU G 15 -6.22 10.97 8.27
CA LEU G 15 -6.39 9.62 7.74
C LEU G 15 -5.26 8.70 8.20
N GLY G 16 -5.60 7.41 8.35
CA GLY G 16 -4.67 6.40 8.81
C GLY G 16 -4.22 6.58 10.25
N GLN G 17 -5.01 7.29 11.05
CA GLN G 17 -4.72 7.53 12.45
C GLN G 17 -5.92 7.06 13.26
N ARG G 18 -5.65 6.32 14.33
CA ARG G 18 -6.74 5.78 15.12
C ARG G 18 -7.39 6.89 15.93
N ALA G 19 -8.72 6.99 15.85
CA ALA G 19 -9.49 8.00 16.53
C ALA G 19 -10.25 7.36 17.67
N THR G 20 -10.04 7.86 18.89
CA THR G 20 -10.63 7.30 20.09
C THR G 20 -11.73 8.22 20.59
N ILE G 21 -12.93 7.68 20.73
CA ILE G 21 -14.07 8.39 21.28
C ILE G 21 -14.41 7.75 22.62
N SER G 22 -14.45 8.56 23.68
CA SER G 22 -14.67 8.05 25.03
C SER G 22 -16.08 8.38 25.48
N CYS G 23 -16.82 7.36 25.89
CA CYS G 23 -18.18 7.50 26.41
C CYS G 23 -18.17 7.11 27.88
N ARG G 24 -18.62 8.03 28.74
CA ARG G 24 -18.64 7.83 30.18
C ARG G 24 -20.08 7.76 30.67
N ALA G 25 -20.39 6.77 31.49
CA ALA G 25 -21.75 6.53 31.97
C ALA G 25 -21.83 6.86 33.45
N SER G 26 -22.95 7.47 33.86
CA SER G 26 -23.15 7.81 35.26
C SER G 26 -23.10 6.57 36.15
N LYS G 27 -23.68 5.46 35.70
CA LYS G 27 -23.72 4.22 36.44
C LYS G 27 -23.15 3.11 35.57
N SER G 28 -22.73 2.02 36.22
CA SER G 28 -22.10 0.92 35.51
C SER G 28 -23.08 0.28 34.54
N VAL G 29 -22.78 0.40 33.25
CA VAL G 29 -23.62 -0.19 32.21
C VAL G 29 -23.31 -1.67 31.99
N SER G 30 -22.20 -2.15 32.56
CA SER G 30 -21.81 -3.55 32.45
C SER G 30 -22.41 -4.34 33.60
N THR G 31 -22.91 -5.53 33.29
CA THR G 31 -23.50 -6.40 34.30
C THR G 31 -23.09 -7.85 34.05
N SER G 32 -22.59 -8.51 35.10
CA SER G 32 -22.28 -9.93 35.06
C SER G 32 -21.32 -10.29 33.94
N GLY G 33 -20.28 -9.46 33.76
CA GLY G 33 -19.28 -9.71 32.75
C GLY G 33 -19.64 -9.29 31.35
N TYR G 34 -20.84 -8.74 31.14
CA TYR G 34 -21.27 -8.23 29.86
C TYR G 34 -21.39 -6.72 29.95
N SER G 35 -20.95 -6.02 28.90
CA SER G 35 -21.04 -4.57 28.83
C SER G 35 -22.05 -4.24 27.74
N TYR G 36 -23.10 -3.49 28.11
CA TYR G 36 -24.25 -3.26 27.23
C TYR G 36 -24.10 -1.88 26.58
N MET G 37 -23.32 -1.83 25.51
CA MET G 37 -23.01 -0.58 24.85
C MET G 37 -23.27 -0.71 23.36
N GLN G 38 -23.59 0.41 22.72
CA GLN G 38 -23.81 0.41 21.29
C GLN G 38 -23.25 1.68 20.69
N TRP G 39 -22.71 1.57 19.48
CA TRP G 39 -22.19 2.71 18.74
C TRP G 39 -22.87 2.78 17.38
N TYR G 40 -23.10 4.00 16.92
CA TYR G 40 -23.87 4.24 15.71
C TYR G 40 -23.13 5.22 14.80
N GLN G 41 -23.31 5.02 13.50
CA GLN G 41 -22.75 5.87 12.46
C GLN G 41 -23.88 6.52 11.68
N GLN G 42 -24.00 7.84 11.78
CA GLN G 42 -25.10 8.58 11.16
C GLN G 42 -24.65 9.34 9.91
N LYS G 43 -25.05 8.84 8.75
CA LYS G 43 -24.73 9.48 7.48
C LYS G 43 -25.49 10.79 7.37
N PRO G 44 -25.06 11.72 6.52
CA PRO G 44 -25.81 12.97 6.40
C PRO G 44 -27.22 12.74 5.87
N GLY G 45 -28.21 13.14 6.66
CA GLY G 45 -29.59 13.01 6.22
C GLY G 45 -30.11 11.60 6.23
N GLN G 46 -29.47 10.70 6.98
CA GLN G 46 -29.88 9.31 7.05
C GLN G 46 -29.98 8.87 8.51
N PRO G 47 -30.78 7.84 8.79
CA PRO G 47 -30.87 7.33 10.17
C PRO G 47 -29.58 6.69 10.61
N PRO G 48 -29.35 6.58 11.92
CA PRO G 48 -28.08 6.03 12.39
C PRO G 48 -27.97 4.54 12.09
N LYS G 49 -26.78 4.12 11.68
CA LYS G 49 -26.48 2.73 11.42
C LYS G 49 -25.68 2.16 12.59
N LEU G 50 -26.18 1.07 13.16
CA LEU G 50 -25.52 0.44 14.29
C LEU G 50 -24.17 -0.10 13.86
N LEU G 51 -23.12 0.24 14.62
CA LEU G 51 -21.76 -0.22 14.34
C LEU G 51 -21.34 -1.36 15.25
N ILE G 52 -21.42 -1.15 16.56
CA ILE G 52 -20.94 -2.11 17.55
C ILE G 52 -22.03 -2.34 18.58
N TYR G 53 -22.29 -3.60 18.89
CA TYR G 53 -23.25 -3.97 19.92
C TYR G 53 -22.54 -4.68 21.06
N LEU G 54 -23.09 -4.56 22.27
CA LEU G 54 -22.45 -5.02 23.50
C LEU G 54 -21.13 -4.27 23.63
N ALA G 55 -20.01 -4.94 23.85
CA ALA G 55 -18.75 -4.24 24.00
C ALA G 55 -17.78 -4.47 22.85
N SER G 56 -17.53 -5.72 22.47
CA SER G 56 -16.57 -6.02 21.42
C SER G 56 -17.17 -6.66 20.18
N ASN G 57 -18.47 -6.51 19.95
CA ASN G 57 -19.10 -7.16 18.80
C ASN G 57 -19.42 -6.16 17.70
N LEU G 58 -18.98 -6.48 16.47
CA LEU G 58 -19.21 -5.64 15.31
C LEU G 58 -20.50 -6.09 14.64
N GLU G 59 -21.37 -5.13 14.33
CA GLU G 59 -22.61 -5.46 13.65
C GLU G 59 -22.32 -6.02 12.27
N SER G 60 -23.26 -6.82 11.74
CA SER G 60 -23.07 -7.45 10.45
C SER G 60 -22.83 -6.40 9.36
N GLY G 61 -21.87 -6.69 8.48
CA GLY G 61 -21.56 -5.80 7.39
C GLY G 61 -20.79 -4.56 7.77
N VAL G 62 -20.16 -4.54 8.94
CA VAL G 62 -19.37 -3.40 9.38
C VAL G 62 -17.89 -3.74 9.21
N PRO G 63 -17.09 -2.87 8.62
CA PRO G 63 -15.67 -3.18 8.42
C PRO G 63 -14.90 -3.29 9.73
N VAL G 64 -13.82 -4.07 9.68
CA VAL G 64 -12.96 -4.31 10.83
C VAL G 64 -12.34 -3.02 11.34
N ARG G 65 -12.29 -1.98 10.50
CA ARG G 65 -11.68 -0.71 10.90
C ARG G 65 -12.28 -0.22 12.21
N PHE G 66 -13.59 -0.38 12.37
CA PHE G 66 -14.32 0.02 13.57
C PHE G 66 -14.05 -0.95 14.72
N SER G 67 -13.67 -0.40 15.88
CA SER G 67 -13.43 -1.23 17.06
C SER G 67 -13.80 -0.44 18.31
N GLY G 68 -14.34 -1.15 19.31
CA GLY G 68 -14.65 -0.53 20.58
C GLY G 68 -14.25 -1.36 21.78
N SER G 69 -13.80 -0.70 22.85
CA SER G 69 -13.42 -1.37 24.08
C SER G 69 -13.83 -0.53 25.27
N GLY G 70 -14.20 -1.19 26.35
CA GLY G 70 -14.55 -0.49 27.57
C GLY G 70 -15.43 -1.32 28.48
N SER G 71 -15.43 -0.93 29.76
CA SER G 71 -16.31 -1.50 30.78
C SER G 71 -17.49 -0.57 30.98
N GLY G 72 -18.36 -0.93 31.93
CA GLY G 72 -19.61 -0.21 32.08
C GLY G 72 -19.43 1.28 32.28
N THR G 73 -18.49 1.67 33.14
CA THR G 73 -18.30 3.09 33.45
C THR G 73 -17.79 3.87 32.24
N ASP G 74 -16.80 3.32 31.51
CA ASP G 74 -16.20 4.04 30.40
C ASP G 74 -16.04 3.12 29.20
N PHE G 75 -16.30 3.66 28.01
CA PHE G 75 -16.18 2.96 26.74
C PHE G 75 -15.41 3.82 25.74
N THR G 76 -14.60 3.17 24.92
CA THR G 76 -13.85 3.83 23.86
C THR G 76 -14.14 3.18 22.53
N LEU G 77 -14.22 3.99 21.47
CA LEU G 77 -14.40 3.51 20.10
C LEU G 77 -13.18 3.91 19.30
N ASN G 78 -12.60 2.96 18.57
CA ASN G 78 -11.35 3.18 17.85
C ASN G 78 -11.46 2.75 16.39
N ILE G 79 -10.85 3.54 15.51
CA ILE G 79 -10.83 3.25 14.08
C ILE G 79 -9.45 3.61 13.54
N HIS G 80 -8.57 2.61 13.37
CA HIS G 80 -7.25 3.01 12.87
C HIS G 80 -7.30 3.34 11.38
N PRO G 81 -7.81 2.46 10.52
CA PRO G 81 -7.95 2.85 9.11
C PRO G 81 -9.21 3.69 8.93
N VAL G 82 -9.03 4.96 8.62
CA VAL G 82 -10.13 5.91 8.49
C VAL G 82 -10.12 6.40 7.05
N GLU G 83 -11.03 5.88 6.26
CA GLU G 83 -11.16 6.29 4.87
C GLU G 83 -12.19 7.42 4.79
N GLU G 84 -12.58 7.78 3.57
CA GLU G 84 -13.51 8.89 3.38
C GLU G 84 -14.92 8.53 3.85
N GLU G 85 -15.25 7.24 3.89
CA GLU G 85 -16.61 6.81 4.23
C GLU G 85 -17.01 7.26 5.63
N ASP G 86 -16.05 7.32 6.56
CA ASP G 86 -16.34 7.63 7.96
C ASP G 86 -16.24 9.14 8.21
N ALA G 87 -17.22 9.85 7.67
CA ALA G 87 -17.37 11.28 7.88
C ALA G 87 -18.59 11.57 8.75
N ALA G 88 -19.19 10.54 9.33
CA ALA G 88 -20.46 10.60 10.04
C ALA G 88 -20.30 10.97 11.51
N ILE G 89 -21.45 11.18 12.17
CA ILE G 89 -21.51 11.46 13.60
C ILE G 89 -21.66 10.13 14.30
N TYR G 90 -21.07 10.02 15.49
CA TYR G 90 -21.07 8.78 16.24
C TYR G 90 -21.71 9.00 17.60
N TYR G 91 -22.62 8.09 17.96
CA TYR G 91 -23.31 8.12 19.24
C TYR G 91 -23.04 6.82 19.99
N CYS G 92 -23.03 6.92 21.32
CA CYS G 92 -22.91 5.76 22.19
C CYS G 92 -24.22 5.55 22.93
N GLN G 93 -24.70 4.31 22.95
CA GLN G 93 -25.99 3.94 23.53
C GLN G 93 -25.83 2.76 24.46
N HIS G 94 -26.59 2.76 25.55
CA HIS G 94 -26.52 1.72 26.57
C HIS G 94 -27.82 0.90 26.60
N SER G 95 -27.67 -0.38 26.91
CA SER G 95 -28.78 -1.32 26.92
C SER G 95 -29.18 -1.78 28.32
N ARG G 96 -28.55 -1.23 29.36
CA ARG G 96 -28.78 -1.73 30.71
C ARG G 96 -30.15 -1.32 31.27
N GLU G 97 -30.41 -0.02 31.33
CA GLU G 97 -31.61 0.47 31.98
C GLU G 97 -32.84 0.32 31.10
N LEU G 98 -34.01 0.33 31.75
CA LEU G 98 -35.26 0.23 31.00
C LEU G 98 -35.45 1.36 29.99
N PRO G 99 -35.13 2.61 30.31
CA PRO G 99 -35.10 3.64 29.26
C PRO G 99 -33.68 3.83 28.74
N PRO G 100 -33.37 3.33 27.55
CA PRO G 100 -32.02 3.49 27.01
C PRO G 100 -31.75 4.93 26.58
N THR G 101 -30.55 5.41 26.88
CA THR G 101 -30.16 6.79 26.61
C THR G 101 -29.02 6.84 25.60
N PHE G 102 -29.23 7.58 24.53
CA PHE G 102 -28.21 7.83 23.51
C PHE G 102 -27.20 8.89 23.97
N GLY G 103 -25.98 8.76 23.47
CA GLY G 103 -24.96 9.73 23.76
C GLY G 103 -25.19 11.06 23.08
N ALA G 104 -24.43 12.06 23.52
CA ALA G 104 -24.49 13.39 22.92
C ALA G 104 -24.09 13.33 21.45
N GLY G 105 -22.99 12.66 21.15
CA GLY G 105 -22.49 12.56 19.80
C GLY G 105 -21.14 13.23 19.59
N THR G 106 -20.31 12.63 18.74
CA THR G 106 -19.02 13.18 18.36
C THR G 106 -19.00 13.36 16.85
N LYS G 107 -18.53 14.51 16.38
CA LYS G 107 -18.48 14.80 14.96
C LYS G 107 -17.06 14.51 14.49
N LEU G 108 -16.94 13.63 13.50
CA LEU G 108 -15.64 13.22 12.98
C LEU G 108 -15.40 13.88 11.64
N GLU G 109 -14.24 14.52 11.51
CA GLU G 109 -13.86 15.20 10.27
C GLU G 109 -12.53 14.63 9.79
N LEU G 110 -12.55 13.99 8.62
CA LEU G 110 -11.32 13.55 7.99
C LEU G 110 -10.66 14.77 7.36
N LYS G 111 -9.36 14.94 7.59
CA LYS G 111 -8.68 16.17 7.23
C LYS G 111 -8.05 16.09 5.85
N ALA G 112 -8.35 17.08 5.01
CA ALA G 112 -7.72 17.26 3.71
C ALA G 112 -7.70 18.75 3.43
N ASP G 113 -6.89 19.14 2.44
CA ASP G 113 -6.76 20.55 2.09
C ASP G 113 -6.75 20.71 0.57
N ALA G 114 -7.54 21.65 0.07
CA ALA G 114 -7.63 21.90 -1.36
C ALA G 114 -8.19 23.28 -1.60
N ALA G 115 -7.88 23.83 -2.78
CA ALA G 115 -8.30 25.16 -3.17
C ALA G 115 -9.79 25.16 -3.52
N PRO G 116 -10.45 26.32 -3.41
CA PRO G 116 -11.89 26.38 -3.71
C PRO G 116 -12.16 26.50 -5.20
N THR G 117 -13.44 26.34 -5.54
CA THR G 117 -13.92 26.45 -6.92
C THR G 117 -15.19 27.28 -6.90
N VAL G 118 -15.19 28.38 -7.66
CA VAL G 118 -16.30 29.34 -7.65
C VAL G 118 -17.07 29.26 -8.95
N SER G 119 -18.39 29.32 -8.86
CA SER G 119 -19.28 29.32 -10.01
C SER G 119 -20.43 30.30 -9.75
N ILE G 120 -20.72 31.15 -10.74
CA ILE G 120 -21.75 32.17 -10.63
C ILE G 120 -22.84 31.89 -11.65
N PHE G 121 -24.09 32.16 -11.27
CA PHE G 121 -25.23 31.90 -12.14
C PHE G 121 -26.21 33.09 -12.10
N PRO G 122 -26.69 33.52 -13.25
CA PRO G 122 -27.64 34.64 -13.30
C PRO G 122 -29.04 34.19 -12.92
N PRO G 123 -29.97 35.12 -12.68
CA PRO G 123 -31.34 34.73 -12.33
C PRO G 123 -32.06 34.11 -13.52
N SER G 124 -33.18 33.45 -13.21
CA SER G 124 -33.93 32.71 -14.22
C SER G 124 -34.87 33.62 -15.01
N SER G 125 -35.13 33.21 -16.26
CA SER G 125 -36.12 33.90 -17.07
C SER G 125 -37.53 33.57 -16.60
N GLU G 126 -37.77 32.32 -16.23
CA GLU G 126 -39.06 31.95 -15.65
C GLU G 126 -39.25 32.63 -14.31
N GLN G 127 -38.15 32.83 -13.56
CA GLN G 127 -38.23 33.62 -12.33
C GLN G 127 -38.47 35.09 -12.66
N LEU G 128 -37.92 35.57 -13.76
CA LEU G 128 -38.15 36.96 -14.18
C LEU G 128 -39.62 37.19 -14.47
N THR G 129 -40.30 36.19 -15.03
CA THR G 129 -41.74 36.30 -15.25
C THR G 129 -42.49 36.42 -13.94
N SER G 130 -42.01 35.77 -12.88
CA SER G 130 -42.67 35.84 -11.58
C SER G 130 -42.61 37.24 -10.97
N GLY G 131 -41.54 37.99 -11.22
CA GLY G 131 -41.41 39.32 -10.66
C GLY G 131 -40.32 39.49 -9.63
N GLY G 132 -39.57 38.43 -9.32
CA GLY G 132 -38.44 38.53 -8.40
C GLY G 132 -37.17 38.04 -9.06
N ALA G 133 -36.08 38.79 -8.84
CA ALA G 133 -34.76 38.44 -9.38
C ALA G 133 -33.88 37.94 -8.24
N SER G 134 -33.36 36.72 -8.39
CA SER G 134 -32.51 36.10 -7.40
C SER G 134 -31.29 35.49 -8.08
N VAL G 135 -30.10 35.82 -7.58
CA VAL G 135 -28.85 35.32 -8.14
C VAL G 135 -28.24 34.35 -7.14
N VAL G 136 -27.71 33.25 -7.67
CA VAL G 136 -27.14 32.18 -6.85
C VAL G 136 -25.69 31.96 -7.26
N CYS G 137 -24.80 31.96 -6.27
CA CYS G 137 -23.38 31.69 -6.46
C CYS G 137 -23.04 30.41 -5.74
N PHE G 138 -22.55 29.40 -6.47
CA PHE G 138 -22.28 28.08 -5.92
C PHE G 138 -20.77 27.81 -5.93
N LEU G 139 -20.23 27.50 -4.77
CA LEU G 139 -18.83 27.13 -4.59
C LEU G 139 -18.75 25.72 -4.04
N ASN G 140 -18.14 24.81 -4.80
CA ASN G 140 -18.06 23.41 -4.42
C ASN G 140 -16.62 23.01 -4.10
N ASN G 141 -16.47 22.08 -3.15
CA ASN G 141 -15.21 21.40 -2.85
C ASN G 141 -14.11 22.36 -2.36
N PHE G 142 -14.37 22.99 -1.21
CA PHE G 142 -13.38 23.86 -0.57
C PHE G 142 -13.07 23.39 0.84
N TYR G 143 -11.80 23.47 1.24
CA TYR G 143 -11.35 23.15 2.60
C TYR G 143 -10.25 24.14 3.04
N PRO G 144 -10.28 24.62 4.30
CA PRO G 144 -11.16 24.35 5.45
C PRO G 144 -12.61 24.78 5.27
N LYS G 145 -13.46 24.40 6.23
CA LYS G 145 -14.89 24.66 6.11
C LYS G 145 -15.23 26.14 6.16
N ASP G 146 -14.38 26.96 6.76
CA ASP G 146 -14.66 28.38 6.93
C ASP G 146 -14.32 29.13 5.66
N ILE G 147 -15.34 29.60 4.94
CA ILE G 147 -15.17 30.52 3.82
C ILE G 147 -16.31 31.53 3.89
N ASN G 148 -15.97 32.81 3.77
CA ASN G 148 -16.94 33.88 3.83
C ASN G 148 -17.13 34.49 2.45
N VAL G 149 -18.39 34.75 2.10
CA VAL G 149 -18.75 35.32 0.81
C VAL G 149 -19.50 36.62 1.07
N LYS G 150 -18.99 37.72 0.52
CA LYS G 150 -19.61 39.03 0.66
C LYS G 150 -20.12 39.49 -0.70
N TRP G 151 -21.40 39.84 -0.75
CA TRP G 151 -22.04 40.33 -1.97
C TRP G 151 -22.28 41.82 -1.84
N LYS G 152 -21.87 42.57 -2.87
CA LYS G 152 -22.03 44.02 -2.89
C LYS G 152 -22.80 44.43 -4.14
N ILE G 153 -23.83 45.25 -3.94
CA ILE G 153 -24.67 45.74 -5.02
C ILE G 153 -24.60 47.25 -5.11
N GLY G 161 -30.33 40.81 2.61
CA GLY G 161 -30.88 40.04 1.52
C GLY G 161 -29.95 38.98 0.96
N VAL G 162 -28.90 38.66 1.71
CA VAL G 162 -27.92 37.65 1.32
C VAL G 162 -28.04 36.46 2.26
N LEU G 163 -28.12 35.26 1.69
CA LEU G 163 -28.19 34.02 2.46
C LEU G 163 -27.17 33.03 1.94
N ASN G 164 -26.39 32.44 2.84
CA ASN G 164 -25.35 31.48 2.48
C ASN G 164 -25.56 30.17 3.24
N SER G 165 -25.32 29.05 2.56
CA SER G 165 -25.50 27.72 3.14
C SER G 165 -24.27 26.88 2.89
N TRP G 166 -23.98 25.96 3.82
CA TRP G 166 -22.84 25.06 3.72
C TRP G 166 -23.28 23.63 3.89
N THR G 167 -22.87 22.77 2.97
CA THR G 167 -23.14 21.35 3.07
C THR G 167 -22.18 20.68 4.05
N ASP G 168 -22.69 19.68 4.76
CA ASP G 168 -21.85 18.89 5.65
C ASP G 168 -20.67 18.29 4.88
N GLN G 169 -19.59 18.02 5.59
CA GLN G 169 -18.35 17.57 4.95
C GLN G 169 -18.61 16.39 4.03
N ASP G 170 -18.21 16.54 2.78
CA ASP G 170 -18.45 15.52 1.76
C ASP G 170 -17.85 14.18 2.19
N SER G 171 -18.52 13.10 1.79
CA SER G 171 -18.05 11.77 2.11
C SER G 171 -16.79 11.45 1.32
N LYS G 172 -16.92 11.30 -0.01
CA LYS G 172 -15.78 10.91 -0.82
C LYS G 172 -14.80 12.07 -0.99
N ASP G 173 -15.28 13.21 -1.46
CA ASP G 173 -14.39 14.34 -1.67
C ASP G 173 -13.74 14.81 -0.37
N SER G 174 -14.52 14.81 0.73
CA SER G 174 -14.05 15.27 2.04
C SER G 174 -13.72 16.75 2.03
N THR G 175 -14.41 17.48 1.16
CA THR G 175 -14.28 18.92 0.99
C THR G 175 -15.69 19.51 1.04
N TYR G 176 -15.87 20.53 1.86
CA TYR G 176 -17.19 21.12 2.01
C TYR G 176 -17.62 21.83 0.73
N SER G 177 -18.92 22.11 0.66
CA SER G 177 -19.51 22.88 -0.44
C SER G 177 -20.35 24.00 0.15
N MET G 178 -20.57 25.04 -0.65
CA MET G 178 -21.27 26.23 -0.20
C MET G 178 -22.28 26.70 -1.24
N SER G 179 -23.41 27.20 -0.77
CA SER G 179 -24.46 27.76 -1.61
C SER G 179 -24.84 29.14 -1.08
N SER G 180 -24.96 30.12 -1.99
CA SER G 180 -25.32 31.48 -1.63
C SER G 180 -26.47 31.96 -2.52
N THR G 181 -27.54 32.44 -1.89
CA THR G 181 -28.71 32.93 -2.61
C THR G 181 -29.14 34.27 -2.07
N LEU G 182 -29.51 35.18 -2.98
CA LEU G 182 -30.01 36.50 -2.63
C LEU G 182 -31.20 36.83 -3.52
N THR G 183 -32.23 37.44 -2.94
CA THR G 183 -33.48 37.71 -3.63
C THR G 183 -33.75 39.21 -3.68
N LEU G 184 -34.16 39.71 -4.86
CA LEU G 184 -34.45 41.12 -5.06
C LEU G 184 -35.66 41.27 -5.97
N THR G 185 -36.58 42.15 -5.58
CA THR G 185 -37.80 42.38 -6.35
C THR G 185 -37.50 43.04 -7.69
N LYS G 186 -38.30 42.69 -8.70
CA LYS G 186 -38.07 43.16 -10.08
C LYS G 186 -37.97 44.68 -10.15
N ASP G 187 -38.83 45.40 -9.44
CA ASP G 187 -38.82 46.85 -9.53
C ASP G 187 -37.49 47.43 -9.08
N GLU G 188 -36.90 46.86 -8.02
CA GLU G 188 -35.60 47.28 -7.54
C GLU G 188 -34.46 46.42 -8.07
N TYR G 189 -34.76 45.29 -8.70
CA TYR G 189 -33.70 44.43 -9.23
C TYR G 189 -32.96 45.11 -10.37
N GLU G 190 -33.69 45.71 -11.31
CA GLU G 190 -33.06 46.39 -12.42
C GLU G 190 -32.50 47.75 -12.03
N ARG G 191 -32.79 48.23 -10.82
CA ARG G 191 -32.24 49.50 -10.37
C ARG G 191 -30.73 49.43 -10.17
N HIS G 192 -30.19 48.25 -9.94
CA HIS G 192 -28.75 48.05 -9.76
C HIS G 192 -28.25 47.17 -10.90
N ASN G 193 -27.12 47.57 -11.50
CA ASN G 193 -26.52 46.94 -12.67
C ASN G 193 -25.26 46.12 -12.38
N SER G 194 -24.69 46.25 -11.17
CA SER G 194 -23.44 45.59 -10.82
C SER G 194 -23.71 44.38 -9.91
N TYR G 195 -23.09 43.25 -10.24
CA TYR G 195 -23.23 42.00 -9.49
C TYR G 195 -21.86 41.40 -9.27
N THR G 196 -21.52 41.12 -8.01
CA THR G 196 -20.22 40.56 -7.67
C THR G 196 -20.36 39.44 -6.65
N CYS G 197 -19.57 38.38 -6.85
CA CYS G 197 -19.41 37.28 -5.90
C CYS G 197 -17.96 37.25 -5.42
N GLU G 198 -17.76 37.21 -4.11
CA GLU G 198 -16.42 37.23 -3.53
C GLU G 198 -16.26 36.05 -2.59
N ALA G 199 -15.13 35.35 -2.69
CA ALA G 199 -14.85 34.17 -1.86
C ALA G 199 -13.39 34.20 -1.43
N THR G 200 -13.13 34.74 -0.24
CA THR G 200 -11.80 34.73 0.35
C THR G 200 -11.57 33.42 1.10
N HIS G 201 -10.39 32.84 0.92
CA HIS G 201 -10.07 31.55 1.49
C HIS G 201 -8.73 31.59 2.20
N LYS G 202 -8.45 30.54 2.97
CA LYS G 202 -7.18 30.43 3.68
C LYS G 202 -6.06 29.84 2.81
N THR G 203 -6.41 29.16 1.71
CA THR G 203 -5.39 28.61 0.82
C THR G 203 -4.64 29.73 0.11
N SER G 204 -5.36 30.74 -0.37
CA SER G 204 -4.76 31.89 -1.03
C SER G 204 -5.53 33.14 -0.61
N THR G 205 -4.80 34.19 -0.26
CA THR G 205 -5.44 35.41 0.22
C THR G 205 -6.29 36.06 -0.87
N SER G 206 -5.94 35.87 -2.13
CA SER G 206 -6.72 36.45 -3.21
C SER G 206 -8.02 35.66 -3.39
N PRO G 207 -9.14 36.34 -3.68
CA PRO G 207 -10.41 35.63 -3.84
C PRO G 207 -10.67 35.18 -5.27
N ILE G 208 -11.01 33.91 -5.45
CA ILE G 208 -11.40 33.39 -6.76
C ILE G 208 -12.88 33.74 -6.97
N VAL G 209 -13.15 34.60 -7.95
CA VAL G 209 -14.44 35.26 -8.08
C VAL G 209 -14.88 35.24 -9.54
N LYS G 210 -16.17 34.97 -9.77
CA LYS G 210 -16.77 35.06 -11.08
C LYS G 210 -18.02 35.94 -10.98
N SER G 211 -18.14 36.91 -11.89
CA SER G 211 -19.20 37.89 -11.84
C SER G 211 -19.89 38.02 -13.19
N PHE G 212 -21.18 38.34 -13.16
CA PHE G 212 -21.95 38.58 -14.37
C PHE G 212 -22.73 39.88 -14.27
N VAL H 2 53.64 -18.60 9.16
CA VAL H 2 54.91 -18.14 9.72
C VAL H 2 54.66 -17.29 10.96
N GLN H 3 54.89 -17.88 12.13
CA GLN H 3 54.60 -17.23 13.41
C GLN H 3 55.71 -17.51 14.41
N LEU H 4 55.87 -16.58 15.35
CA LEU H 4 56.85 -16.65 16.42
C LEU H 4 56.11 -16.50 17.75
N LYS H 5 56.51 -17.26 18.76
CA LYS H 5 55.80 -17.27 20.04
C LYS H 5 56.72 -16.87 21.18
N GLN H 6 56.21 -16.02 22.07
CA GLN H 6 56.95 -15.52 23.23
C GLN H 6 56.27 -15.90 24.53
N SER H 7 57.07 -16.38 25.49
CA SER H 7 56.60 -16.74 26.82
C SER H 7 57.41 -15.97 27.86
N GLY H 8 56.73 -15.42 28.88
CA GLY H 8 57.41 -14.66 29.90
C GLY H 8 56.51 -14.12 31.00
N PRO H 9 57.09 -13.90 32.18
CA PRO H 9 56.32 -13.33 33.30
C PRO H 9 55.76 -11.96 32.94
N GLY H 10 54.53 -11.71 33.39
CA GLY H 10 53.86 -10.45 33.11
C GLY H 10 54.36 -9.27 33.93
N LEU H 11 54.52 -9.46 35.24
CA LEU H 11 54.93 -8.38 36.13
C LEU H 11 56.25 -8.72 36.80
N VAL H 12 57.16 -7.74 36.84
CA VAL H 12 58.46 -7.88 37.47
C VAL H 12 58.61 -6.79 38.52
N GLN H 13 59.10 -7.18 39.70
CA GLN H 13 59.30 -6.24 40.80
C GLN H 13 60.45 -5.29 40.49
N PRO H 14 60.47 -4.11 41.11
CA PRO H 14 61.60 -3.19 40.91
C PRO H 14 62.92 -3.86 41.27
N SER H 15 63.94 -3.58 40.46
CA SER H 15 65.30 -4.13 40.59
C SER H 15 65.35 -5.62 40.33
N GLN H 16 64.36 -6.18 39.64
CA GLN H 16 64.36 -7.60 39.31
C GLN H 16 64.73 -7.80 37.84
N SER H 17 64.90 -9.06 37.44
CA SER H 17 65.32 -9.38 36.08
C SER H 17 64.12 -9.86 35.26
N LEU H 18 63.89 -9.19 34.12
CA LEU H 18 62.85 -9.58 33.18
C LEU H 18 63.47 -10.38 32.04
N SER H 19 63.08 -11.64 31.92
CA SER H 19 63.61 -12.53 30.88
C SER H 19 62.46 -13.10 30.07
N ILE H 20 62.51 -12.91 28.75
CA ILE H 20 61.49 -13.40 27.83
C ILE H 20 62.16 -14.26 26.77
N THR H 21 61.50 -15.36 26.39
CA THR H 21 61.99 -16.30 25.41
C THR H 21 61.06 -16.35 24.21
N CYS H 22 61.62 -16.24 23.01
CA CYS H 22 60.81 -16.28 21.81
C CYS H 22 61.08 -17.55 21.03
N THR H 23 60.00 -18.21 20.62
CA THR H 23 60.02 -19.46 19.86
C THR H 23 59.50 -19.15 18.47
N VAL H 24 60.22 -19.61 17.45
CA VAL H 24 59.94 -19.29 16.06
C VAL H 24 59.43 -20.52 15.34
N SER H 25 58.36 -20.35 14.56
CA SER H 25 57.79 -21.43 13.78
C SER H 25 57.81 -21.15 12.28
N GLY H 26 58.14 -19.93 11.86
CA GLY H 26 58.07 -19.57 10.47
C GLY H 26 59.40 -19.63 9.72
N PHE H 27 60.50 -19.51 10.45
CA PHE H 27 61.82 -19.48 9.85
C PHE H 27 62.84 -20.04 10.81
N SER H 28 63.84 -20.73 10.25
CA SER H 28 64.97 -21.20 11.05
C SER H 28 65.80 -20.02 11.52
N LEU H 29 65.96 -19.91 12.85
CA LEU H 29 66.65 -18.78 13.46
C LEU H 29 68.12 -18.71 13.10
N THR H 30 68.71 -19.79 12.60
CA THR H 30 70.11 -19.75 12.21
C THR H 30 70.37 -18.92 10.96
N ASN H 31 69.31 -18.54 10.23
CA ASN H 31 69.43 -17.72 9.03
C ASN H 31 68.88 -16.32 9.21
N TYR H 32 68.19 -16.04 10.30
CA TYR H 32 67.54 -14.77 10.55
C TYR H 32 68.08 -14.13 11.82
N ALA H 33 68.08 -12.81 11.86
CA ALA H 33 68.47 -12.06 13.06
C ALA H 33 67.23 -11.64 13.83
N ILE H 34 67.27 -11.89 15.14
CA ILE H 34 66.14 -11.60 16.04
C ILE H 34 66.48 -10.36 16.85
N HIS H 35 65.63 -9.35 16.75
CA HIS H 35 65.81 -8.08 17.45
C HIS H 35 64.87 -8.00 18.64
N TRP H 36 65.06 -6.94 19.44
CA TRP H 36 64.25 -6.71 20.63
C TRP H 36 63.93 -5.23 20.74
N VAL H 37 62.63 -4.90 20.84
CA VAL H 37 62.15 -3.53 20.93
C VAL H 37 61.13 -3.44 22.05
N ARG H 38 61.14 -2.32 22.79
CA ARG H 38 60.33 -2.12 23.97
C ARG H 38 59.42 -0.91 23.76
N GLN H 39 58.12 -1.09 23.97
CA GLN H 39 57.11 -0.05 23.71
C GLN H 39 56.57 0.47 25.03
N SER H 40 56.96 1.71 25.39
CA SER H 40 56.60 2.38 26.62
C SER H 40 55.72 3.60 26.35
N PRO H 41 54.71 3.85 27.20
CA PRO H 41 53.86 5.04 27.05
C PRO H 41 54.57 6.33 27.46
N GLY H 44 57.16 6.39 24.37
CA GLY H 44 57.84 6.25 23.10
C GLY H 44 58.30 4.84 22.82
N LEU H 45 58.94 4.65 21.66
CA LEU H 45 59.45 3.36 21.24
C LEU H 45 60.97 3.37 21.33
N GLU H 46 61.53 2.44 22.09
CA GLU H 46 62.96 2.35 22.32
C GLU H 46 63.50 1.03 21.79
N TRP H 47 64.55 1.11 20.97
CA TRP H 47 65.22 -0.06 20.42
C TRP H 47 66.40 -0.38 21.33
N LEU H 48 66.47 -1.62 21.82
CA LEU H 48 67.49 -2.01 22.79
C LEU H 48 68.61 -2.87 22.21
N GLY H 49 68.28 -3.93 21.48
CA GLY H 49 69.36 -4.81 21.04
C GLY H 49 68.97 -5.68 19.86
N VAL H 50 70.00 -6.26 19.26
CA VAL H 50 69.87 -7.14 18.10
C VAL H 50 70.87 -8.29 18.22
N ILE H 51 70.43 -9.50 17.88
CA ILE H 51 71.32 -10.66 17.73
C ILE H 51 71.52 -10.96 16.25
N TRP H 52 72.76 -10.90 15.81
CA TRP H 52 73.12 -11.28 14.46
C TRP H 52 73.20 -12.78 14.32
N SER H 53 72.99 -13.27 13.09
CA SER H 53 73.17 -14.69 12.81
C SER H 53 74.62 -15.09 13.06
N GLY H 54 74.80 -16.13 13.87
CA GLY H 54 76.12 -16.55 14.29
C GLY H 54 76.49 -16.18 15.71
N GLY H 55 75.53 -15.82 16.54
CA GLY H 55 75.80 -15.55 17.94
C GLY H 55 76.47 -14.23 18.25
N SER H 56 76.25 -13.21 17.45
CA SER H 56 76.79 -11.88 17.70
C SER H 56 75.68 -10.96 18.21
N THR H 57 76.00 -10.16 19.23
CA THR H 57 75.02 -9.29 19.87
C THR H 57 75.54 -7.85 19.87
N ASP H 58 74.66 -6.91 19.51
CA ASP H 58 74.95 -5.48 19.56
C ASP H 58 73.80 -4.80 20.28
N TYR H 59 74.12 -3.94 21.25
CA TYR H 59 73.12 -3.36 22.13
C TYR H 59 72.96 -1.86 21.88
N ASN H 60 71.86 -1.31 22.41
CA ASN H 60 71.63 0.13 22.35
C ASN H 60 72.72 0.87 23.11
N ALA H 61 73.16 2.00 22.56
CA ALA H 61 74.30 2.73 23.13
C ALA H 61 74.06 3.13 24.59
N ALA H 62 72.86 3.62 24.92
CA ALA H 62 72.57 4.08 26.26
C ALA H 62 72.01 3.00 27.17
N PHE H 63 71.82 1.77 26.65
CA PHE H 63 71.16 0.68 27.36
C PHE H 63 72.05 -0.56 27.46
N ILE H 64 73.36 -0.41 27.23
CA ILE H 64 74.25 -1.56 27.04
C ILE H 64 74.26 -2.47 28.27
N SER H 65 74.62 -1.93 29.43
CA SER H 65 74.96 -2.79 30.57
C SER H 65 73.80 -3.55 31.18
N ARG H 66 72.55 -3.30 30.77
CA ARG H 66 71.45 -4.01 31.39
C ARG H 66 70.81 -5.07 30.52
N LEU H 67 71.05 -5.07 29.21
CA LEU H 67 70.41 -6.02 28.33
C LEU H 67 71.43 -6.99 27.76
N SER H 68 71.06 -8.27 27.75
CA SER H 68 71.86 -9.34 27.17
C SER H 68 70.90 -10.28 26.47
N ILE H 69 71.31 -10.77 25.30
CA ILE H 69 70.45 -11.64 24.51
C ILE H 69 71.23 -12.90 24.16
N SER H 70 70.53 -14.03 24.12
CA SER H 70 71.08 -15.32 23.77
C SER H 70 70.15 -16.01 22.78
N LYS H 71 70.69 -17.02 22.08
CA LYS H 71 69.91 -17.73 21.07
C LYS H 71 70.20 -19.22 21.14
N ASP H 72 69.22 -20.00 20.71
CA ASP H 72 69.33 -21.45 20.60
C ASP H 72 68.98 -21.87 19.19
N ASN H 73 69.91 -22.52 18.51
CA ASN H 73 69.73 -22.88 17.11
C ASN H 73 69.04 -24.22 16.90
N PHE H 74 69.28 -25.20 17.77
CA PHE H 74 68.65 -26.50 17.58
C PHE H 74 67.16 -26.49 17.88
N LYS H 75 66.71 -25.63 18.79
CA LYS H 75 65.29 -25.53 19.11
C LYS H 75 64.62 -24.27 18.56
N SER H 76 65.38 -23.38 17.92
CA SER H 76 64.84 -22.14 17.36
C SER H 76 64.19 -21.29 18.45
N GLN H 77 64.98 -20.97 19.47
CA GLN H 77 64.53 -20.16 20.60
C GLN H 77 65.54 -19.06 20.86
N VAL H 78 65.05 -17.91 21.33
CA VAL H 78 65.88 -16.75 21.64
C VAL H 78 65.58 -16.24 23.05
N PHE H 79 66.63 -16.05 23.85
CA PHE H 79 66.49 -15.58 25.23
C PHE H 79 67.11 -14.20 25.39
N PHE H 80 66.33 -13.25 25.89
CA PHE H 80 66.79 -11.90 26.19
C PHE H 80 66.51 -11.65 27.67
N LYS H 81 67.46 -11.04 28.37
CA LYS H 81 67.34 -10.77 29.80
C LYS H 81 67.85 -9.37 30.14
N MET H 82 67.02 -8.60 30.84
CA MET H 82 67.37 -7.27 31.32
C MET H 82 67.41 -7.24 32.84
N ASN H 83 68.50 -6.70 33.38
CA ASN H 83 68.77 -6.59 34.80
C ASN H 83 68.46 -5.19 35.32
N SER H 84 68.32 -5.09 36.64
CA SER H 84 68.10 -3.84 37.36
C SER H 84 66.96 -3.01 36.77
N LEU H 85 65.77 -3.59 36.77
CA LEU H 85 64.60 -2.88 36.28
C LEU H 85 64.17 -1.83 37.29
N GLN H 86 63.77 -0.67 36.79
CA GLN H 86 63.39 0.48 37.61
C GLN H 86 62.00 0.94 37.21
N SER H 87 61.51 1.97 37.90
CA SER H 87 60.21 2.54 37.58
C SER H 87 60.20 3.17 36.19
N ASN H 88 61.36 3.61 35.70
CA ASN H 88 61.40 4.28 34.40
C ASN H 88 61.00 3.34 33.26
N ASP H 89 61.50 2.09 33.28
CA ASP H 89 61.25 1.13 32.20
C ASP H 89 60.12 0.18 32.57
N THR H 90 58.93 0.41 32.02
CA THR H 90 57.79 -0.50 32.16
C THR H 90 57.09 -0.51 30.81
N ALA H 91 57.15 -1.65 30.12
CA ALA H 91 56.73 -1.62 28.72
C ALA H 91 56.64 -3.02 28.12
N ILE H 92 55.86 -3.11 27.05
CA ILE H 92 55.73 -4.33 26.25
C ILE H 92 57.00 -4.57 25.45
N TYR H 93 57.53 -5.80 25.55
CA TYR H 93 58.74 -6.20 24.83
C TYR H 93 58.37 -7.07 23.63
N TYR H 94 59.03 -6.85 22.50
CA TYR H 94 58.71 -7.54 21.25
C TYR H 94 59.96 -8.21 20.66
N CYS H 95 59.77 -9.37 20.02
CA CYS H 95 60.81 -10.06 19.24
C CYS H 95 60.53 -9.84 17.76
N ALA H 96 61.53 -9.35 17.04
CA ALA H 96 61.37 -9.01 15.64
C ALA H 96 62.50 -9.63 14.83
N ARG H 97 62.20 -9.92 13.56
CA ARG H 97 63.11 -10.65 12.68
C ARG H 97 63.36 -9.90 11.38
N LYS H 98 64.59 -9.97 10.90
CA LYS H 98 64.94 -9.50 9.56
C LYS H 98 65.79 -10.58 8.91
N GLU H 99 65.52 -10.88 7.64
CA GLU H 99 66.28 -11.94 7.00
C GLU H 99 67.72 -11.48 6.79
N GLU H 100 68.64 -12.43 6.88
CA GLU H 100 70.07 -12.14 6.78
C GLU H 100 70.49 -12.46 5.35
N LEU H 101 70.32 -11.48 4.48
CA LEU H 101 70.68 -11.59 3.08
C LEU H 101 71.74 -10.55 2.75
N TYR H 102 72.49 -10.84 1.70
CA TYR H 102 73.51 -9.93 1.18
C TYR H 102 72.89 -8.67 0.59
N GLY H 103 71.57 -8.68 0.38
CA GLY H 103 70.90 -7.57 -0.28
C GLY H 103 71.09 -6.25 0.43
N TYR H 104 70.98 -5.17 -0.35
CA TYR H 104 71.20 -3.82 0.14
C TYR H 104 70.03 -3.23 0.91
N ASP H 105 68.98 -4.02 1.18
CA ASP H 105 67.86 -3.48 1.92
C ASP H 105 68.32 -3.31 3.36
N GLY H 106 68.02 -2.15 3.93
CA GLY H 106 68.51 -1.82 5.25
C GLY H 106 68.28 -2.88 6.31
N TYR H 107 69.37 -3.47 6.81
CA TYR H 107 69.24 -4.64 7.67
C TYR H 107 68.48 -4.33 8.97
N LEU H 108 68.42 -3.06 9.38
CA LEU H 108 67.65 -2.63 10.55
C LEU H 108 66.19 -2.28 10.21
N PHE H 109 65.43 -3.30 9.86
CA PHE H 109 63.97 -3.21 9.84
C PHE H 109 63.46 -4.59 10.21
N PHE H 110 62.18 -4.68 10.55
CA PHE H 110 61.63 -5.92 11.07
C PHE H 110 60.42 -6.41 10.27
N ASP H 111 60.56 -7.60 9.68
CA ASP H 111 59.49 -8.15 8.85
C ASP H 111 58.31 -8.65 9.69
N VAL H 112 58.58 -9.44 10.74
CA VAL H 112 57.54 -10.07 11.54
C VAL H 112 57.82 -9.94 13.04
N TRP H 113 56.74 -9.75 13.80
CA TRP H 113 56.83 -9.74 15.26
C TRP H 113 55.89 -10.85 15.67
N GLY H 114 56.43 -11.89 16.29
CA GLY H 114 55.62 -13.03 16.63
C GLY H 114 54.71 -12.84 17.83
N ALA H 115 55.31 -12.57 18.97
CA ALA H 115 54.57 -12.38 20.21
C ALA H 115 55.43 -11.55 21.14
N GLY H 116 54.77 -10.95 22.12
CA GLY H 116 55.47 -10.15 23.11
C GLY H 116 54.74 -10.20 24.43
N THR H 117 55.48 -9.94 25.50
CA THR H 117 54.93 -9.93 26.85
C THR H 117 54.97 -8.52 27.42
N THR H 118 53.87 -8.12 28.03
CA THR H 118 53.73 -6.81 28.66
C THR H 118 54.38 -6.86 30.04
N VAL H 119 55.31 -5.95 30.30
CA VAL H 119 56.11 -5.94 31.52
C VAL H 119 55.65 -4.77 32.40
N THR H 120 55.27 -5.09 33.64
CA THR H 120 54.86 -4.13 34.65
C THR H 120 55.85 -4.17 35.81
N VAL H 121 56.12 -2.99 36.39
CA VAL H 121 57.17 -2.88 37.39
C VAL H 121 56.66 -3.02 38.82
N SER H 122 55.42 -2.63 39.11
CA SER H 122 54.93 -2.76 40.48
C SER H 122 54.78 -4.23 40.86
N SER H 123 55.28 -4.56 42.07
CA SER H 123 55.16 -5.90 42.63
C SER H 123 53.81 -6.05 43.32
N ALA H 124 53.10 -7.14 43.02
CA ALA H 124 51.78 -7.39 43.59
C ALA H 124 51.37 -8.83 43.27
N LYS H 125 50.67 -9.45 44.21
CA LYS H 125 50.26 -10.84 44.05
C LYS H 125 49.22 -10.96 42.93
N THR H 126 49.12 -12.16 42.36
CA THR H 126 48.19 -12.41 41.28
C THR H 126 46.75 -12.46 41.80
N THR H 127 45.88 -11.63 41.23
CA THR H 127 44.47 -11.63 41.57
C THR H 127 43.63 -12.11 40.39
N ALA H 128 42.60 -12.94 40.68
CA ALA H 128 41.77 -13.47 39.60
C ALA H 128 40.50 -12.64 39.44
N PRO H 129 40.11 -12.31 38.22
CA PRO H 129 38.87 -11.55 38.02
C PRO H 129 37.65 -12.44 37.82
N SER H 130 36.73 -12.52 38.79
CA SER H 130 35.47 -13.18 38.51
C SER H 130 34.74 -12.42 37.42
N VAL H 131 34.37 -13.14 36.35
CA VAL H 131 33.65 -12.56 35.21
C VAL H 131 32.16 -12.68 35.46
N TYR H 132 31.45 -11.56 35.39
CA TYR H 132 30.02 -11.51 35.61
C TYR H 132 29.30 -11.16 34.31
N PRO H 133 28.41 -12.00 33.81
CA PRO H 133 27.68 -11.65 32.59
C PRO H 133 26.33 -11.00 32.86
N LEU H 134 26.18 -9.74 32.45
CA LEU H 134 24.89 -9.06 32.55
C LEU H 134 24.03 -9.42 31.34
N VAL H 135 22.75 -9.71 31.62
CA VAL H 135 21.79 -10.04 30.58
C VAL H 135 20.59 -9.10 30.72
N PRO H 136 20.03 -8.59 29.62
CA PRO H 136 18.96 -7.59 29.71
C PRO H 136 17.63 -8.20 30.15
N GLY H 149 26.39 -8.67 27.90
CA GLY H 149 27.72 -8.22 28.24
C GLY H 149 28.42 -9.06 29.29
N CYS H 150 29.72 -9.30 29.09
CA CYS H 150 30.55 -10.04 30.04
C CYS H 150 31.66 -9.11 30.52
N LEU H 151 31.75 -8.92 31.84
CA LEU H 151 32.66 -7.96 32.43
C LEU H 151 33.51 -8.60 33.52
N VAL H 152 34.79 -8.22 33.56
CA VAL H 152 35.74 -8.69 34.57
C VAL H 152 36.43 -7.48 35.18
N LYS H 153 36.55 -7.48 36.52
CA LYS H 153 37.18 -6.37 37.22
C LYS H 153 38.12 -6.89 38.29
N GLY H 154 39.22 -6.16 38.50
CA GLY H 154 40.14 -6.41 39.58
C GLY H 154 41.16 -7.54 39.50
N TYR H 155 41.86 -7.68 38.38
CA TYR H 155 42.86 -8.72 38.22
C TYR H 155 44.26 -8.14 38.15
N PHE H 156 45.18 -8.71 38.92
CA PHE H 156 46.61 -8.38 38.80
C PHE H 156 47.38 -9.64 38.39
N PRO H 157 48.41 -9.50 37.54
CA PRO H 157 48.72 -8.37 36.64
C PRO H 157 47.94 -8.44 35.33
N GLU H 158 47.85 -7.32 34.63
CA GLU H 158 47.22 -7.28 33.32
C GLU H 158 48.16 -7.98 32.32
N PRO H 159 47.63 -8.40 31.16
CA PRO H 159 46.23 -8.44 30.73
C PRO H 159 45.55 -9.80 30.92
N VAL H 160 44.25 -9.82 30.71
CA VAL H 160 43.44 -11.04 30.77
C VAL H 160 42.88 -11.28 29.38
N THR H 161 42.95 -12.52 28.91
CA THR H 161 42.51 -12.85 27.56
C THR H 161 41.05 -13.31 27.59
N LEU H 162 40.17 -12.47 27.08
CA LEU H 162 38.74 -12.74 26.95
C LEU H 162 38.40 -12.92 25.48
N THR H 163 37.70 -14.00 25.16
CA THR H 163 37.37 -14.34 23.77
C THR H 163 35.85 -14.31 23.62
N TRP H 164 35.34 -13.31 22.90
CA TRP H 164 33.91 -13.10 22.76
C TRP H 164 33.39 -13.88 21.55
N ASN H 165 32.45 -14.79 21.82
CA ASN H 165 31.83 -15.61 20.78
C ASN H 165 32.86 -16.42 20.00
N SER H 171 32.36 -8.95 13.59
CA SER H 171 31.45 -7.85 13.88
C SER H 171 30.69 -8.08 15.19
N GLY H 172 30.33 -6.98 15.85
CA GLY H 172 29.56 -7.04 17.07
C GLY H 172 30.25 -7.61 18.28
N VAL H 173 31.57 -7.53 18.35
CA VAL H 173 32.34 -7.95 19.52
C VAL H 173 33.20 -6.75 19.90
N HIS H 174 32.80 -6.04 20.96
CA HIS H 174 33.52 -4.86 21.42
C HIS H 174 34.15 -5.13 22.79
N THR H 175 35.45 -4.87 22.89
CA THR H 175 36.20 -5.04 24.13
C THR H 175 36.78 -3.70 24.58
N PHE H 176 36.61 -3.38 25.87
CA PHE H 176 37.07 -2.10 26.40
C PHE H 176 38.32 -2.28 27.25
N PRO H 177 39.28 -1.36 27.13
CA PRO H 177 40.54 -1.52 27.86
C PRO H 177 40.36 -1.44 29.37
N ALA H 178 41.38 -1.95 30.07
CA ALA H 178 41.36 -2.00 31.52
C ALA H 178 41.48 -0.61 32.12
N LEU H 179 40.87 -0.42 33.29
CA LEU H 179 41.01 0.81 34.05
C LEU H 179 41.59 0.46 35.42
N LEU H 180 42.69 1.12 35.78
CA LEU H 180 43.39 0.78 37.01
C LEU H 180 42.96 1.69 38.15
N GLN H 181 42.17 1.15 39.08
CA GLN H 181 41.88 1.84 40.33
C GLN H 181 42.35 0.92 41.45
N SER H 182 43.03 1.51 42.43
CA SER H 182 43.58 0.80 43.58
C SER H 182 44.19 -0.54 43.21
N GLY H 183 45.10 -0.54 42.24
CA GLY H 183 45.74 -1.80 41.91
C GLY H 183 44.87 -2.83 41.22
N LEU H 184 43.76 -2.42 40.58
CA LEU H 184 42.89 -3.40 39.94
C LEU H 184 42.43 -2.91 38.57
N TYR H 185 42.27 -3.85 37.64
CA TYR H 185 41.88 -3.56 36.26
C TYR H 185 40.48 -4.07 35.97
N THR H 186 39.72 -3.28 35.20
CA THR H 186 38.34 -3.58 34.84
C THR H 186 38.22 -3.81 33.33
N LEU H 187 37.63 -4.93 32.94
CA LEU H 187 37.47 -5.30 31.54
C LEU H 187 35.98 -5.47 31.23
N SER H 188 35.53 -4.87 30.12
CA SER H 188 34.15 -4.91 29.70
C SER H 188 34.03 -5.43 28.27
N SER H 189 32.99 -6.22 28.02
CA SER H 189 32.71 -6.76 26.70
C SER H 189 31.20 -6.65 26.45
N SER H 190 30.84 -6.34 25.20
CA SER H 190 29.44 -6.14 24.85
C SER H 190 29.15 -6.70 23.46
N VAL H 191 27.93 -7.20 23.30
CA VAL H 191 27.40 -7.63 22.02
C VAL H 191 26.06 -6.92 21.82
N THR H 192 25.80 -6.48 20.59
CA THR H 192 24.56 -5.76 20.28
C THR H 192 23.71 -6.55 19.29
N VAL H 193 22.43 -6.74 19.64
CA VAL H 193 21.46 -7.40 18.78
C VAL H 193 20.11 -6.72 18.96
N THR H 194 19.25 -6.85 17.96
CA THR H 194 17.90 -6.34 18.05
C THR H 194 17.10 -7.11 19.10
N SER H 195 16.12 -6.44 19.68
CA SER H 195 15.33 -7.05 20.76
C SER H 195 14.65 -8.34 20.29
N ASN H 196 14.23 -8.40 19.02
CA ASN H 196 13.64 -9.63 18.53
C ASN H 196 14.68 -10.73 18.41
N THR H 197 15.92 -10.37 18.08
CA THR H 197 17.00 -11.34 17.91
C THR H 197 17.59 -11.81 19.23
N TRP H 198 17.16 -11.22 20.36
CA TRP H 198 17.81 -11.50 21.64
C TRP H 198 17.67 -12.94 22.10
N PRO H 199 16.48 -13.55 22.13
CA PRO H 199 16.34 -14.91 22.65
C PRO H 199 16.87 -16.01 21.74
N SER H 200 17.41 -15.70 20.57
CA SER H 200 17.70 -16.74 19.59
C SER H 200 19.02 -17.45 19.84
N GLN H 201 20.13 -16.71 19.94
CA GLN H 201 21.43 -17.36 20.07
C GLN H 201 22.17 -16.94 21.34
N THR H 202 22.84 -17.92 21.96
CA THR H 202 23.61 -17.71 23.17
C THR H 202 25.08 -17.41 22.83
N ILE H 203 25.69 -16.54 23.63
CA ILE H 203 27.10 -16.15 23.49
C ILE H 203 27.81 -16.47 24.80
N THR H 204 28.95 -17.14 24.71
CA THR H 204 29.71 -17.56 25.88
C THR H 204 31.07 -16.88 25.91
N CYS H 205 31.41 -16.28 27.05
CA CYS H 205 32.66 -15.57 27.28
C CYS H 205 33.58 -16.40 28.16
N ASN H 206 34.83 -16.56 27.69
CA ASN H 206 35.87 -17.25 28.44
C ASN H 206 36.99 -16.26 28.71
N VAL H 207 37.47 -16.23 29.96
CA VAL H 207 38.46 -15.25 30.39
C VAL H 207 39.63 -16.02 30.99
N ALA H 208 40.73 -16.11 30.25
CA ALA H 208 41.93 -16.81 30.67
C ALA H 208 42.94 -15.83 31.26
N HIS H 209 43.46 -16.15 32.44
CA HIS H 209 44.49 -15.36 33.08
C HIS H 209 45.83 -16.07 32.91
N PRO H 210 46.89 -15.38 32.48
CA PRO H 210 48.17 -16.08 32.27
C PRO H 210 48.85 -16.48 33.57
N ALA H 211 48.54 -15.81 34.67
CA ALA H 211 49.12 -16.13 35.97
C ALA H 211 48.29 -17.17 36.73
N SER H 212 46.97 -17.19 36.53
CA SER H 212 46.09 -18.12 37.22
C SER H 212 45.60 -19.28 36.35
N SER H 213 45.68 -19.16 35.03
CA SER H 213 45.30 -20.22 34.09
C SER H 213 43.87 -20.72 34.31
N THR H 214 42.95 -19.83 34.64
CA THR H 214 41.57 -20.20 34.92
C THR H 214 40.67 -19.47 33.94
N LYS H 215 39.71 -20.23 33.39
CA LYS H 215 38.77 -19.72 32.39
C LYS H 215 37.36 -20.14 32.76
N VAL H 216 36.47 -19.16 32.94
CA VAL H 216 35.08 -19.36 33.31
C VAL H 216 34.20 -18.99 32.11
N ASP H 217 33.36 -19.93 31.70
CA ASP H 217 32.46 -19.75 30.55
C ASP H 217 30.99 -19.78 30.94
N LYS H 218 30.69 -19.70 32.21
CA LYS H 218 29.31 -19.82 32.67
C LYS H 218 28.50 -18.59 32.27
N LYS H 219 27.21 -18.81 31.98
CA LYS H 219 26.29 -17.74 31.62
C LYS H 219 25.00 -17.92 32.40
N ILE H 220 24.48 -16.81 32.94
CA ILE H 220 23.27 -16.84 33.75
C ILE H 220 22.04 -16.77 32.84
N GLU H 221 20.95 -17.35 33.34
CA GLU H 221 19.67 -17.42 32.60
C GLU H 221 19.81 -18.18 31.29
N GLN I 1 -36.89 -8.54 1.11
CA GLN I 1 -36.73 -7.10 1.25
C GLN I 1 -37.31 -6.60 2.57
N VAL I 2 -36.53 -5.80 3.29
CA VAL I 2 -36.94 -5.20 4.55
C VAL I 2 -37.15 -3.71 4.31
N GLN I 3 -38.36 -3.24 4.53
CA GLN I 3 -38.64 -1.83 4.33
C GLN I 3 -39.48 -1.33 5.49
N LEU I 4 -39.19 -0.09 5.91
CA LEU I 4 -39.95 0.57 6.95
C LEU I 4 -40.36 1.93 6.40
N LYS I 5 -41.65 2.22 6.46
CA LYS I 5 -42.19 3.46 5.93
C LYS I 5 -43.02 4.14 7.00
N GLN I 6 -42.89 5.46 7.10
CA GLN I 6 -43.65 6.23 8.07
C GLN I 6 -44.54 7.21 7.31
N SER I 7 -45.82 7.25 7.67
CA SER I 7 -46.77 8.17 7.08
C SER I 7 -47.38 9.00 8.19
N GLY I 8 -47.40 10.32 8.01
CA GLY I 8 -47.89 11.22 9.02
C GLY I 8 -47.77 12.66 8.55
N PRO I 9 -48.59 13.54 9.12
CA PRO I 9 -48.49 14.96 8.77
C PRO I 9 -47.08 15.49 9.04
N GLY I 10 -46.59 16.32 8.13
CA GLY I 10 -45.26 16.86 8.29
C GLY I 10 -45.19 17.92 9.37
N LEU I 11 -46.16 18.83 9.36
CA LEU I 11 -46.23 19.93 10.32
C LEU I 11 -47.51 19.80 11.13
N VAL I 12 -47.38 20.01 12.42
CA VAL I 12 -48.47 19.96 13.39
C VAL I 12 -48.54 21.29 14.12
N GLN I 13 -49.77 21.78 14.32
CA GLN I 13 -49.92 23.04 15.03
C GLN I 13 -49.56 22.84 16.51
N PRO I 14 -49.17 23.92 17.20
CA PRO I 14 -48.88 23.82 18.63
C PRO I 14 -50.05 23.22 19.39
N SER I 15 -49.71 22.36 20.37
CA SER I 15 -50.65 21.65 21.22
C SER I 15 -51.47 20.61 20.47
N GLN I 16 -51.01 20.16 19.30
CA GLN I 16 -51.69 19.14 18.53
C GLN I 16 -51.00 17.79 18.69
N SER I 17 -51.61 16.75 18.13
CA SER I 17 -51.15 15.38 18.24
C SER I 17 -50.43 14.94 16.97
N LEU I 18 -49.21 14.44 17.10
CA LEU I 18 -48.47 13.87 15.98
C LEU I 18 -48.64 12.35 16.01
N SER I 19 -49.26 11.83 14.97
CA SER I 19 -49.53 10.40 14.87
C SER I 19 -48.89 9.90 13.59
N ILE I 20 -48.01 8.91 13.72
CA ILE I 20 -47.27 8.34 12.61
C ILE I 20 -47.52 6.85 12.58
N THR I 21 -47.61 6.29 11.38
CA THR I 21 -47.82 4.87 11.18
C THR I 21 -46.57 4.28 10.52
N CYS I 22 -46.00 3.26 11.15
CA CYS I 22 -44.79 2.60 10.64
C CYS I 22 -45.18 1.20 10.19
N THR I 23 -44.90 0.90 8.92
CA THR I 23 -45.23 -0.37 8.30
C THR I 23 -43.94 -1.10 7.92
N VAL I 24 -43.86 -2.38 8.29
CA VAL I 24 -42.68 -3.19 8.05
C VAL I 24 -42.99 -4.21 6.97
N SER I 25 -42.06 -4.36 6.02
CA SER I 25 -42.18 -5.32 4.94
C SER I 25 -41.01 -6.30 5.05
N GLY I 26 -41.30 -7.59 4.84
CA GLY I 26 -40.29 -8.62 5.00
C GLY I 26 -40.05 -9.03 6.44
N PHE I 27 -40.30 -8.13 7.38
CA PHE I 27 -40.11 -8.45 8.79
C PHE I 27 -41.35 -9.16 9.31
N SER I 28 -41.15 -10.23 10.07
CA SER I 28 -42.27 -10.86 10.77
C SER I 28 -42.60 -10.00 11.99
N LEU I 29 -43.83 -9.48 12.04
CA LEU I 29 -44.19 -8.65 13.18
C LEU I 29 -44.30 -9.49 14.45
N THR I 30 -44.55 -10.79 14.32
CA THR I 30 -44.58 -11.69 15.47
C THR I 30 -43.18 -12.02 15.99
N ASN I 31 -42.13 -11.69 15.24
CA ASN I 31 -40.77 -11.99 15.62
C ASN I 31 -39.95 -10.77 15.98
N TYR I 32 -40.41 -9.56 15.69
CA TYR I 32 -39.63 -8.36 15.95
C TYR I 32 -40.40 -7.40 16.85
N ALA I 33 -39.66 -6.69 17.68
CA ALA I 33 -40.20 -5.62 18.51
C ALA I 33 -39.82 -4.28 17.89
N ILE I 34 -40.79 -3.38 17.76
CA ILE I 34 -40.59 -2.08 17.13
C ILE I 34 -40.55 -1.00 18.20
N HIS I 35 -39.46 -0.23 18.21
CA HIS I 35 -39.24 0.86 19.13
C HIS I 35 -39.47 2.20 18.45
N TRP I 36 -39.41 3.27 19.24
CA TRP I 36 -39.60 4.63 18.73
C TRP I 36 -38.57 5.55 19.38
N VAL I 37 -37.79 6.24 18.54
CA VAL I 37 -36.75 7.16 18.99
C VAL I 37 -36.86 8.45 18.20
N ARG I 38 -36.66 9.58 18.86
CA ARG I 38 -36.70 10.89 18.21
C ARG I 38 -35.35 11.60 18.34
N GLN I 39 -34.98 12.35 17.31
CA GLN I 39 -33.72 13.09 17.26
C GLN I 39 -34.01 14.57 17.43
N SER I 40 -33.62 15.13 18.57
CA SER I 40 -33.90 16.53 18.82
C SER I 40 -32.60 17.34 18.82
N PRO I 41 -32.61 18.54 18.25
CA PRO I 41 -31.40 19.38 18.28
C PRO I 41 -31.18 19.95 19.67
N GLY I 42 -29.96 19.76 20.18
CA GLY I 42 -29.60 20.17 21.52
C GLY I 42 -29.98 19.17 22.59
N LYS I 43 -31.05 18.41 22.38
CA LYS I 43 -31.47 17.38 23.33
C LYS I 43 -30.97 15.99 22.95
N GLY I 44 -30.67 15.74 21.68
CA GLY I 44 -30.10 14.48 21.25
C GLY I 44 -31.14 13.41 20.98
N LEU I 45 -30.64 12.24 20.58
CA LEU I 45 -31.50 11.10 20.32
C LEU I 45 -32.21 10.67 21.61
N GLU I 46 -33.54 10.63 21.57
CA GLU I 46 -34.38 10.31 22.72
C GLU I 46 -35.16 9.04 22.42
N TRP I 47 -35.10 8.08 23.33
CA TRP I 47 -35.85 6.85 23.21
C TRP I 47 -37.19 7.04 23.91
N LEU I 48 -38.29 6.85 23.17
CA LEU I 48 -39.61 7.12 23.73
C LEU I 48 -40.42 5.90 24.13
N GLY I 49 -40.56 4.93 23.24
CA GLY I 49 -41.40 3.80 23.54
C GLY I 49 -41.08 2.62 22.66
N VAL I 50 -41.57 1.47 23.09
CA VAL I 50 -41.38 0.21 22.39
C VAL I 50 -42.65 -0.62 22.47
N ILE I 51 -43.01 -1.25 21.36
CA ILE I 51 -43.99 -2.32 21.34
C ILE I 51 -43.24 -3.62 21.21
N TRP I 52 -43.37 -4.48 22.21
CA TRP I 52 -42.81 -5.82 22.11
C TRP I 52 -43.72 -6.66 21.23
N SER I 53 -43.15 -7.69 20.62
CA SER I 53 -44.00 -8.59 19.85
C SER I 53 -45.03 -9.22 20.77
N GLY I 54 -46.31 -9.07 20.42
CA GLY I 54 -47.38 -9.50 21.28
C GLY I 54 -48.12 -8.38 22.01
N GLY I 55 -47.76 -7.12 21.77
CA GLY I 55 -48.53 -5.99 22.24
C GLY I 55 -48.07 -5.35 23.54
N SER I 56 -47.09 -5.91 24.23
CA SER I 56 -46.63 -5.31 25.47
C SER I 56 -45.88 -4.01 25.17
N THR I 57 -46.17 -2.98 25.95
CA THR I 57 -45.61 -1.65 25.71
C THR I 57 -44.95 -1.10 26.95
N ASP I 58 -43.75 -0.54 26.78
CA ASP I 58 -43.05 0.20 27.82
C ASP I 58 -42.58 1.51 27.21
N TYR I 59 -42.86 2.62 27.88
CA TYR I 59 -42.57 3.95 27.34
C TYR I 59 -41.47 4.62 28.14
N ASN I 60 -40.96 5.72 27.58
CA ASN I 60 -39.98 6.54 28.27
C ASN I 60 -40.54 7.05 29.58
N ALA I 61 -39.71 7.04 30.61
CA ALA I 61 -40.16 7.46 31.94
C ALA I 61 -40.73 8.87 31.93
N ALA I 62 -40.10 9.77 31.17
CA ALA I 62 -40.47 11.17 31.13
C ALA I 62 -41.57 11.48 30.11
N PHE I 63 -42.08 10.47 29.39
CA PHE I 63 -43.05 10.70 28.34
C PHE I 63 -44.37 9.98 28.55
N ILE I 64 -44.59 9.39 29.73
CA ILE I 64 -45.82 8.65 29.99
C ILE I 64 -46.98 9.62 30.02
N SER I 65 -48.16 9.15 29.58
CA SER I 65 -49.41 9.90 29.47
C SER I 65 -49.41 10.93 28.32
N ARG I 66 -48.27 11.18 27.67
CA ARG I 66 -48.24 12.02 26.48
C ARG I 66 -48.01 11.19 25.24
N LEU I 67 -47.53 9.96 25.42
CA LEU I 67 -47.26 9.01 24.35
C LEU I 67 -48.11 7.77 24.53
N SER I 68 -48.65 7.27 23.42
CA SER I 68 -49.36 6.01 23.38
C SER I 68 -48.96 5.27 22.11
N ILE I 69 -48.76 3.95 22.20
CA ILE I 69 -48.33 3.18 21.05
C ILE I 69 -49.27 1.98 20.89
N SER I 70 -49.66 1.71 19.64
CA SER I 70 -50.49 0.56 19.32
C SER I 70 -50.01 -0.05 18.01
N LYS I 71 -50.33 -1.33 17.81
CA LYS I 71 -49.93 -2.01 16.58
C LYS I 71 -50.99 -3.02 16.17
N ASP I 72 -50.99 -3.34 14.86
CA ASP I 72 -51.80 -4.41 14.30
C ASP I 72 -50.85 -5.35 13.56
N ASN I 73 -50.85 -6.63 13.97
CA ASN I 73 -49.88 -7.58 13.44
C ASN I 73 -50.34 -8.20 12.11
N PHE I 74 -51.65 -8.38 11.93
CA PHE I 74 -52.14 -8.95 10.68
C PHE I 74 -51.95 -8.00 9.50
N LYS I 75 -51.88 -6.69 9.76
CA LYS I 75 -51.65 -5.71 8.71
C LYS I 75 -50.22 -5.20 8.68
N SER I 76 -49.38 -5.66 9.60
CA SER I 76 -47.97 -5.28 9.68
C SER I 76 -47.81 -3.76 9.80
N GLN I 77 -48.49 -3.19 10.79
CA GLN I 77 -48.46 -1.76 11.03
C GLN I 77 -48.26 -1.49 12.52
N VAL I 78 -47.59 -0.38 12.81
CA VAL I 78 -47.35 0.09 14.17
C VAL I 78 -47.81 1.54 14.21
N PHE I 79 -48.61 1.88 15.22
CA PHE I 79 -49.20 3.21 15.32
C PHE I 79 -48.56 3.96 16.47
N PHE I 80 -48.09 5.17 16.18
CA PHE I 80 -47.44 6.04 17.15
C PHE I 80 -48.31 7.27 17.31
N LYS I 81 -48.60 7.65 18.56
CA LYS I 81 -49.43 8.82 18.81
C LYS I 81 -48.91 9.58 20.03
N MET I 82 -48.69 10.88 19.88
CA MET I 82 -48.29 11.77 20.95
C MET I 82 -49.42 12.76 21.19
N ASN I 83 -49.69 13.08 22.45
CA ASN I 83 -50.91 13.84 22.77
C ASN I 83 -50.70 15.33 22.56
N SER I 84 -49.56 15.86 22.97
CA SER I 84 -49.31 17.27 22.85
C SER I 84 -47.91 17.55 22.33
N LEU I 85 -47.85 18.42 21.33
CA LEU I 85 -46.59 18.85 20.77
C LEU I 85 -46.36 20.31 21.10
N GLN I 86 -45.16 20.64 21.55
CA GLN I 86 -44.75 22.00 21.78
C GLN I 86 -43.43 22.20 21.04
N SER I 87 -43.03 23.47 20.91
CA SER I 87 -41.82 23.85 20.18
C SER I 87 -40.65 22.96 20.60
N ASN I 88 -40.72 22.46 21.83
CA ASN I 88 -39.72 21.56 22.37
C ASN I 88 -39.67 20.26 21.57
N ASP I 89 -40.81 19.80 21.06
CA ASP I 89 -40.92 18.51 20.41
C ASP I 89 -40.62 18.55 18.92
N THR I 90 -40.17 19.68 18.37
CA THR I 90 -39.75 19.72 16.98
C THR I 90 -38.56 18.81 16.78
N ALA I 91 -38.74 17.70 16.07
CA ALA I 91 -37.68 16.70 16.01
C ALA I 91 -38.01 15.65 14.95
N ILE I 92 -36.95 15.03 14.43
CA ILE I 92 -37.10 13.87 13.55
C ILE I 92 -37.46 12.64 14.39
N TYR I 93 -38.55 11.98 14.04
CA TYR I 93 -39.03 10.80 14.76
C TYR I 93 -38.72 9.53 13.96
N TYR I 94 -38.24 8.50 14.65
CA TYR I 94 -37.82 7.25 14.01
C TYR I 94 -38.51 6.05 14.64
N CYS I 95 -38.86 5.06 13.82
CA CYS I 95 -39.32 3.76 14.27
C CYS I 95 -38.26 2.73 13.95
N ALA I 96 -37.83 1.96 14.95
CA ALA I 96 -36.75 1.00 14.81
C ALA I 96 -37.21 -0.37 15.29
N ARG I 97 -36.62 -1.42 14.71
CA ARG I 97 -37.04 -2.81 14.97
C ARG I 97 -35.87 -3.64 15.47
N LYS I 98 -36.15 -4.52 16.42
CA LYS I 98 -35.20 -5.47 16.97
C LYS I 98 -35.80 -6.86 17.10
N GLU I 99 -34.97 -7.86 16.85
CA GLU I 99 -35.36 -9.27 16.85
C GLU I 99 -35.69 -9.76 18.27
N GLU I 100 -36.60 -10.74 18.34
CA GLU I 100 -37.03 -11.33 19.61
C GLU I 100 -36.49 -12.76 19.74
N LEU I 101 -35.29 -12.92 20.28
CA LEU I 101 -34.72 -14.25 20.48
C LEU I 101 -34.49 -14.52 21.96
N TYR I 102 -34.47 -15.81 22.33
CA TYR I 102 -34.15 -16.16 23.70
C TYR I 102 -32.71 -15.85 24.05
N GLY I 103 -31.86 -15.68 23.04
CA GLY I 103 -30.45 -15.46 23.30
C GLY I 103 -30.21 -14.16 24.04
N TYR I 104 -29.14 -14.14 24.85
CA TYR I 104 -28.75 -12.97 25.62
C TYR I 104 -28.05 -11.99 24.68
N ASP I 105 -28.84 -11.37 23.79
CA ASP I 105 -28.32 -10.47 22.77
C ASP I 105 -28.07 -9.05 23.32
N GLY I 106 -28.34 -8.83 24.61
CA GLY I 106 -28.36 -7.49 25.15
C GLY I 106 -29.34 -6.67 24.31
N TYR I 107 -30.61 -7.02 24.46
CA TYR I 107 -31.68 -6.67 23.53
C TYR I 107 -32.06 -5.19 23.40
N LEU I 108 -31.71 -4.30 24.35
CA LEU I 108 -32.14 -2.89 24.23
C LEU I 108 -31.21 -2.09 23.30
N PHE I 109 -31.27 -2.45 22.01
CA PHE I 109 -30.60 -1.72 20.92
C PHE I 109 -31.41 -1.95 19.65
N PHE I 110 -31.12 -1.16 18.62
CA PHE I 110 -31.87 -1.23 17.37
C PHE I 110 -30.96 -1.54 16.19
N ASP I 111 -31.17 -2.70 15.58
CA ASP I 111 -30.38 -3.13 14.43
C ASP I 111 -30.80 -2.36 13.18
N VAL I 112 -32.11 -2.19 12.97
CA VAL I 112 -32.63 -1.57 11.77
C VAL I 112 -33.50 -0.37 12.17
N TRP I 113 -33.39 0.70 11.40
CA TRP I 113 -34.05 1.97 11.64
C TRP I 113 -34.88 2.38 10.43
N GLY I 114 -36.03 2.99 10.70
CA GLY I 114 -36.84 3.50 9.62
C GLY I 114 -36.19 4.73 9.02
N ALA I 115 -36.86 5.30 8.02
CA ALA I 115 -36.30 6.45 7.33
C ALA I 115 -36.50 7.72 8.12
N GLY I 116 -37.54 7.76 8.94
CA GLY I 116 -37.91 8.82 9.85
C GLY I 116 -38.71 9.93 9.19
N THR I 117 -39.49 10.63 10.02
CA THR I 117 -40.29 11.76 9.58
C THR I 117 -39.79 13.04 10.24
N THR I 118 -39.63 14.09 9.45
CA THR I 118 -39.21 15.39 9.96
C THR I 118 -40.46 16.12 10.48
N VAL I 119 -40.48 16.42 11.78
CA VAL I 119 -41.63 17.05 12.43
C VAL I 119 -41.22 18.45 12.86
N THR I 120 -41.92 19.45 12.34
CA THR I 120 -41.76 20.83 12.77
C THR I 120 -43.08 21.34 13.34
N VAL I 121 -43.01 21.97 14.51
CA VAL I 121 -44.21 22.44 15.20
C VAL I 121 -44.31 23.96 14.98
N SER I 122 -44.77 24.37 13.80
CA SER I 122 -44.93 25.77 13.44
C SER I 122 -46.40 26.09 13.25
N SER I 123 -46.82 27.28 13.71
CA SER I 123 -48.21 27.66 13.53
C SER I 123 -48.49 28.11 12.10
N ALA I 124 -47.45 28.56 11.39
CA ALA I 124 -47.62 29.07 10.03
C ALA I 124 -48.15 28.00 9.08
N LYS I 125 -48.98 28.44 8.13
CA LYS I 125 -49.62 27.53 7.17
C LYS I 125 -48.59 26.96 6.20
N THR I 126 -48.98 25.88 5.52
CA THR I 126 -48.11 25.24 4.55
C THR I 126 -47.96 26.13 3.32
N THR I 127 -46.71 26.36 2.93
CA THR I 127 -46.39 27.19 1.77
C THR I 127 -45.88 26.31 0.64
N ALA I 128 -46.22 26.72 -0.61
CA ALA I 128 -45.92 25.90 -1.78
C ALA I 128 -44.54 26.24 -2.34
N PRO I 129 -43.79 25.22 -2.75
CA PRO I 129 -42.43 25.48 -3.26
C PRO I 129 -42.46 25.96 -4.71
N SER I 130 -41.52 26.85 -5.02
CA SER I 130 -41.37 27.36 -6.39
C SER I 130 -40.01 26.96 -6.95
N SER I 144 -14.11 22.68 -19.61
CA SER I 144 -14.32 21.21 -19.76
C SER I 144 -15.56 20.79 -18.96
N SER I 145 -16.17 21.71 -18.25
CA SER I 145 -17.33 21.36 -17.42
C SER I 145 -18.24 22.57 -17.18
N VAL I 146 -19.46 22.32 -16.72
CA VAL I 146 -20.53 23.32 -16.73
C VAL I 146 -21.58 22.95 -15.69
N THR I 147 -22.11 23.96 -15.01
CA THR I 147 -22.85 23.83 -13.77
C THR I 147 -24.14 24.63 -13.80
N LEU I 148 -25.29 23.94 -13.62
CA LEU I 148 -26.60 24.54 -13.46
C LEU I 148 -27.19 24.22 -12.08
N GLY I 149 -27.86 25.19 -11.47
CA GLY I 149 -28.38 25.06 -10.11
C GLY I 149 -29.89 24.90 -10.08
N CYS I 150 -30.36 24.04 -9.17
CA CYS I 150 -31.78 23.78 -8.97
C CYS I 150 -32.16 24.26 -7.58
N LEU I 151 -33.09 25.21 -7.50
CA LEU I 151 -33.46 25.83 -6.23
C LEU I 151 -34.97 25.83 -6.05
N VAL I 152 -35.41 25.59 -4.82
CA VAL I 152 -36.81 25.65 -4.43
C VAL I 152 -36.90 26.57 -3.22
N LYS I 153 -37.87 27.48 -3.23
CA LYS I 153 -38.01 28.45 -2.16
C LYS I 153 -39.44 28.53 -1.67
N GLY I 154 -39.58 28.77 -0.37
CA GLY I 154 -40.88 28.96 0.25
C GLY I 154 -41.67 27.68 0.46
N TYR I 155 -41.02 26.62 0.94
CA TYR I 155 -41.68 25.35 1.18
C TYR I 155 -41.75 25.06 2.68
N PHE I 156 -42.90 25.33 3.29
CA PHE I 156 -43.10 24.85 4.66
C PHE I 156 -44.22 23.80 4.65
N PRO I 157 -44.05 22.73 5.45
CA PRO I 157 -42.87 22.37 6.22
C PRO I 157 -41.80 21.64 5.38
N GLU I 158 -40.71 21.28 6.05
CA GLU I 158 -39.61 20.51 5.48
C GLU I 158 -40.10 19.07 5.26
N PRO I 159 -39.37 18.27 4.46
CA PRO I 159 -38.30 18.40 3.48
C PRO I 159 -38.76 18.36 2.02
N VAL I 160 -37.86 18.64 1.08
CA VAL I 160 -38.14 18.51 -0.35
C VAL I 160 -37.20 17.44 -0.88
N THR I 161 -37.77 16.43 -1.56
CA THR I 161 -37.00 15.33 -2.14
C THR I 161 -36.77 15.59 -3.62
N LEU I 162 -35.51 15.79 -4.00
CA LEU I 162 -35.14 16.04 -5.38
C LEU I 162 -34.48 14.82 -6.01
N THR I 163 -35.02 14.38 -7.15
CA THR I 163 -34.50 13.23 -7.90
C THR I 163 -34.13 13.74 -9.28
N TRP I 164 -32.83 13.85 -9.55
CA TRP I 164 -32.33 14.44 -10.77
C TRP I 164 -32.12 13.40 -11.86
N ASN I 165 -32.77 13.59 -13.00
CA ASN I 165 -32.72 12.65 -14.12
C ASN I 165 -33.20 11.28 -13.68
N SER I 166 -34.21 11.27 -12.81
CA SER I 166 -34.76 10.05 -12.22
C SER I 166 -33.70 9.26 -11.48
N GLY I 167 -32.77 9.95 -10.84
CA GLY I 167 -31.69 9.29 -10.12
C GLY I 167 -30.71 8.56 -10.99
N SER I 168 -30.48 9.04 -12.22
CA SER I 168 -29.60 8.34 -13.14
C SER I 168 -28.16 8.35 -12.65
N LEU I 169 -27.68 9.49 -12.20
CA LEU I 169 -26.31 9.66 -11.76
C LEU I 169 -26.29 9.93 -10.25
N SER I 170 -25.47 9.16 -9.53
CA SER I 170 -25.27 9.37 -8.10
C SER I 170 -24.01 10.17 -7.79
N SER I 171 -22.99 10.08 -8.65
CA SER I 171 -21.79 10.88 -8.48
C SER I 171 -22.01 12.29 -9.03
N GLY I 172 -21.28 13.25 -8.45
CA GLY I 172 -21.37 14.62 -8.94
C GLY I 172 -22.69 15.30 -8.66
N VAL I 173 -23.39 14.93 -7.60
CA VAL I 173 -24.66 15.53 -7.23
C VAL I 173 -24.51 16.06 -5.82
N HIS I 174 -24.47 17.39 -5.69
CA HIS I 174 -24.29 18.07 -4.41
C HIS I 174 -25.59 18.74 -3.99
N THR I 175 -26.02 18.48 -2.76
CA THR I 175 -27.23 19.07 -2.20
C THR I 175 -26.86 19.94 -1.00
N PHE I 176 -27.41 21.16 -0.96
CA PHE I 176 -27.09 22.09 0.11
C PHE I 176 -28.26 22.21 1.08
N PRO I 177 -27.99 22.28 2.38
CA PRO I 177 -29.08 22.28 3.37
C PRO I 177 -29.96 23.51 3.27
N ALA I 178 -31.15 23.37 3.84
CA ALA I 178 -32.15 24.42 3.81
C ALA I 178 -31.77 25.60 4.70
N LEU I 179 -32.20 26.79 4.29
CA LEU I 179 -32.06 28.02 5.06
C LEU I 179 -33.45 28.60 5.25
N LEU I 180 -33.79 28.98 6.48
CA LEU I 180 -35.14 29.42 6.81
C LEU I 180 -35.27 30.92 6.68
N GLN I 181 -36.08 31.36 5.71
CA GLN I 181 -36.43 32.75 5.56
C GLN I 181 -37.67 33.07 6.38
N SER I 182 -38.05 34.34 6.41
CA SER I 182 -39.25 34.74 7.13
C SER I 182 -40.45 34.20 6.37
N GLY I 183 -41.03 33.11 6.88
CA GLY I 183 -42.18 32.43 6.30
C GLY I 183 -41.89 31.64 5.04
N LEU I 184 -40.62 31.37 4.75
CA LEU I 184 -40.20 30.62 3.59
C LEU I 184 -38.97 29.79 3.92
N TYR I 185 -38.85 28.65 3.24
CA TYR I 185 -37.69 27.78 3.38
C TYR I 185 -36.89 27.89 2.08
N THR I 186 -35.57 27.99 2.20
CA THR I 186 -34.71 28.16 1.03
C THR I 186 -33.76 26.98 0.88
N LEU I 187 -33.84 26.31 -0.27
CA LEU I 187 -32.95 25.20 -0.60
C LEU I 187 -32.31 25.49 -1.95
N SER I 188 -30.99 25.32 -2.03
CA SER I 188 -30.27 25.51 -3.27
C SER I 188 -29.48 24.25 -3.54
N SER I 189 -29.49 23.80 -4.80
CA SER I 189 -28.73 22.61 -5.17
C SER I 189 -28.13 22.80 -6.56
N SER I 190 -26.92 22.27 -6.74
CA SER I 190 -26.18 22.45 -7.98
C SER I 190 -25.44 21.17 -8.36
N VAL I 191 -25.27 20.98 -9.67
CA VAL I 191 -24.51 19.87 -10.23
C VAL I 191 -23.44 20.42 -11.16
N THR I 192 -22.26 19.80 -11.10
CA THR I 192 -21.15 20.10 -11.99
C THR I 192 -20.92 18.87 -12.85
N VAL I 193 -20.90 19.06 -14.17
CA VAL I 193 -20.68 18.00 -15.15
C VAL I 193 -19.81 18.54 -16.28
N THR I 194 -19.14 17.63 -16.99
CA THR I 194 -18.23 18.04 -18.05
C THR I 194 -18.99 18.80 -19.15
N SER I 195 -18.33 19.81 -19.76
CA SER I 195 -19.00 20.65 -20.76
C SER I 195 -19.39 19.84 -21.97
N ASN I 196 -18.56 18.86 -22.32
CA ASN I 196 -18.85 18.05 -23.49
C ASN I 196 -20.09 17.19 -23.26
N THR I 197 -20.31 16.77 -22.01
CA THR I 197 -21.41 15.87 -21.74
C THR I 197 -22.76 16.59 -21.74
N TRP I 198 -22.81 17.83 -21.26
CA TRP I 198 -24.08 18.53 -21.12
C TRP I 198 -24.86 18.67 -22.42
N PRO I 199 -24.27 19.07 -23.55
CA PRO I 199 -25.05 19.21 -24.79
C PRO I 199 -25.58 17.91 -25.36
N SER I 200 -25.24 16.76 -24.79
CA SER I 200 -25.65 15.49 -25.38
C SER I 200 -27.05 15.09 -24.94
N GLN I 201 -27.28 15.07 -23.63
CA GLN I 201 -28.55 14.64 -23.06
C GLN I 201 -29.14 15.77 -22.22
N THR I 202 -30.47 15.86 -22.23
CA THR I 202 -31.14 16.89 -21.46
C THR I 202 -31.27 16.42 -20.02
N ILE I 203 -31.16 17.37 -19.09
CA ILE I 203 -31.19 17.09 -17.67
C ILE I 203 -32.39 17.80 -17.06
N THR I 204 -33.20 17.06 -16.32
CA THR I 204 -34.42 17.58 -15.70
C THR I 204 -34.30 17.42 -14.19
N CYS I 205 -34.57 18.51 -13.47
CA CYS I 205 -34.50 18.51 -12.02
C CYS I 205 -35.94 18.45 -11.49
N ASN I 206 -36.24 17.43 -10.70
CA ASN I 206 -37.55 17.27 -10.08
C ASN I 206 -37.37 17.26 -8.57
N VAL I 207 -38.18 18.04 -7.87
CA VAL I 207 -38.10 18.20 -6.42
C VAL I 207 -39.50 17.96 -5.87
N ALA I 208 -39.69 16.82 -5.22
CA ALA I 208 -41.00 16.44 -4.69
C ALA I 208 -41.14 16.87 -3.23
N HIS I 209 -42.23 17.57 -2.94
CA HIS I 209 -42.65 18.04 -1.63
C HIS I 209 -43.79 17.18 -1.12
N PRO I 210 -43.75 16.72 0.14
CA PRO I 210 -44.79 15.80 0.61
C PRO I 210 -46.14 16.46 0.84
N ALA I 211 -46.19 17.77 1.06
CA ALA I 211 -47.50 18.40 1.28
C ALA I 211 -48.15 18.84 -0.02
N SER I 212 -47.36 19.34 -0.97
CA SER I 212 -47.84 19.73 -2.30
C SER I 212 -47.26 18.75 -3.31
N SER I 213 -48.12 17.92 -3.90
CA SER I 213 -47.65 17.00 -4.95
C SER I 213 -47.22 17.79 -6.16
N THR I 214 -45.90 17.86 -6.42
CA THR I 214 -45.43 18.66 -7.54
C THR I 214 -44.06 18.18 -7.99
N LYS I 215 -43.90 18.08 -9.31
CA LYS I 215 -42.60 17.80 -9.92
C LYS I 215 -42.47 18.78 -11.10
N VAL I 216 -41.56 19.74 -10.98
CA VAL I 216 -41.37 20.75 -12.02
C VAL I 216 -39.98 20.57 -12.60
N ASP I 217 -39.91 20.32 -13.90
CA ASP I 217 -38.65 20.12 -14.62
C ASP I 217 -38.54 21.21 -15.70
N LYS I 218 -37.82 22.28 -15.40
CA LYS I 218 -37.66 23.37 -16.37
C LYS I 218 -36.28 23.37 -17.01
#